data_3K9W
# 
_entry.id   3K9W 
# 
_audit_conform.dict_name       mmcif_pdbx.dic 
_audit_conform.dict_version    5.378 
_audit_conform.dict_location   http://mmcif.pdb.org/dictionaries/ascii/mmcif_pdbx.dic 
# 
loop_
_database_2.database_id 
_database_2.database_code 
_database_2.pdbx_database_accession 
_database_2.pdbx_DOI 
PDB   3K9W         pdb_00003k9w 10.2210/pdb3k9w/pdb 
RCSB  RCSB055729   ?            ?                   
WWPDB D_1000055729 ?            ?                   
# 
loop_
_pdbx_database_related.db_name 
_pdbx_database_related.db_id 
_pdbx_database_related.details 
_pdbx_database_related.content_type 
PDB      3ikz          'structure at neutral pH with dephospho-CoA' unspecified 
TargetDB BupsA.00142.a .                                            unspecified 
# 
_pdbx_database_status.entry_id                        3K9W 
_pdbx_database_status.deposit_site                    RCSB 
_pdbx_database_status.process_site                    RCSB 
_pdbx_database_status.recvd_initial_deposition_date   2009-10-16 
_pdbx_database_status.status_code                     REL 
_pdbx_database_status.status_code_sf                  REL 
_pdbx_database_status.status_code_mr                  ? 
_pdbx_database_status.SG_entry                        Y 
_pdbx_database_status.status_code_cs                  ? 
_pdbx_database_status.pdb_format_compatible           Y 
_pdbx_database_status.methods_development_category    ? 
_pdbx_database_status.status_code_nmr_data            ? 
# 
_audit_author.name           'Seattle Structural Genomics Center for Infectious Disease (SSGCID)' 
_audit_author.pdbx_ordinal   1 
# 
loop_
_citation.id 
_citation.title 
_citation.journal_abbrev 
_citation.journal_volume 
_citation.page_first 
_citation.page_last 
_citation.year 
_citation.journal_id_ASTM 
_citation.country 
_citation.journal_id_ISSN 
_citation.journal_id_CSD 
_citation.book_publisher 
_citation.pdbx_database_id_PubMed 
_citation.pdbx_database_id_DOI 
primary 'Structures of phosphopantetheine adenylyltransferase from Burkholderia pseudomallei.'         'Acta Crystallogr.,Sect.F' 
67 1032   1037   2011 ? DK 1744-3091 ? ? 21904046 10.1107/S1744309111004349    
1       'Combining functional and structural genomics to sample the essential Burkholderia structome.' 'Plos One'                 
8  e53851 e53851 2013 ? US 1932-6203 ? ? 23382856 10.1371/journal.pone.0053851 
# 
loop_
_citation_author.citation_id 
_citation_author.name 
_citation_author.ordinal 
_citation_author.identifier_ORCID 
primary 'Edwards, T.E.'       1  ? 
primary 'Leibly, D.J.'        2  ? 
primary 'Bhandari, J.'        3  ? 
primary 'Statnekov, J.B.'     4  ? 
primary 'Phan, I.'            5  ? 
primary 'Dieterich, S.H.'     6  ? 
primary 'Abendroth, J.'       7  ? 
primary 'Staker, B.L.'        8  ? 
primary 'Van Voorhis, W.C.'   9  ? 
primary 'Myler, P.J.'         10 ? 
primary 'Stewart, L.J.'       11 ? 
1       'Baugh, L.'           12 ? 
1       'Gallagher, L.A.'     13 ? 
1       'Patrapuvich, R.'     14 ? 
1       'Clifton, M.C.'       15 ? 
1       'Gardberg, A.S.'      16 ? 
1       'Edwards, T.E.'       17 ? 
1       'Armour, B.'          18 ? 
1       'Begley, D.W.'        19 ? 
1       'Dieterich, S.H.'     20 ? 
1       'Dranow, D.M.'        21 ? 
1       'Abendroth, J.'       22 ? 
1       'Fairman, J.W.'       23 ? 
1       'Fox, D.'             24 ? 
1       'Staker, B.L.'        25 ? 
1       'Phan, I.'            26 ? 
1       'Gillespie, A.'       27 ? 
1       'Choi, R.'            28 ? 
1       'Nakazawa-Hewitt, S.' 29 ? 
1       'Nguyen, M.T.'        30 ? 
1       'Napuli, A.'          31 ? 
1       'Barrett, L.'         32 ? 
1       'Buchko, G.W.'        33 ? 
1       'Stacy, R.'           34 ? 
1       'Myler, P.J.'         35 ? 
1       'Stewart, L.J.'       36 ? 
1       'Manoil, C.'          37 ? 
1       'Van Voorhis, W.C.'   38 ? 
# 
_cell.entry_id           3K9W 
_cell.length_a           134.431 
_cell.length_b           134.431 
_cell.length_c           134.431 
_cell.angle_alpha        90.00 
_cell.angle_beta         90.00 
_cell.angle_gamma        90.00 
_cell.Z_PDB              48 
_cell.pdbx_unique_axis   ? 
_cell.length_a_esd       ? 
_cell.length_b_esd       ? 
_cell.length_c_esd       ? 
_cell.angle_alpha_esd    ? 
_cell.angle_beta_esd     ? 
_cell.angle_gamma_esd    ? 
# 
_symmetry.entry_id                         3K9W 
_symmetry.space_group_name_H-M             'I 4 3 2' 
_symmetry.pdbx_full_space_group_name_H-M   ? 
_symmetry.cell_setting                     ? 
_symmetry.Int_Tables_number                211 
_symmetry.space_group_name_Hall            ? 
# 
loop_
_entity.id 
_entity.type 
_entity.src_method 
_entity.pdbx_description 
_entity.formula_weight 
_entity.pdbx_number_of_molecules 
_entity.pdbx_ec 
_entity.pdbx_mutation 
_entity.pdbx_fragment 
_entity.details 
1 polymer     man 'Phosphopantetheine adenylyltransferase' 20840.877 1   2.7.7.3 ? ? ? 
2 non-polymer syn 
;4'-diphospho pantetheine
;
438.328   1   ?       ? ? ? 
3 non-polymer syn ADENINE                                  135.127   1   ?       ? ? ? 
4 non-polymer syn 'TETRAETHYLENE GLYCOL'                   194.226   1   ?       ? ? ? 
5 non-polymer syn 'ACETATE ION'                            59.044    1   ?       ? ? ? 
6 non-polymer syn 'SULFATE ION'                            96.063    1   ?       ? ? ? 
7 water       nat water                                    18.015    137 ?       ? ? ? 
# 
_entity_name_com.entity_id   1 
_entity_name_com.name        'Pantetheine-phosphate adenylyltransferase, PPAT, Dephospho-CoA pyrophosphorylase' 
# 
_entity_poly.entity_id                      1 
_entity_poly.type                           'polypeptide(L)' 
_entity_poly.nstd_linkage                   no 
_entity_poly.nstd_monomer                   no 
_entity_poly.pdbx_seq_one_letter_code       
;MAHHHHHHMGTLEAQTQGPGSMVVAVYPGTFDPLTRGHEDLVRRASSIFDTLVVGVADSRAKKPFFSLEERLKIANEVLG
HYPNVKVMGFTGLLKDFVRANDARVIVRGLRAVSDFEYEFQMAGMNRYLLPDVETMFMTPSDQYQFISGTIVREIAQLGG
DVSKFVFPSVEKWLTEKVAAMAQGPSA
;
_entity_poly.pdbx_seq_one_letter_code_can   
;MAHHHHHHMGTLEAQTQGPGSMVVAVYPGTFDPLTRGHEDLVRRASSIFDTLVVGVADSRAKKPFFSLEERLKIANEVLG
HYPNVKVMGFTGLLKDFVRANDARVIVRGLRAVSDFEYEFQMAGMNRYLLPDVETMFMTPSDQYQFISGTIVREIAQLGG
DVSKFVFPSVEKWLTEKVAAMAQGPSA
;
_entity_poly.pdbx_strand_id                 A 
_entity_poly.pdbx_target_identifier         BupsA.00142.a 
# 
loop_
_entity_poly_seq.entity_id 
_entity_poly_seq.num 
_entity_poly_seq.mon_id 
_entity_poly_seq.hetero 
1 1   MET n 
1 2   ALA n 
1 3   HIS n 
1 4   HIS n 
1 5   HIS n 
1 6   HIS n 
1 7   HIS n 
1 8   HIS n 
1 9   MET n 
1 10  GLY n 
1 11  THR n 
1 12  LEU n 
1 13  GLU n 
1 14  ALA n 
1 15  GLN n 
1 16  THR n 
1 17  GLN n 
1 18  GLY n 
1 19  PRO n 
1 20  GLY n 
1 21  SER n 
1 22  MET n 
1 23  VAL n 
1 24  VAL n 
1 25  ALA n 
1 26  VAL n 
1 27  TYR n 
1 28  PRO n 
1 29  GLY n 
1 30  THR n 
1 31  PHE n 
1 32  ASP n 
1 33  PRO n 
1 34  LEU n 
1 35  THR n 
1 36  ARG n 
1 37  GLY n 
1 38  HIS n 
1 39  GLU n 
1 40  ASP n 
1 41  LEU n 
1 42  VAL n 
1 43  ARG n 
1 44  ARG n 
1 45  ALA n 
1 46  SER n 
1 47  SER n 
1 48  ILE n 
1 49  PHE n 
1 50  ASP n 
1 51  THR n 
1 52  LEU n 
1 53  VAL n 
1 54  VAL n 
1 55  GLY n 
1 56  VAL n 
1 57  ALA n 
1 58  ASP n 
1 59  SER n 
1 60  ARG n 
1 61  ALA n 
1 62  LYS n 
1 63  LYS n 
1 64  PRO n 
1 65  PHE n 
1 66  PHE n 
1 67  SER n 
1 68  LEU n 
1 69  GLU n 
1 70  GLU n 
1 71  ARG n 
1 72  LEU n 
1 73  LYS n 
1 74  ILE n 
1 75  ALA n 
1 76  ASN n 
1 77  GLU n 
1 78  VAL n 
1 79  LEU n 
1 80  GLY n 
1 81  HIS n 
1 82  TYR n 
1 83  PRO n 
1 84  ASN n 
1 85  VAL n 
1 86  LYS n 
1 87  VAL n 
1 88  MET n 
1 89  GLY n 
1 90  PHE n 
1 91  THR n 
1 92  GLY n 
1 93  LEU n 
1 94  LEU n 
1 95  LYS n 
1 96  ASP n 
1 97  PHE n 
1 98  VAL n 
1 99  ARG n 
1 100 ALA n 
1 101 ASN n 
1 102 ASP n 
1 103 ALA n 
1 104 ARG n 
1 105 VAL n 
1 106 ILE n 
1 107 VAL n 
1 108 ARG n 
1 109 GLY n 
1 110 LEU n 
1 111 ARG n 
1 112 ALA n 
1 113 VAL n 
1 114 SER n 
1 115 ASP n 
1 116 PHE n 
1 117 GLU n 
1 118 TYR n 
1 119 GLU n 
1 120 PHE n 
1 121 GLN n 
1 122 MET n 
1 123 ALA n 
1 124 GLY n 
1 125 MET n 
1 126 ASN n 
1 127 ARG n 
1 128 TYR n 
1 129 LEU n 
1 130 LEU n 
1 131 PRO n 
1 132 ASP n 
1 133 VAL n 
1 134 GLU n 
1 135 THR n 
1 136 MET n 
1 137 PHE n 
1 138 MET n 
1 139 THR n 
1 140 PRO n 
1 141 SER n 
1 142 ASP n 
1 143 GLN n 
1 144 TYR n 
1 145 GLN n 
1 146 PHE n 
1 147 ILE n 
1 148 SER n 
1 149 GLY n 
1 150 THR n 
1 151 ILE n 
1 152 VAL n 
1 153 ARG n 
1 154 GLU n 
1 155 ILE n 
1 156 ALA n 
1 157 GLN n 
1 158 LEU n 
1 159 GLY n 
1 160 GLY n 
1 161 ASP n 
1 162 VAL n 
1 163 SER n 
1 164 LYS n 
1 165 PHE n 
1 166 VAL n 
1 167 PHE n 
1 168 PRO n 
1 169 SER n 
1 170 VAL n 
1 171 GLU n 
1 172 LYS n 
1 173 TRP n 
1 174 LEU n 
1 175 THR n 
1 176 GLU n 
1 177 LYS n 
1 178 VAL n 
1 179 ALA n 
1 180 ALA n 
1 181 MET n 
1 182 ALA n 
1 183 GLN n 
1 184 GLY n 
1 185 PRO n 
1 186 SER n 
1 187 ALA n 
# 
_entity_src_gen.entity_id                          1 
_entity_src_gen.pdbx_src_id                        1 
_entity_src_gen.pdbx_alt_source_flag               sample 
_entity_src_gen.pdbx_seq_type                      ? 
_entity_src_gen.pdbx_beg_seq_num                   ? 
_entity_src_gen.pdbx_end_seq_num                   ? 
_entity_src_gen.gene_src_common_name               ? 
_entity_src_gen.gene_src_genus                     ? 
_entity_src_gen.pdbx_gene_src_gene                 'coaD, BURPS1710b_0748' 
_entity_src_gen.gene_src_species                   ? 
_entity_src_gen.gene_src_strain                    1710b 
_entity_src_gen.gene_src_tissue                    ? 
_entity_src_gen.gene_src_tissue_fraction           ? 
_entity_src_gen.gene_src_details                   ? 
_entity_src_gen.pdbx_gene_src_fragment             ? 
_entity_src_gen.pdbx_gene_src_scientific_name      'Burkholderia pseudomallei' 
_entity_src_gen.pdbx_gene_src_ncbi_taxonomy_id     320372 
_entity_src_gen.pdbx_gene_src_variant              ? 
_entity_src_gen.pdbx_gene_src_cell_line            ? 
_entity_src_gen.pdbx_gene_src_atcc                 ? 
_entity_src_gen.pdbx_gene_src_organ                ? 
_entity_src_gen.pdbx_gene_src_organelle            ? 
_entity_src_gen.pdbx_gene_src_cell                 ? 
_entity_src_gen.pdbx_gene_src_cellular_location    ? 
_entity_src_gen.host_org_common_name               ? 
_entity_src_gen.pdbx_host_org_scientific_name      'Escherichia coli' 
_entity_src_gen.pdbx_host_org_ncbi_taxonomy_id     562 
_entity_src_gen.host_org_genus                     ? 
_entity_src_gen.pdbx_host_org_gene                 ? 
_entity_src_gen.pdbx_host_org_organ                ? 
_entity_src_gen.host_org_species                   ? 
_entity_src_gen.pdbx_host_org_tissue               ? 
_entity_src_gen.pdbx_host_org_tissue_fraction      ? 
_entity_src_gen.pdbx_host_org_strain               ? 
_entity_src_gen.pdbx_host_org_variant              ? 
_entity_src_gen.pdbx_host_org_cell_line            ? 
_entity_src_gen.pdbx_host_org_atcc                 ? 
_entity_src_gen.pdbx_host_org_culture_collection   ? 
_entity_src_gen.pdbx_host_org_cell                 ? 
_entity_src_gen.pdbx_host_org_organelle            ? 
_entity_src_gen.pdbx_host_org_cellular_location    ? 
_entity_src_gen.pdbx_host_org_vector_type          AVA0421 
_entity_src_gen.pdbx_host_org_vector               ? 
_entity_src_gen.host_org_details                   ? 
_entity_src_gen.expression_system_id               ? 
_entity_src_gen.plasmid_name                       ? 
_entity_src_gen.plasmid_details                    ? 
_entity_src_gen.pdbx_description                   ? 
# 
_struct_ref.id                         1 
_struct_ref.db_name                    UNP 
_struct_ref.db_code                    COAD_BURP1 
_struct_ref.pdbx_db_accession          Q3JW91 
_struct_ref.entity_id                  1 
_struct_ref.pdbx_seq_one_letter_code   
;MVVAVYPGTFDPLTRGHEDLVRRASSIFDTLVVGVADSRAKKPFFSLEERLKIANEVLGHYPNVKVMGFTGLLKDFVRAN
DARVIVRGLRAVSDFEYEFQMAGMNRYLLPDVETMFMTPSDQYQFISGTIVREIAQLGGDVSKFVFPSVEKWLTEKVAAM
AQGPSA
;
_struct_ref.pdbx_align_begin           1 
_struct_ref.pdbx_db_isoform            ? 
# 
_struct_ref_seq.align_id                      1 
_struct_ref_seq.ref_id                        1 
_struct_ref_seq.pdbx_PDB_id_code              3K9W 
_struct_ref_seq.pdbx_strand_id                A 
_struct_ref_seq.seq_align_beg                 22 
_struct_ref_seq.pdbx_seq_align_beg_ins_code   ? 
_struct_ref_seq.seq_align_end                 187 
_struct_ref_seq.pdbx_seq_align_end_ins_code   ? 
_struct_ref_seq.pdbx_db_accession             Q3JW91 
_struct_ref_seq.db_align_beg                  1 
_struct_ref_seq.pdbx_db_align_beg_ins_code    ? 
_struct_ref_seq.db_align_end                  166 
_struct_ref_seq.pdbx_db_align_end_ins_code    ? 
_struct_ref_seq.pdbx_auth_seq_align_beg       1 
_struct_ref_seq.pdbx_auth_seq_align_end       166 
# 
loop_
_struct_ref_seq_dif.align_id 
_struct_ref_seq_dif.pdbx_pdb_id_code 
_struct_ref_seq_dif.mon_id 
_struct_ref_seq_dif.pdbx_pdb_strand_id 
_struct_ref_seq_dif.seq_num 
_struct_ref_seq_dif.pdbx_pdb_ins_code 
_struct_ref_seq_dif.pdbx_seq_db_name 
_struct_ref_seq_dif.pdbx_seq_db_accession_code 
_struct_ref_seq_dif.db_mon_id 
_struct_ref_seq_dif.pdbx_seq_db_seq_num 
_struct_ref_seq_dif.details 
_struct_ref_seq_dif.pdbx_auth_seq_num 
_struct_ref_seq_dif.pdbx_ordinal 
1 3K9W MET A 1  ? UNP Q3JW91 ? ? 'expression tag' -20 1  
1 3K9W ALA A 2  ? UNP Q3JW91 ? ? 'expression tag' -19 2  
1 3K9W HIS A 3  ? UNP Q3JW91 ? ? 'expression tag' -18 3  
1 3K9W HIS A 4  ? UNP Q3JW91 ? ? 'expression tag' -17 4  
1 3K9W HIS A 5  ? UNP Q3JW91 ? ? 'expression tag' -16 5  
1 3K9W HIS A 6  ? UNP Q3JW91 ? ? 'expression tag' -15 6  
1 3K9W HIS A 7  ? UNP Q3JW91 ? ? 'expression tag' -14 7  
1 3K9W HIS A 8  ? UNP Q3JW91 ? ? 'expression tag' -13 8  
1 3K9W MET A 9  ? UNP Q3JW91 ? ? 'expression tag' -12 9  
1 3K9W GLY A 10 ? UNP Q3JW91 ? ? 'expression tag' -11 10 
1 3K9W THR A 11 ? UNP Q3JW91 ? ? 'expression tag' -10 11 
1 3K9W LEU A 12 ? UNP Q3JW91 ? ? 'expression tag' -9  12 
1 3K9W GLU A 13 ? UNP Q3JW91 ? ? 'expression tag' -8  13 
1 3K9W ALA A 14 ? UNP Q3JW91 ? ? 'expression tag' -7  14 
1 3K9W GLN A 15 ? UNP Q3JW91 ? ? 'expression tag' -6  15 
1 3K9W THR A 16 ? UNP Q3JW91 ? ? 'expression tag' -5  16 
1 3K9W GLN A 17 ? UNP Q3JW91 ? ? 'expression tag' -4  17 
1 3K9W GLY A 18 ? UNP Q3JW91 ? ? 'expression tag' -3  18 
1 3K9W PRO A 19 ? UNP Q3JW91 ? ? 'expression tag' -2  19 
1 3K9W GLY A 20 ? UNP Q3JW91 ? ? 'expression tag' -1  20 
1 3K9W SER A 21 ? UNP Q3JW91 ? ? 'expression tag' 0   21 
# 
loop_
_chem_comp.id 
_chem_comp.type 
_chem_comp.mon_nstd_flag 
_chem_comp.name 
_chem_comp.pdbx_synonyms 
_chem_comp.formula 
_chem_comp.formula_weight 
4PS non-polymer         . 
;4'-diphospho pantetheine
;
'N~3~-[(2R)-2-hydroxy-4-{[(S)-hydroxy(phosphonooxy)phosphoryl]oxy}-3,3-dimethylbutanoyl]-N-(2-sulfanylethyl)-beta-alaninamide' 
'C11 H24 N2 O10 P2 S' 438.328 
ACT non-polymer         . 'ACETATE ION'              ? 'C2 H3 O2 -1'         59.044  
ADE non-polymer         . ADENINE                    ? 'C5 H5 N5'            135.127 
ALA 'L-peptide linking' y ALANINE                    ? 'C3 H7 N O2'          89.093  
ARG 'L-peptide linking' y ARGININE                   ? 'C6 H15 N4 O2 1'      175.209 
ASN 'L-peptide linking' y ASPARAGINE                 ? 'C4 H8 N2 O3'         132.118 
ASP 'L-peptide linking' y 'ASPARTIC ACID'            ? 'C4 H7 N O4'          133.103 
GLN 'L-peptide linking' y GLUTAMINE                  ? 'C5 H10 N2 O3'        146.144 
GLU 'L-peptide linking' y 'GLUTAMIC ACID'            ? 'C5 H9 N O4'          147.129 
GLY 'peptide linking'   y GLYCINE                    ? 'C2 H5 N O2'          75.067  
HIS 'L-peptide linking' y HISTIDINE                  ? 'C6 H10 N3 O2 1'      156.162 
HOH non-polymer         . WATER                      ? 'H2 O'                18.015  
ILE 'L-peptide linking' y ISOLEUCINE                 ? 'C6 H13 N O2'         131.173 
LEU 'L-peptide linking' y LEUCINE                    ? 'C6 H13 N O2'         131.173 
LYS 'L-peptide linking' y LYSINE                     ? 'C6 H15 N2 O2 1'      147.195 
MET 'L-peptide linking' y METHIONINE                 ? 'C5 H11 N O2 S'       149.211 
PG4 non-polymer         . 'TETRAETHYLENE GLYCOL'     ? 'C8 H18 O5'           194.226 
PHE 'L-peptide linking' y PHENYLALANINE              ? 'C9 H11 N O2'         165.189 
PRO 'L-peptide linking' y PROLINE                    ? 'C5 H9 N O2'          115.130 
SER 'L-peptide linking' y SERINE                     ? 'C3 H7 N O3'          105.093 
SO4 non-polymer         . 'SULFATE ION'              ? 'O4 S -2'             96.063  
THR 'L-peptide linking' y THREONINE                  ? 'C4 H9 N O3'          119.119 
TRP 'L-peptide linking' y TRYPTOPHAN                 ? 'C11 H12 N2 O2'       204.225 
TYR 'L-peptide linking' y TYROSINE                   ? 'C9 H11 N O3'         181.189 
VAL 'L-peptide linking' y VALINE                     ? 'C5 H11 N O2'         117.146 
# 
_exptl.entry_id          3K9W 
_exptl.method            'X-RAY DIFFRACTION' 
_exptl.crystals_number   1 
# 
_exptl_crystal.id                    1 
_exptl_crystal.density_meas          ? 
_exptl_crystal.density_Matthews      2.43 
_exptl_crystal.density_percent_sol   49.35 
_exptl_crystal.description           ? 
_exptl_crystal.F_000                 ? 
_exptl_crystal.preparation           ? 
# 
_exptl_crystal_grow.crystal_id      1 
_exptl_crystal_grow.method          'VAPOR DIFFUSION, SITTING DROP' 
_exptl_crystal_grow.temp            289 
_exptl_crystal_grow.temp_details    ? 
_exptl_crystal_grow.pH              4.6 
_exptl_crystal_grow.pdbx_pH_range   ? 
_exptl_crystal_grow.pdbx_details    
;CSHT condition F1: 0.2 M ammonium sulfate, 0.1 M NaOAc pH 4.6, 30% PEG MME 2000, 20% EG as cryo-protectant, 19.2 mg/mL protein in 25 mM Hepes pH 7.0, 0.3 M NaCl, 10% glycerol, 5 mM DTT, crystal tracking ID 204963f1, VAPOR DIFFUSION, SITTING DROP, temperature 289K
;
# 
_diffrn.id                     1 
_diffrn.ambient_temp           100 
_diffrn.ambient_temp_details   ? 
_diffrn.crystal_id             1 
# 
_diffrn_detector.diffrn_id              1 
_diffrn_detector.detector               'IMAGE PLATE' 
_diffrn_detector.type                   'MAR scanner 300 mm plate' 
_diffrn_detector.pdbx_collection_date   2009-09-18 
_diffrn_detector.details                ? 
# 
_diffrn_radiation.diffrn_id                        1 
_diffrn_radiation.wavelength_id                    1 
_diffrn_radiation.pdbx_monochromatic_or_laue_m_l   M 
_diffrn_radiation.monochromator                    ? 
_diffrn_radiation.pdbx_diffrn_protocol             'SINGLE WAVELENGTH' 
_diffrn_radiation.pdbx_scattering_type             x-ray 
# 
_diffrn_radiation_wavelength.id           1 
_diffrn_radiation_wavelength.wavelength   0.97953 
_diffrn_radiation_wavelength.wt           1.0 
# 
_diffrn_source.diffrn_id                   1 
_diffrn_source.source                      SYNCHROTRON 
_diffrn_source.type                        'CLSI BEAMLINE 08ID-1' 
_diffrn_source.pdbx_synchrotron_site       CLSI 
_diffrn_source.pdbx_synchrotron_beamline   08ID-1 
_diffrn_source.pdbx_wavelength             ? 
_diffrn_source.pdbx_wavelength_list        0.97953 
# 
_reflns.entry_id                     3K9W 
_reflns.observed_criterion_sigma_I   ? 
_reflns.observed_criterion_sigma_F   ? 
_reflns.d_resolution_low             50.000 
_reflns.d_resolution_high            1.600 
_reflns.number_obs                   27383 
_reflns.number_all                   ? 
_reflns.percent_possible_obs         99.000 
_reflns.pdbx_Rmerge_I_obs            0.067 
_reflns.pdbx_Rsym_value              ? 
_reflns.pdbx_netI_over_sigmaI        32.8 
_reflns.B_iso_Wilson_estimate        ? 
_reflns.pdbx_redundancy              10.700 
_reflns.R_free_details               ? 
_reflns.limit_h_max                  ? 
_reflns.limit_h_min                  ? 
_reflns.limit_k_max                  ? 
_reflns.limit_k_min                  ? 
_reflns.limit_l_max                  ? 
_reflns.limit_l_min                  ? 
_reflns.observed_criterion_F_max     ? 
_reflns.observed_criterion_F_min     ? 
_reflns.pdbx_chi_squared             ? 
_reflns.pdbx_scaling_rejects         ? 
_reflns.pdbx_ordinal                 1 
_reflns.pdbx_diffrn_id               1 
# 
_reflns_shell.d_res_high             1.60 
_reflns_shell.d_res_low              1.66 
_reflns_shell.percent_possible_all   100.00 
_reflns_shell.Rmerge_I_obs           0.555 
_reflns_shell.pdbx_Rsym_value        ? 
_reflns_shell.meanI_over_sigI_obs    3.98 
_reflns_shell.pdbx_redundancy        9.10 
_reflns_shell.percent_possible_obs   ? 
_reflns_shell.number_unique_all      ? 
_reflns_shell.number_measured_all    ? 
_reflns_shell.number_measured_obs    ? 
_reflns_shell.number_unique_obs      ? 
_reflns_shell.pdbx_chi_squared       ? 
_reflns_shell.pdbx_ordinal           1 
_reflns_shell.pdbx_diffrn_id         1 
# 
_refine.pdbx_refine_id                           'X-RAY DIFFRACTION' 
_refine.entry_id                                 3K9W 
_refine.ls_number_reflns_obs                     25986 
_refine.ls_number_reflns_all                     ? 
_refine.pdbx_ls_sigma_I                          ? 
_refine.pdbx_ls_sigma_F                          . 
_refine.pdbx_data_cutoff_high_absF               ? 
_refine.pdbx_data_cutoff_low_absF                ? 
_refine.pdbx_data_cutoff_high_rms_absF           ? 
_refine.ls_d_res_low                             26.36 
_refine.ls_d_res_high                            1.60 
_refine.ls_percent_reflns_obs                    98.890 
_refine.ls_R_factor_obs                          0.19200 
_refine.ls_R_factor_all                          ? 
_refine.ls_R_factor_R_work                       0.19119 
_refine.ls_R_factor_R_free                       0.20690 
_refine.ls_R_factor_R_free_error                 ? 
_refine.ls_R_factor_R_free_error_details         ? 
_refine.ls_percent_reflns_R_free                 5.0 
_refine.ls_number_reflns_R_free                  1363 
_refine.ls_number_parameters                     ? 
_refine.ls_number_restraints                     ? 
_refine.occupancy_min                            0.50 
_refine.occupancy_max                            1.00 
_refine.correlation_coeff_Fo_to_Fc               0.959 
_refine.correlation_coeff_Fo_to_Fc_free          0.956 
_refine.B_iso_mean                               15.125 
_refine.aniso_B[1][1]                            ? 
_refine.aniso_B[2][2]                            ? 
_refine.aniso_B[3][3]                            ? 
_refine.aniso_B[1][2]                            ? 
_refine.aniso_B[1][3]                            ? 
_refine.aniso_B[2][3]                            ? 
_refine.solvent_model_details                    MASK 
_refine.solvent_model_param_ksol                 ? 
_refine.solvent_model_param_bsol                 ? 
_refine.pdbx_solvent_vdw_probe_radii             1.40 
_refine.pdbx_solvent_ion_probe_radii             0.80 
_refine.pdbx_solvent_shrinkage_radii             0.80 
_refine.pdbx_ls_cross_valid_method               THROUGHOUT 
_refine.details                                  'HYDROGENS HAVE BEEN ADDED IN THE RIDING POSITIONS' 
_refine.pdbx_starting_model                      3IKZ 
_refine.pdbx_method_to_determine_struct          'MOLECULAR REPLACEMENT' 
_refine.pdbx_isotropic_thermal_model             ? 
_refine.pdbx_stereochemistry_target_values       'MAXIMUM LIKELIHOOD' 
_refine.pdbx_stereochem_target_val_spec_case     ? 
_refine.pdbx_R_Free_selection_details            RANDOM 
_refine.pdbx_overall_ESU_R                       0.087 
_refine.pdbx_overall_ESU_R_Free                  0.083 
_refine.overall_SU_ML                            0.052 
_refine.pdbx_overall_phase_error                 ? 
_refine.overall_SU_B                             3.200 
_refine.ls_redundancy_reflns_obs                 ? 
_refine.B_iso_min                                ? 
_refine.B_iso_max                                ? 
_refine.overall_SU_R_Cruickshank_DPI             ? 
_refine.overall_SU_R_free                        ? 
_refine.ls_wR_factor_R_free                      ? 
_refine.ls_wR_factor_R_work                      ? 
_refine.overall_FOM_free_R_set                   ? 
_refine.overall_FOM_work_R_set                   ? 
_refine.pdbx_TLS_residual_ADP_flag               'LIKELY RESIDUAL' 
_refine.pdbx_diffrn_id                           1 
_refine.pdbx_overall_SU_R_free_Cruickshank_DPI   ? 
_refine.pdbx_overall_SU_R_Blow_DPI               ? 
_refine.pdbx_overall_SU_R_free_Blow_DPI          ? 
# 
_refine_hist.pdbx_refine_id                   'X-RAY DIFFRACTION' 
_refine_hist.cycle_id                         LAST 
_refine_hist.pdbx_number_atoms_protein        1279 
_refine_hist.pdbx_number_atoms_nucleic_acid   0 
_refine_hist.pdbx_number_atoms_ligand         55 
_refine_hist.number_atoms_solvent             137 
_refine_hist.number_atoms_total               1471 
_refine_hist.d_res_high                       1.60 
_refine_hist.d_res_low                        26.36 
# 
loop_
_refine_ls_restr.type 
_refine_ls_restr.dev_ideal 
_refine_ls_restr.dev_ideal_target 
_refine_ls_restr.weight 
_refine_ls_restr.number 
_refine_ls_restr.pdbx_refine_id 
_refine_ls_restr.pdbx_restraint_function 
r_bond_refined_d             0.008  0.022  ? 1453 'X-RAY DIFFRACTION' ? 
r_bond_other_d               ?      ?      ? ?    'X-RAY DIFFRACTION' ? 
r_angle_refined_deg          1.193  1.997  ? 1978 'X-RAY DIFFRACTION' ? 
r_angle_other_deg            ?      ?      ? ?    'X-RAY DIFFRACTION' ? 
r_dihedral_angle_1_deg       4.559  5.000  ? 186  'X-RAY DIFFRACTION' ? 
r_dihedral_angle_2_deg       34.090 23.030 ? 66   'X-RAY DIFFRACTION' ? 
r_dihedral_angle_3_deg       13.904 15.000 ? 246  'X-RAY DIFFRACTION' ? 
r_dihedral_angle_4_deg       19.527 15.000 ? 12   'X-RAY DIFFRACTION' ? 
r_chiral_restr               0.076  0.200  ? 212  'X-RAY DIFFRACTION' ? 
r_gen_planes_refined         0.005  0.021  ? 1107 'X-RAY DIFFRACTION' ? 
r_gen_planes_other           ?      ?      ? ?    'X-RAY DIFFRACTION' ? 
r_nbd_refined                ?      ?      ? ?    'X-RAY DIFFRACTION' ? 
r_nbd_other                  ?      ?      ? ?    'X-RAY DIFFRACTION' ? 
r_nbtor_refined              ?      ?      ? ?    'X-RAY DIFFRACTION' ? 
r_nbtor_other                ?      ?      ? ?    'X-RAY DIFFRACTION' ? 
r_xyhbond_nbd_refined        ?      ?      ? ?    'X-RAY DIFFRACTION' ? 
r_xyhbond_nbd_other          ?      ?      ? ?    'X-RAY DIFFRACTION' ? 
r_metal_ion_refined          ?      ?      ? ?    'X-RAY DIFFRACTION' ? 
r_metal_ion_other            ?      ?      ? ?    'X-RAY DIFFRACTION' ? 
r_symmetry_vdw_refined       ?      ?      ? ?    'X-RAY DIFFRACTION' ? 
r_symmetry_vdw_other         ?      ?      ? ?    'X-RAY DIFFRACTION' ? 
r_symmetry_hbond_refined     ?      ?      ? ?    'X-RAY DIFFRACTION' ? 
r_symmetry_hbond_other       ?      ?      ? ?    'X-RAY DIFFRACTION' ? 
r_symmetry_metal_ion_refined ?      ?      ? ?    'X-RAY DIFFRACTION' ? 
r_symmetry_metal_ion_other   ?      ?      ? ?    'X-RAY DIFFRACTION' ? 
r_mcbond_it                  0.646  1.500  ? 857  'X-RAY DIFFRACTION' ? 
r_mcbond_other               ?      ?      ? ?    'X-RAY DIFFRACTION' ? 
r_mcangle_it                 1.248  2.000  ? 1395 'X-RAY DIFFRACTION' ? 
r_scbond_it                  1.912  3.000  ? 596  'X-RAY DIFFRACTION' ? 
r_scangle_it                 3.115  4.500  ? 574  'X-RAY DIFFRACTION' ? 
r_rigid_bond_restr           ?      ?      ? ?    'X-RAY DIFFRACTION' ? 
r_sphericity_free            ?      ?      ? ?    'X-RAY DIFFRACTION' ? 
r_sphericity_bonded          ?      ?      ? ?    'X-RAY DIFFRACTION' ? 
# 
_refine_ls_shell.pdbx_refine_id                   'X-RAY DIFFRACTION' 
_refine_ls_shell.pdbx_total_number_of_bins_used   20 
_refine_ls_shell.d_res_high                       1.599 
_refine_ls_shell.d_res_low                        1.640 
_refine_ls_shell.number_reflns_R_work             1905 
_refine_ls_shell.R_factor_R_work                  0.266 
_refine_ls_shell.percent_reflns_obs               99.80 
_refine_ls_shell.R_factor_R_free                  0.229 
_refine_ls_shell.R_factor_R_free_error            ? 
_refine_ls_shell.percent_reflns_R_free            ? 
_refine_ls_shell.number_reflns_R_free             113 
_refine_ls_shell.number_reflns_all                ? 
_refine_ls_shell.R_factor_all                     ? 
_refine_ls_shell.redundancy_reflns_obs            ? 
_refine_ls_shell.number_reflns_obs                ? 
# 
_struct.entry_id                  3K9W 
_struct.title                     
;Crystal structure of phosphopantetheine adenylyltransferase from Burkholderia pseudomallei with hydrolyzed 3'-dephospho Coenzyme A
;
_struct.pdbx_model_details        ? 
_struct.pdbx_CASP_flag            ? 
_struct.pdbx_model_type_details   ? 
# 
_struct_keywords.entry_id        3K9W 
_struct_keywords.pdbx_keywords   TRANSFERASE 
_struct_keywords.text            
;NIAID, SSGCID, Seattle Structural Genomics Center for Infectious Disease, Coenzyme A, CoA, biosynthesis, hydrolysis, ATP-binding, Coenzyme A biosynthesis, Nucleotide-binding, Nucleotidyltransferase, Transferase
;
# 
loop_
_struct_asym.id 
_struct_asym.pdbx_blank_PDB_chainid_flag 
_struct_asym.pdbx_modified 
_struct_asym.entity_id 
_struct_asym.details 
A N N 1 ? 
B N N 2 ? 
C N N 3 ? 
D N N 4 ? 
E N N 5 ? 
F N N 6 ? 
G N N 7 ? 
# 
_struct_biol.id        1 
_struct_biol.details   ? 
# 
loop_
_struct_conf.conf_type_id 
_struct_conf.id 
_struct_conf.pdbx_PDB_helix_id 
_struct_conf.beg_label_comp_id 
_struct_conf.beg_label_asym_id 
_struct_conf.beg_label_seq_id 
_struct_conf.pdbx_beg_PDB_ins_code 
_struct_conf.end_label_comp_id 
_struct_conf.end_label_asym_id 
_struct_conf.end_label_seq_id 
_struct_conf.pdbx_end_PDB_ins_code 
_struct_conf.beg_auth_comp_id 
_struct_conf.beg_auth_asym_id 
_struct_conf.beg_auth_seq_id 
_struct_conf.end_auth_comp_id 
_struct_conf.end_auth_asym_id 
_struct_conf.end_auth_seq_id 
_struct_conf.pdbx_PDB_helix_class 
_struct_conf.details 
_struct_conf.pdbx_PDB_helix_length 
HELX_P HELX_P1 1 THR A 35  ? PHE A 49  ? THR A 14  PHE A 28  1 ? 15 
HELX_P HELX_P2 2 SER A 59  ? LYS A 63  ? SER A 38  LYS A 42  5 ? 5  
HELX_P HELX_P3 3 SER A 67  ? GLY A 80  ? SER A 46  GLY A 59  1 ? 14 
HELX_P HELX_P4 4 LEU A 93  ? ASN A 101 ? LEU A 72  ASN A 80  1 ? 9  
HELX_P HELX_P5 5 ASP A 115 ? LEU A 130 ? ASP A 94  LEU A 109 1 ? 16 
HELX_P HELX_P6 6 SER A 141 ? GLN A 145 ? SER A 120 GLN A 124 5 ? 5  
HELX_P HELX_P7 7 SER A 148 ? LEU A 158 ? SER A 127 LEU A 137 1 ? 11 
HELX_P HELX_P8 8 PHE A 167 ? ALA A 182 ? PHE A 146 ALA A 161 1 ? 16 
# 
_struct_conf_type.id          HELX_P 
_struct_conf_type.criteria    ? 
_struct_conf_type.reference   ? 
# 
_struct_mon_prot_cis.pdbx_id                1 
_struct_mon_prot_cis.label_comp_id          ASP 
_struct_mon_prot_cis.label_seq_id           32 
_struct_mon_prot_cis.label_asym_id          A 
_struct_mon_prot_cis.label_alt_id           . 
_struct_mon_prot_cis.pdbx_PDB_ins_code      ? 
_struct_mon_prot_cis.auth_comp_id           ASP 
_struct_mon_prot_cis.auth_seq_id            11 
_struct_mon_prot_cis.auth_asym_id           A 
_struct_mon_prot_cis.pdbx_label_comp_id_2   PRO 
_struct_mon_prot_cis.pdbx_label_seq_id_2    33 
_struct_mon_prot_cis.pdbx_label_asym_id_2   A 
_struct_mon_prot_cis.pdbx_PDB_ins_code_2    ? 
_struct_mon_prot_cis.pdbx_auth_comp_id_2    PRO 
_struct_mon_prot_cis.pdbx_auth_seq_id_2     12 
_struct_mon_prot_cis.pdbx_auth_asym_id_2    A 
_struct_mon_prot_cis.pdbx_PDB_model_num     1 
_struct_mon_prot_cis.pdbx_omega_angle       -1.56 
# 
_struct_sheet.id               A 
_struct_sheet.type             ? 
_struct_sheet.number_strands   5 
_struct_sheet.details          ? 
# 
loop_
_struct_sheet_order.sheet_id 
_struct_sheet_order.range_id_1 
_struct_sheet_order.range_id_2 
_struct_sheet_order.offset 
_struct_sheet_order.sense 
A 1 2 ? parallel 
A 2 3 ? parallel 
A 3 4 ? parallel 
A 4 5 ? parallel 
# 
loop_
_struct_sheet_range.sheet_id 
_struct_sheet_range.id 
_struct_sheet_range.beg_label_comp_id 
_struct_sheet_range.beg_label_asym_id 
_struct_sheet_range.beg_label_seq_id 
_struct_sheet_range.pdbx_beg_PDB_ins_code 
_struct_sheet_range.end_label_comp_id 
_struct_sheet_range.end_label_asym_id 
_struct_sheet_range.end_label_seq_id 
_struct_sheet_range.pdbx_end_PDB_ins_code 
_struct_sheet_range.beg_auth_comp_id 
_struct_sheet_range.beg_auth_asym_id 
_struct_sheet_range.beg_auth_seq_id 
_struct_sheet_range.end_auth_comp_id 
_struct_sheet_range.end_auth_asym_id 
_struct_sheet_range.end_auth_seq_id 
A 1 VAL A 85  ? PHE A 90  ? VAL A 64  PHE A 69  
A 2 THR A 51  ? ALA A 57  ? THR A 30  ALA A 36  
A 3 VAL A 24  ? GLY A 29  ? VAL A 3   GLY A 8   
A 4 VAL A 105 ? GLY A 109 ? VAL A 84  GLY A 88  
A 5 GLU A 134 ? MET A 138 ? GLU A 113 MET A 117 
# 
loop_
_pdbx_struct_sheet_hbond.sheet_id 
_pdbx_struct_sheet_hbond.range_id_1 
_pdbx_struct_sheet_hbond.range_id_2 
_pdbx_struct_sheet_hbond.range_1_label_atom_id 
_pdbx_struct_sheet_hbond.range_1_label_comp_id 
_pdbx_struct_sheet_hbond.range_1_label_asym_id 
_pdbx_struct_sheet_hbond.range_1_label_seq_id 
_pdbx_struct_sheet_hbond.range_1_PDB_ins_code 
_pdbx_struct_sheet_hbond.range_1_auth_atom_id 
_pdbx_struct_sheet_hbond.range_1_auth_comp_id 
_pdbx_struct_sheet_hbond.range_1_auth_asym_id 
_pdbx_struct_sheet_hbond.range_1_auth_seq_id 
_pdbx_struct_sheet_hbond.range_2_label_atom_id 
_pdbx_struct_sheet_hbond.range_2_label_comp_id 
_pdbx_struct_sheet_hbond.range_2_label_asym_id 
_pdbx_struct_sheet_hbond.range_2_label_seq_id 
_pdbx_struct_sheet_hbond.range_2_PDB_ins_code 
_pdbx_struct_sheet_hbond.range_2_auth_atom_id 
_pdbx_struct_sheet_hbond.range_2_auth_comp_id 
_pdbx_struct_sheet_hbond.range_2_auth_asym_id 
_pdbx_struct_sheet_hbond.range_2_auth_seq_id 
A 1 2 O LYS A 86  ? O LYS A 65 N VAL A 54  ? N VAL A 33  
A 2 3 O VAL A 53  ? O VAL A 32 N ALA A 25  ? N ALA A 4   
A 3 4 N VAL A 26  ? N VAL A 5  O VAL A 107 ? O VAL A 86  
A 4 5 N ILE A 106 ? N ILE A 85 O MET A 136 ? O MET A 115 
# 
loop_
_struct_site.id 
_struct_site.pdbx_evidence_code 
_struct_site.pdbx_auth_asym_id 
_struct_site.pdbx_auth_comp_id 
_struct_site.pdbx_auth_seq_id 
_struct_site.pdbx_auth_ins_code 
_struct_site.pdbx_num_residues 
_struct_site.details 
AC1 Software A 4PS 167 ? 22 'BINDING SITE FOR RESIDUE 4PS A 167' 
AC2 Software A ADE 168 ? 9  'BINDING SITE FOR RESIDUE ADE A 168' 
AC3 Software A PG4 169 ? 10 'BINDING SITE FOR RESIDUE PG4 A 169' 
AC4 Software A ACT 170 ? 5  'BINDING SITE FOR RESIDUE ACT A 170' 
AC5 Software A SO4 171 ? 7  'BINDING SITE FOR RESIDUE SO4 A 171' 
# 
loop_
_struct_site_gen.id 
_struct_site_gen.site_id 
_struct_site_gen.pdbx_num_res 
_struct_site_gen.label_comp_id 
_struct_site_gen.label_asym_id 
_struct_site_gen.label_seq_id 
_struct_site_gen.pdbx_auth_ins_code 
_struct_site_gen.auth_comp_id 
_struct_site_gen.auth_asym_id 
_struct_site_gen.auth_seq_id 
_struct_site_gen.label_atom_id 
_struct_site_gen.label_alt_id 
_struct_site_gen.symmetry 
_struct_site_gen.details 
1  AC1 22 GLY A 29  ? GLY A 8   . ? 1_555  ? 
2  AC1 22 THR A 30  ? THR A 9   . ? 1_555  ? 
3  AC1 22 PHE A 31  ? PHE A 10  . ? 1_555  ? 
4  AC1 22 HIS A 38  ? HIS A 17  . ? 1_555  ? 
5  AC1 22 ALA A 57  ? ALA A 36  . ? 1_555  ? 
6  AC1 22 LYS A 62  ? LYS A 41  . ? 1_555  ? 
7  AC1 22 GLY A 92  ? GLY A 71  . ? 1_555  ? 
8  AC1 22 LEU A 93  ? LEU A 72  . ? 1_555  ? 
9  AC1 22 LEU A 94  ? LEU A 73  . ? 1_555  ? 
10 AC1 22 ARG A 108 ? ARG A 87  . ? 1_555  ? 
11 AC1 22 TYR A 118 ? TYR A 97  . ? 1_555  ? 
12 AC1 22 ASN A 126 ? ASN A 105 . ? 1_555  ? 
13 AC1 22 ILE A 151 ? ILE A 130 . ? 12_555 ? 
14 AC1 22 GLU A 154 ? GLU A 133 . ? 12_555 ? 
15 AC1 22 LEU A 158 ? LEU A 137 . ? 12_555 ? 
16 AC1 22 HOH G .   ? HOH A 184 . ? 1_555  ? 
17 AC1 22 HOH G .   ? HOH A 214 . ? 1_555  ? 
18 AC1 22 HOH G .   ? HOH A 232 . ? 1_555  ? 
19 AC1 22 HOH G .   ? HOH A 262 . ? 1_555  ? 
20 AC1 22 HOH G .   ? HOH A 266 . ? 12_555 ? 
21 AC1 22 HOH G .   ? HOH A 301 . ? 1_555  ? 
22 AC1 22 HOH G .   ? HOH A 306 . ? 1_555  ? 
23 AC2 9  GLY A 37  ? GLY A 16  . ? 1_555  ? 
24 AC2 9  ARG A 111 ? ARG A 90  . ? 1_555  ? 
25 AC2 9  PRO A 140 ? PRO A 119 . ? 1_555  ? 
26 AC2 9  TYR A 144 ? TYR A 123 . ? 1_555  ? 
27 AC2 9  ILE A 147 ? ILE A 126 . ? 1_555  ? 
28 AC2 9  ACT E .   ? ACT A 170 . ? 1_555  ? 
29 AC2 9  SO4 F .   ? SO4 A 171 . ? 1_555  ? 
30 AC2 9  HOH G .   ? HOH A 197 . ? 1_555  ? 
31 AC2 9  HOH G .   ? HOH A 306 . ? 1_555  ? 
32 AC3 10 ASP A 58  ? ASP A 37  . ? 1_555  ? 
33 AC3 10 PHE A 66  ? PHE A 45  . ? 1_555  ? 
34 AC3 10 SER A 67  ? SER A 46  . ? 1_555  ? 
35 AC3 10 LEU A 68  ? LEU A 47  . ? 1_555  ? 
36 AC3 10 GLU A 69  ? GLU A 48  . ? 1_555  ? 
37 AC3 10 ARG A 71  ? ARG A 50  . ? 1_555  ? 
38 AC3 10 GLU A 176 ? GLU A 155 . ? 21_555 ? 
39 AC3 10 ALA A 179 ? ALA A 158 . ? 21_555 ? 
40 AC3 10 ALA A 180 ? ALA A 159 . ? 21_555 ? 
41 AC3 10 HOH G .   ? HOH A 225 . ? 1_555  ? 
42 AC4 5  SER A 148 ? SER A 127 . ? 1_555  ? 
43 AC4 5  GLY A 149 ? GLY A 128 . ? 1_555  ? 
44 AC4 5  THR A 150 ? THR A 129 . ? 1_555  ? 
45 AC4 5  ADE C .   ? ADE A 168 . ? 1_555  ? 
46 AC4 5  HOH G .   ? HOH A 193 . ? 1_555  ? 
47 AC5 7  ARG A 111 ? ARG A 90  . ? 1_555  ? 
48 AC5 7  SER A 114 ? SER A 93  . ? 1_555  ? 
49 AC5 7  ASP A 115 ? ASP A 94  . ? 1_555  ? 
50 AC5 7  TYR A 118 ? TYR A 97  . ? 1_555  ? 
51 AC5 7  GLU A 119 ? GLU A 98  . ? 1_555  ? 
52 AC5 7  ADE C .   ? ADE A 168 . ? 1_555  ? 
53 AC5 7  HOH G .   ? HOH A 307 . ? 1_555  ? 
# 
_atom_sites.entry_id                    3K9W 
_atom_sites.fract_transf_matrix[1][1]   -0.00441331 
_atom_sites.fract_transf_matrix[1][2]   0.00582094 
_atom_sites.fract_transf_matrix[1][3]   0.00140646 
_atom_sites.fract_transf_matrix[2][1]   0.00338954 
_atom_sites.fract_transf_matrix[2][2]   0.00386846 
_atom_sites.fract_transf_matrix[2][3]   -0.00537446 
_atom_sites.fract_transf_matrix[3][1]   -0.00493684 
_atom_sites.fract_transf_matrix[3][2]   -0.00254764 
_atom_sites.fract_transf_matrix[3][3]   -0.00494731 
_atom_sites.fract_transf_vector[1]      -0.152850 
_atom_sites.fract_transf_vector[2]      0.299526 
_atom_sites.fract_transf_vector[3]      -0.112457 
# 
loop_
_atom_type.symbol 
C 
N 
O 
P 
S 
# 
loop_
_atom_site.group_PDB 
_atom_site.id 
_atom_site.type_symbol 
_atom_site.label_atom_id 
_atom_site.label_alt_id 
_atom_site.label_comp_id 
_atom_site.label_asym_id 
_atom_site.label_entity_id 
_atom_site.label_seq_id 
_atom_site.pdbx_PDB_ins_code 
_atom_site.Cartn_x 
_atom_site.Cartn_y 
_atom_site.Cartn_z 
_atom_site.occupancy 
_atom_site.B_iso_or_equiv 
_atom_site.pdbx_formal_charge 
_atom_site.auth_seq_id 
_atom_site.auth_comp_id 
_atom_site.auth_asym_id 
_atom_site.auth_atom_id 
_atom_site.pdbx_PDB_model_num 
ATOM   1    N N   . GLY A 1 20  ? 13.433  -2.784  -25.061 1.00 29.02 ? -1  GLY A N   1 
ATOM   2    C CA  . GLY A 1 20  ? 13.895  -3.664  -23.945 1.00 28.61 ? -1  GLY A CA  1 
ATOM   3    C C   . GLY A 1 20  ? 12.916  -4.780  -23.629 1.00 28.43 ? -1  GLY A C   1 
ATOM   4    O O   . GLY A 1 20  ? 12.829  -5.771  -24.360 1.00 28.92 ? -1  GLY A O   1 
ATOM   5    N N   . SER A 1 21  ? 12.193  -4.624  -22.524 1.00 27.65 ? 0   SER A N   1 
ATOM   6    C CA  . SER A 1 21  ? 11.137  -5.564  -22.145 1.00 27.04 ? 0   SER A CA  1 
ATOM   7    C C   . SER A 1 21  ? 10.013  -4.822  -21.432 1.00 26.23 ? 0   SER A C   1 
ATOM   8    O O   . SER A 1 21  ? 10.206  -3.686  -20.981 1.00 26.61 ? 0   SER A O   1 
ATOM   9    C CB  . SER A 1 21  ? 11.687  -6.675  -21.249 1.00 27.23 ? 0   SER A CB  1 
ATOM   10   O OG  . SER A 1 21  ? 12.210  -6.141  -20.040 1.00 27.60 ? 0   SER A OG  1 
ATOM   11   N N   . MET A 1 22  ? 8.843   -5.452  -21.353 1.00 24.87 ? 1   MET A N   1 
ATOM   12   C CA  . MET A 1 22  ? 7.717   -4.907  -20.595 1.00 23.49 ? 1   MET A CA  1 
ATOM   13   C C   . MET A 1 22  ? 7.592   -5.672  -19.280 1.00 21.56 ? 1   MET A C   1 
ATOM   14   O O   . MET A 1 22  ? 7.275   -6.866  -19.272 1.00 21.77 ? 1   MET A O   1 
ATOM   15   C CB  . MET A 1 22  ? 6.419   -5.011  -21.407 1.00 24.41 ? 1   MET A CB  1 
ATOM   16   C CG  . MET A 1 22  ? 5.259   -4.184  -20.858 1.00 26.89 ? 1   MET A CG  1 
ATOM   17   S SD  . MET A 1 22  ? 5.335   -2.445  -21.344 1.00 32.98 ? 1   MET A SD  1 
ATOM   18   C CE  . MET A 1 22  ? 4.936   -2.546  -23.093 1.00 31.40 ? 1   MET A CE  1 
ATOM   19   N N   . VAL A 1 23  ? 7.862   -4.992  -18.166 1.00 18.64 ? 2   VAL A N   1 
ATOM   20   C CA  . VAL A 1 23  ? 7.777   -5.628  -16.856 1.00 16.33 ? 2   VAL A CA  1 
ATOM   21   C C   . VAL A 1 23  ? 6.715   -4.924  -16.022 1.00 14.52 ? 2   VAL A C   1 
ATOM   22   O O   . VAL A 1 23  ? 6.782   -3.717  -15.814 1.00 14.33 ? 2   VAL A O   1 
ATOM   23   C CB  . VAL A 1 23  ? 9.132   -5.611  -16.095 1.00 16.17 ? 2   VAL A CB  1 
ATOM   24   C CG1 . VAL A 1 23  ? 8.981   -6.291  -14.733 1.00 17.10 ? 2   VAL A CG1 1 
ATOM   25   C CG2 . VAL A 1 23  ? 10.218  -6.302  -16.913 1.00 16.72 ? 2   VAL A CG2 1 
ATOM   26   N N   . VAL A 1 24  ? 5.735   -5.699  -15.577 1.00 12.51 ? 3   VAL A N   1 
ATOM   27   C CA  . VAL A 1 24  ? 4.694   -5.218  -14.672 1.00 10.77 ? 3   VAL A CA  1 
ATOM   28   C C   . VAL A 1 24  ? 5.046   -5.669  -13.261 1.00 10.05 ? 3   VAL A C   1 
ATOM   29   O O   . VAL A 1 24  ? 5.418   -6.822  -13.046 1.00 10.29 ? 3   VAL A O   1 
ATOM   30   C CB  . VAL A 1 24  ? 3.316   -5.807  -15.042 1.00 10.17 ? 3   VAL A CB  1 
ATOM   31   C CG1 . VAL A 1 24  ? 2.238   -5.288  -14.086 1.00 10.30 ? 3   VAL A CG1 1 
ATOM   32   C CG2 . VAL A 1 24  ? 2.952   -5.471  -16.489 1.00 11.05 ? 3   VAL A CG2 1 
ATOM   33   N N   . ALA A 1 25  ? 4.940   -4.744  -12.309 1.00 9.23  ? 4   ALA A N   1 
ATOM   34   C CA  . ALA A 1 25  ? 5.113   -5.051  -10.897 1.00 9.00  ? 4   ALA A CA  1 
ATOM   35   C C   . ALA A 1 25  ? 3.819   -4.756  -10.165 1.00 9.42  ? 4   ALA A C   1 
ATOM   36   O O   . ALA A 1 25  ? 3.100   -3.824  -10.534 1.00 9.77  ? 4   ALA A O   1 
ATOM   37   C CB  . ALA A 1 25  ? 6.224   -4.203  -10.300 1.00 9.44  ? 4   ALA A CB  1 
ATOM   38   N N   . VAL A 1 26  ? 3.558   -5.534  -9.114  1.00 8.77  ? 5   VAL A N   1 
ATOM   39   C CA  . VAL A 1 26  ? 2.442   -5.303  -8.205  1.00 8.86  ? 5   VAL A CA  1 
ATOM   40   C C   . VAL A 1 26  ? 2.985   -4.815  -6.864  1.00 8.55  ? 5   VAL A C   1 
ATOM   41   O O   . VAL A 1 26  ? 3.916   -5.406  -6.329  1.00 9.15  ? 5   VAL A O   1 
ATOM   42   C CB  . VAL A 1 26  ? 1.623   -6.592  -7.982  1.00 8.90  ? 5   VAL A CB  1 
ATOM   43   C CG1 . VAL A 1 26  ? 0.610   -6.394  -6.840  1.00 10.60 ? 5   VAL A CG1 1 
ATOM   44   C CG2 . VAL A 1 26  ? 0.897   -6.968  -9.272  1.00 9.47  ? 5   VAL A CG2 1 
ATOM   45   N N   . TYR A 1 27  ? 2.382   -3.753  -6.333  1.00 8.49  ? 6   TYR A N   1 
ATOM   46   C CA  . TYR A 1 27  ? 2.665   -3.236  -4.991  1.00 8.93  ? 6   TYR A CA  1 
ATOM   47   C C   . TYR A 1 27  ? 1.403   -3.467  -4.181  1.00 8.59  ? 6   TYR A C   1 
ATOM   48   O O   . TYR A 1 27  ? 0.453   -2.686  -4.280  1.00 9.25  ? 6   TYR A O   1 
ATOM   49   C CB  . TYR A 1 27  ? 2.986   -1.742  -5.070  1.00 9.41  ? 6   TYR A CB  1 
ATOM   50   C CG  . TYR A 1 27  ? 3.273   -1.033  -3.767  1.00 9.90  ? 6   TYR A CG  1 
ATOM   51   C CD1 . TYR A 1 27  ? 4.076   -1.609  -2.788  1.00 11.85 ? 6   TYR A CD1 1 
ATOM   52   C CD2 . TYR A 1 27  ? 2.757   0.234   -3.533  1.00 12.37 ? 6   TYR A CD2 1 
ATOM   53   C CE1 . TYR A 1 27  ? 4.347   -0.930  -1.591  1.00 12.92 ? 6   TYR A CE1 1 
ATOM   54   C CE2 . TYR A 1 27  ? 3.038   0.924   -2.362  1.00 12.00 ? 6   TYR A CE2 1 
ATOM   55   C CZ  . TYR A 1 27  ? 3.819   0.337   -1.403  1.00 10.76 ? 6   TYR A CZ  1 
ATOM   56   O OH  . TYR A 1 27  ? 4.079   1.012   -0.232  1.00 12.42 ? 6   TYR A OH  1 
ATOM   57   N N   . PRO A 1 28  ? 1.378   -4.548  -3.394  1.00 8.88  ? 7   PRO A N   1 
ATOM   58   C CA  . PRO A 1 28  ? 0.157   -4.913  -2.684  1.00 8.98  ? 7   PRO A CA  1 
ATOM   59   C C   . PRO A 1 28  ? 0.158   -4.382  -1.261  1.00 9.16  ? 7   PRO A C   1 
ATOM   60   O O   . PRO A 1 28  ? 1.214   -4.235  -0.656  1.00 11.01 ? 7   PRO A O   1 
ATOM   61   C CB  . PRO A 1 28  ? 0.213   -6.435  -2.671  1.00 9.22  ? 7   PRO A CB  1 
ATOM   62   C CG  . PRO A 1 28  ? 1.705   -6.726  -2.567  1.00 9.07  ? 7   PRO A CG  1 
ATOM   63   C CD  . PRO A 1 28  ? 2.416   -5.598  -3.289  1.00 9.09  ? 7   PRO A CD  1 
ATOM   64   N N   . GLY A 1 29  ? -1.023  -4.144  -0.714  1.00 8.72  ? 8   GLY A N   1 
ATOM   65   C CA  . GLY A 1 29  ? -1.114  -3.709  0.681   1.00 8.73  ? 8   GLY A CA  1 
ATOM   66   C C   . GLY A 1 29  ? -2.550  -3.546  1.098   1.00 9.01  ? 8   GLY A C   1 
ATOM   67   O O   . GLY A 1 29  ? -3.470  -3.677  0.281   1.00 9.26  ? 8   GLY A O   1 
ATOM   68   N N   . THR A 1 30  ? -2.753  -3.301  2.384   1.00 8.86  ? 9   THR A N   1 
ATOM   69   C CA  . THR A 1 30  ? -4.097  -2.990  2.876   1.00 9.74  ? 9   THR A CA  1 
ATOM   70   C C   . THR A 1 30  ? -4.410  -1.502  2.646   1.00 10.09 ? 9   THR A C   1 
ATOM   71   O O   . THR A 1 30  ? -5.542  -1.138  2.318   1.00 9.67  ? 9   THR A O   1 
ATOM   72   C CB  . THR A 1 30  ? -4.246  -3.429  4.341   1.00 10.01 ? 9   THR A CB  1 
ATOM   73   O OG1 . THR A 1 30  ? -4.036  -4.842  4.423   1.00 10.67 ? 9   THR A OG1 1 
ATOM   74   C CG2 . THR A 1 30  ? -5.649  -3.127  4.863   1.00 10.39 ? 9   THR A CG2 1 
ATOM   75   N N   . PHE A 1 31  ? -3.396  -0.649  2.783   1.00 10.08 ? 10  PHE A N   1 
ATOM   76   C CA  . PHE A 1 31  ? -3.510  0.793   2.488   1.00 10.01 ? 10  PHE A CA  1 
ATOM   77   C C   . PHE A 1 31  ? -4.679  1.441   3.224   1.00 10.61 ? 10  PHE A C   1 
ATOM   78   O O   . PHE A 1 31  ? -5.583  2.026   2.615   1.00 11.40 ? 10  PHE A O   1 
ATOM   79   C CB  . PHE A 1 31  ? -3.552  1.074   0.976   1.00 10.32 ? 10  PHE A CB  1 
ATOM   80   C CG  . PHE A 1 31  ? -2.387  0.499   0.221   1.00 10.90 ? 10  PHE A CG  1 
ATOM   81   C CD1 . PHE A 1 31  ? -2.586  -0.487  -0.743  1.00 11.67 ? 10  PHE A CD1 1 
ATOM   82   C CD2 . PHE A 1 31  ? -1.081  0.941   0.479   1.00 12.72 ? 10  PHE A CD2 1 
ATOM   83   C CE1 . PHE A 1 31  ? -1.503  -1.024  -1.450  1.00 11.40 ? 10  PHE A CE1 1 
ATOM   84   C CE2 . PHE A 1 31  ? 0.009   0.399   -0.213  1.00 14.31 ? 10  PHE A CE2 1 
ATOM   85   C CZ  . PHE A 1 31  ? -0.206  -0.580  -1.181  1.00 13.73 ? 10  PHE A CZ  1 
ATOM   86   N N   . ASP A 1 32  ? -4.616  1.339   4.548   1.00 10.98 ? 11  ASP A N   1 
ATOM   87   C CA  . ASP A 1 32  ? -5.686  1.778   5.452   1.00 11.59 ? 11  ASP A CA  1 
ATOM   88   C C   . ASP A 1 32  ? -5.253  2.930   6.380   1.00 12.18 ? 11  ASP A C   1 
ATOM   89   O O   . ASP A 1 32  ? -5.127  2.732   7.583   1.00 13.37 ? 11  ASP A O   1 
ATOM   90   C CB  . ASP A 1 32  ? -6.150  0.565   6.285   1.00 11.78 ? 11  ASP A CB  1 
ATOM   91   C CG  . ASP A 1 32  ? -7.382  0.856   7.131   1.00 12.62 ? 11  ASP A CG  1 
ATOM   92   O OD1 . ASP A 1 32  ? -8.263  1.609   6.666   1.00 12.53 ? 11  ASP A OD1 1 
ATOM   93   O OD2 . ASP A 1 32  ? -7.476  0.312   8.260   1.00 13.54 ? 11  ASP A OD2 1 
ATOM   94   N N   . PRO A 1 33  ? -5.039  4.140   5.833   1.00 12.15 ? 12  PRO A N   1 
ATOM   95   C CA  . PRO A 1 33  ? -5.122  4.564   4.449   1.00 11.76 ? 12  PRO A CA  1 
ATOM   96   C C   . PRO A 1 33  ? -3.734  4.592   3.803   1.00 11.07 ? 12  PRO A C   1 
ATOM   97   O O   . PRO A 1 33  ? -2.736  4.307   4.471   1.00 12.06 ? 12  PRO A O   1 
ATOM   98   C CB  . PRO A 1 33  ? -5.652  5.992   4.583   1.00 12.22 ? 12  PRO A CB  1 
ATOM   99   C CG  . PRO A 1 33  ? -4.961  6.490   5.809   1.00 12.53 ? 12  PRO A CG  1 
ATOM   100  C CD  . PRO A 1 33  ? -4.781  5.298   6.722   1.00 12.57 ? 12  PRO A CD  1 
ATOM   101  N N   . LEU A 1 34  ? -3.692  4.958   2.529   1.00 10.99 ? 13  LEU A N   1 
ATOM   102  C CA  . LEU A 1 34  ? -2.442  5.270   1.833   1.00 10.39 ? 13  LEU A CA  1 
ATOM   103  C C   . LEU A 1 34  ? -1.725  6.425   2.555   1.00 10.32 ? 13  LEU A C   1 
ATOM   104  O O   . LEU A 1 34  ? -2.319  7.491   2.766   1.00 9.75  ? 13  LEU A O   1 
ATOM   105  C CB  . LEU A 1 34  ? -2.739  5.654   0.382   1.00 11.05 ? 13  LEU A CB  1 
ATOM   106  C CG  . LEU A 1 34  ? -1.516  5.748   -0.522  1.00 11.35 ? 13  LEU A CG  1 
ATOM   107  C CD1 . LEU A 1 34  ? -1.221  4.387   -1.132  1.00 14.35 ? 13  LEU A CD1 1 
ATOM   108  C CD2 . LEU A 1 34  ? -1.739  6.776   -1.625  1.00 13.91 ? 13  LEU A CD2 1 
ATOM   109  N N   . THR A 1 35  ? -0.473  6.203   2.945   1.00 9.58  ? 14  THR A N   1 
ATOM   110  C CA  . THR A 1 35  ? 0.337   7.239   3.624   1.00 9.75  ? 14  THR A CA  1 
ATOM   111  C C   . THR A 1 35  ? 1.343   7.869   2.662   1.00 9.74  ? 14  THR A C   1 
ATOM   112  O O   . THR A 1 35  ? 1.478   7.451   1.502   1.00 9.22  ? 14  THR A O   1 
ATOM   113  C CB  . THR A 1 35  ? 1.135   6.695   4.837   1.00 10.17 ? 14  THR A CB  1 
ATOM   114  O OG1 . THR A 1 35  ? 2.228   5.884   4.366   1.00 10.99 ? 14  THR A OG1 1 
ATOM   115  C CG2 . THR A 1 35  ? 0.246   5.879   5.769   1.00 11.56 ? 14  THR A CG2 1 
ATOM   116  N N   . ARG A 1 36  ? 2.069   8.868   3.158   1.00 9.37  ? 15  ARG A N   1 
ATOM   117  C CA  . ARG A 1 36  ? 3.135   9.477   2.374   1.00 8.88  ? 15  ARG A CA  1 
ATOM   118  C C   . ARG A 1 36  ? 4.263   8.486   2.104   1.00 8.78  ? 15  ARG A C   1 
ATOM   119  O O   . ARG A 1 36  ? 4.953   8.608   1.093   1.00 9.40  ? 15  ARG A O   1 
ATOM   120  C CB  . ARG A 1 36  ? 3.678   10.717  3.083   1.00 8.22  ? 15  ARG A CB  1 
ATOM   121  C CG  . ARG A 1 36  ? 2.697   11.882  3.038   1.00 7.89  ? 15  ARG A CG  1 
ATOM   122  C CD  . ARG A 1 36  ? 3.267   13.078  3.797   1.00 8.62  ? 15  ARG A CD  1 
ATOM   123  N NE  . ARG A 1 36  ? 2.285   14.161  3.940   1.00 9.07  ? 15  ARG A NE  1 
ATOM   124  C CZ  . ARG A 1 36  ? 2.101   15.133  3.047   1.00 11.22 ? 15  ARG A CZ  1 
ATOM   125  N NH1 . ARG A 1 36  ? 2.814   15.154  1.917   1.00 11.81 ? 15  ARG A NH1 1 
ATOM   126  N NH2 . ARG A 1 36  ? 1.194   16.082  3.272   1.00 10.87 ? 15  ARG A NH2 1 
ATOM   127  N N   . GLY A 1 37  ? 4.446   7.521   3.001   1.00 8.72  ? 16  GLY A N   1 
ATOM   128  C CA  . GLY A 1 37  ? 5.440   6.459   2.790   1.00 8.97  ? 16  GLY A CA  1 
ATOM   129  C C   . GLY A 1 37  ? 5.063   5.613   1.583   1.00 9.59  ? 16  GLY A C   1 
ATOM   130  O O   . GLY A 1 37  ? 5.903   5.360   0.702   1.00 9.35  ? 16  GLY A O   1 
ATOM   131  N N   . HIS A 1 38  ? 3.799   5.187   1.528   1.00 9.74  ? 17  HIS A N   1 
ATOM   132  C CA  . HIS A 1 38  ? 3.314   4.400   0.379   1.00 9.46  ? 17  HIS A CA  1 
ATOM   133  C C   . HIS A 1 38  ? 3.424   5.172   -0.929  1.00 9.91  ? 17  HIS A C   1 
ATOM   134  O O   . HIS A 1 38  ? 3.832   4.625   -1.956  1.00 9.79  ? 17  HIS A O   1 
ATOM   135  C CB  . HIS A 1 38  ? 1.841   4.014   0.547   1.00 9.77  ? 17  HIS A CB  1 
ATOM   136  C CG  . HIS A 1 38  ? 1.553   3.169   1.744   1.00 9.81  ? 17  HIS A CG  1 
ATOM   137  N ND1 . HIS A 1 38  ? 0.544   3.472   2.632   1.00 10.17 ? 17  HIS A ND1 1 
ATOM   138  C CD2 . HIS A 1 38  ? 2.076   1.991   2.156   1.00 13.57 ? 17  HIS A CD2 1 
ATOM   139  C CE1 . HIS A 1 38  ? 0.498   2.551   3.577   1.00 12.54 ? 17  HIS A CE1 1 
ATOM   140  N NE2 . HIS A 1 38  ? 1.412   1.634   3.306   1.00 14.66 ? 17  HIS A NE2 1 
ATOM   141  N N   . GLU A 1 39  ? 3.021   6.439   -0.909  1.00 9.08  ? 18  GLU A N   1 
ATOM   142  C CA  . GLU A 1 39  ? 3.083   7.251   -2.109  1.00 9.83  ? 18  GLU A CA  1 
ATOM   143  C C   . GLU A 1 39  ? 4.503   7.380   -2.631  1.00 9.56  ? 18  GLU A C   1 
ATOM   144  O O   . GLU A 1 39  ? 4.731   7.341   -3.832  1.00 9.75  ? 18  GLU A O   1 
ATOM   145  C CB  . GLU A 1 39  ? 2.464   8.628   -1.863  1.00 9.73  ? 18  GLU A CB  1 
ATOM   146  C CG  . GLU A 1 39  ? 2.232   9.417   -3.158  1.00 12.20 ? 18  GLU A CG  1 
ATOM   147  C CD  . GLU A 1 39  ? 3.435   10.231  -3.621  1.00 13.49 ? 18  GLU A CD  1 
ATOM   148  O OE1 . GLU A 1 39  ? 4.434   10.372  -2.876  1.00 13.11 ? 18  GLU A OE1 1 
ATOM   149  O OE2 . GLU A 1 39  ? 3.377   10.751  -4.752  1.00 15.68 ? 18  GLU A OE2 1 
ATOM   150  N N   . ASP A 1 40  ? 5.463   7.532   -1.722  1.00 9.84  ? 19  ASP A N   1 
ATOM   151  C CA  . ASP A 1 40  ? 6.847   7.659   -2.146  1.00 9.86  ? 19  ASP A CA  1 
ATOM   152  C C   . ASP A 1 40  ? 7.317   6.361   -2.797  1.00 10.02 ? 19  ASP A C   1 
ATOM   153  O O   . ASP A 1 40  ? 8.042   6.389   -3.788  1.00 9.97  ? 19  ASP A O   1 
ATOM   154  C CB  . ASP A 1 40  ? 7.743   8.037   -0.967  1.00 9.97  ? 19  ASP A CB  1 
ATOM   155  C CG  . ASP A 1 40  ? 9.157   8.350   -1.402  1.00 11.85 ? 19  ASP A CG  1 
ATOM   156  O OD1 . ASP A 1 40  ? 9.354   9.359   -2.114  1.00 16.95 ? 19  ASP A OD1 1 
ATOM   157  O OD2 . ASP A 1 40  ? 10.057  7.576   -1.050  1.00 12.57 ? 19  ASP A OD2 1 
ATOM   158  N N   . LEU A 1 41  ? 6.874   5.233   -2.254  1.00 9.18  ? 20  LEU A N   1 
ATOM   159  C CA  . LEU A 1 41  ? 7.236   3.929   -2.809  1.00 10.10 ? 20  LEU A CA  1 
ATOM   160  C C   . LEU A 1 41  ? 6.630   3.791   -4.211  1.00 10.03 ? 20  LEU A C   1 
ATOM   161  O O   . LEU A 1 41  ? 7.274   3.288   -5.134  1.00 10.39 ? 20  LEU A O   1 
ATOM   162  C CB  . LEU A 1 41  ? 6.768   2.810   -1.866  1.00 10.61 ? 20  LEU A CB  1 
ATOM   163  C CG  . LEU A 1 41  ? 7.736   1.659   -1.599  1.00 14.26 ? 20  LEU A CG  1 
ATOM   164  C CD1 . LEU A 1 41  ? 7.988   0.865   -2.868  1.00 17.81 ? 20  LEU A CD1 1 
ATOM   165  C CD2 . LEU A 1 41  ? 9.063   2.189   -1.017  1.00 15.50 ? 20  LEU A CD2 1 
ATOM   166  N N   . VAL A 1 42  ? 5.394   4.260   -4.383  1.00 9.60  ? 21  VAL A N   1 
ATOM   167  C CA  . VAL A 1 42  ? 4.761   4.227   -5.717  1.00 9.85  ? 21  VAL A CA  1 
ATOM   168  C C   . VAL A 1 42  ? 5.523   5.092   -6.720  1.00 9.77  ? 21  VAL A C   1 
ATOM   169  O O   . VAL A 1 42  ? 5.801   4.658   -7.836  1.00 9.70  ? 21  VAL A O   1 
ATOM   170  C CB  . VAL A 1 42  ? 3.269   4.630   -5.663  1.00 9.78  ? 21  VAL A CB  1 
ATOM   171  C CG1 . VAL A 1 42  ? 2.690   4.799   -7.088  1.00 10.02 ? 21  VAL A CG1 1 
ATOM   172  C CG2 . VAL A 1 42  ? 2.483   3.605   -4.870  1.00 10.41 ? 21  VAL A CG2 1 
ATOM   173  N N   . ARG A 1 43  ? 5.897   6.305   -6.308  1.00 10.24 ? 22  ARG A N   1 
ATOM   174  C CA  . ARG A 1 43  ? 6.693   7.180   -7.162  1.00 10.96 ? 22  ARG A CA  1 
ATOM   175  C C   . ARG A 1 43  ? 7.988   6.477   -7.612  1.00 11.17 ? 22  ARG A C   1 
ATOM   176  O O   . ARG A 1 43  ? 8.314   6.441   -8.804  1.00 11.36 ? 22  ARG A O   1 
ATOM   177  C CB  . ARG A 1 43  ? 7.022   8.469   -6.405  1.00 11.16 ? 22  ARG A CB  1 
ATOM   178  C CG  . ARG A 1 43  ? 7.741   9.518   -7.243  1.00 13.49 ? 22  ARG A CG  1 
ATOM   179  C CD  . ARG A 1 43  ? 8.089   10.764  -6.423  1.00 17.40 ? 22  ARG A CD  1 
ATOM   180  N NE  . ARG A 1 43  ? 8.989   10.474  -5.305  1.00 20.48 ? 22  ARG A NE  1 
ATOM   181  C CZ  . ARG A 1 43  ? 10.302  10.248  -5.407  1.00 22.08 ? 22  ARG A CZ  1 
ATOM   182  N NH1 . ARG A 1 43  ? 10.917  10.270  -6.587  1.00 24.67 ? 22  ARG A NH1 1 
ATOM   183  N NH2 . ARG A 1 43  ? 11.011  9.996   -4.315  1.00 24.29 ? 22  ARG A NH2 1 
ATOM   184  N N   . ARG A 1 44  ? 8.713   5.908   -6.654  1.00 10.61 ? 23  ARG A N   1 
ATOM   185  C CA  . ARG A 1 44  ? 9.981   5.238   -6.941  1.00 10.77 ? 23  ARG A CA  1 
ATOM   186  C C   . ARG A 1 44  ? 9.823   3.991   -7.820  1.00 10.67 ? 23  ARG A C   1 
ATOM   187  O O   . ARG A 1 44  ? 10.533  3.835   -8.821  1.00 11.19 ? 23  ARG A O   1 
ATOM   188  C CB  . ARG A 1 44  ? 10.720  4.912   -5.636  1.00 10.92 ? 23  ARG A CB  1 
ATOM   189  C CG  . ARG A 1 44  ? 11.103  6.142   -4.821  1.00 12.28 ? 23  ARG A CG  1 
ATOM   190  C CD  . ARG A 1 44  ? 11.860  5.727   -3.570  1.00 13.72 ? 23  ARG A CD  1 
ATOM   191  N NE  . ARG A 1 44  ? 12.215  6.890   -2.767  1.00 16.46 ? 23  ARG A NE  1 
ATOM   192  C CZ  . ARG A 1 44  ? 13.236  7.702   -3.029  1.00 18.93 ? 23  ARG A CZ  1 
ATOM   193  N NH1 . ARG A 1 44  ? 13.472  8.742   -2.246  1.00 20.12 ? 23  ARG A NH1 1 
ATOM   194  N NH2 . ARG A 1 44  ? 14.032  7.475   -4.073  1.00 20.80 ? 23  ARG A NH2 1 
ATOM   195  N N   . ALA A 1 45  ? 8.876   3.124   -7.466  1.00 10.26 ? 24  ALA A N   1 
ATOM   196  C CA  . ALA A 1 45  ? 8.645   1.885   -8.209  1.00 9.93  ? 24  ALA A CA  1 
ATOM   197  C C   . ALA A 1 45  ? 8.135   2.145   -9.621  1.00 10.22 ? 24  ALA A C   1 
ATOM   198  O O   . ALA A 1 45  ? 8.495   1.433   -10.549 1.00 10.04 ? 24  ALA A O   1 
ATOM   199  C CB  . ALA A 1 45  ? 7.667   0.975   -7.449  1.00 9.81  ? 24  ALA A CB  1 
ATOM   200  N N   . SER A 1 46  ? 7.289   3.155   -9.781  1.00 10.58 ? 25  SER A N   1 
ATOM   201  C CA  . SER A 1 46  ? 6.729   3.433   -11.107 1.00 11.24 ? 25  SER A CA  1 
ATOM   202  C C   . SER A 1 46  ? 7.760   4.046   -12.050 1.00 11.62 ? 25  SER A C   1 
ATOM   203  O O   . SER A 1 46  ? 7.542   4.093   -13.258 1.00 11.25 ? 25  SER A O   1 
ATOM   204  C CB  . SER A 1 46  ? 5.482   4.307   -11.010 1.00 11.50 ? 25  SER A CB  1 
ATOM   205  O OG  . SER A 1 46  ? 5.800   5.607   -10.575 1.00 13.31 ? 25  SER A OG  1 
ATOM   206  N N   . SER A 1 47  ? 8.883   4.509   -11.495 1.00 11.77 ? 26  SER A N   1 
ATOM   207  C CA  A SER A 1 47  ? 9.978   5.041   -12.305 0.50 12.20 ? 26  SER A CA  1 
ATOM   208  C CA  B SER A 1 47  ? 9.980   5.040   -12.303 0.50 12.56 ? 26  SER A CA  1 
ATOM   209  C C   . SER A 1 47  ? 10.842  3.916   -12.872 1.00 12.48 ? 26  SER A C   1 
ATOM   210  O O   . SER A 1 47  ? 11.590  4.124   -13.828 1.00 13.66 ? 26  SER A O   1 
ATOM   211  C CB  A SER A 1 47  ? 10.851  5.990   -11.483 0.50 12.21 ? 26  SER A CB  1 
ATOM   212  C CB  B SER A 1 47  ? 10.855  5.982   -11.476 0.50 12.63 ? 26  SER A CB  1 
ATOM   213  O OG  A SER A 1 47  ? 11.817  5.276   -10.724 0.50 12.08 ? 26  SER A OG  1 
ATOM   214  O OG  B SER A 1 47  ? 10.118  7.093   -10.997 0.50 14.63 ? 26  SER A OG  1 
ATOM   215  N N   . ILE A 1 48  ? 10.738  2.734   -12.274 1.00 12.31 ? 27  ILE A N   1 
ATOM   216  C CA  . ILE A 1 48  ? 11.551  1.574   -12.665 1.00 12.40 ? 27  ILE A CA  1 
ATOM   217  C C   . ILE A 1 48  ? 10.770  0.637   -13.581 1.00 12.10 ? 27  ILE A C   1 
ATOM   218  O O   . ILE A 1 48  ? 11.286  0.165   -14.607 1.00 12.17 ? 27  ILE A O   1 
ATOM   219  C CB  . ILE A 1 48  ? 12.083  0.792   -11.414 1.00 12.83 ? 27  ILE A CB  1 
ATOM   220  C CG1 . ILE A 1 48  ? 12.961  1.695   -10.531 1.00 13.78 ? 27  ILE A CG1 1 
ATOM   221  C CG2 . ILE A 1 48  ? 12.832  -0.488  -11.824 1.00 13.49 ? 27  ILE A CG2 1 
ATOM   222  C CD1 . ILE A 1 48  ? 14.126  2.380   -11.238 1.00 16.86 ? 27  ILE A CD1 1 
ATOM   223  N N   . PHE A 1 49  ? 9.521   0.365   -13.221 1.00 11.55 ? 28  PHE A N   1 
ATOM   224  C CA  . PHE A 1 49  ? 8.721   -0.613  -13.950 1.00 11.40 ? 28  PHE A CA  1 
ATOM   225  C C   . PHE A 1 49  ? 7.834   0.031   -15.001 1.00 11.34 ? 28  PHE A C   1 
ATOM   226  O O   . PHE A 1 49  ? 7.434   1.183   -14.868 1.00 11.95 ? 28  PHE A O   1 
ATOM   227  C CB  . PHE A 1 49  ? 7.920   -1.468  -12.959 1.00 11.23 ? 28  PHE A CB  1 
ATOM   228  C CG  . PHE A 1 49  ? 8.798   -2.261  -12.036 1.00 12.08 ? 28  PHE A CG  1 
ATOM   229  C CD1 . PHE A 1 49  ? 8.968   -1.880  -10.703 1.00 12.63 ? 28  PHE A CD1 1 
ATOM   230  C CD2 . PHE A 1 49  ? 9.516   -3.340  -12.523 1.00 13.38 ? 28  PHE A CD2 1 
ATOM   231  C CE1 . PHE A 1 49  ? 9.816   -2.599  -9.860  1.00 13.78 ? 28  PHE A CE1 1 
ATOM   232  C CE2 . PHE A 1 49  ? 10.365  -4.069  -11.687 1.00 14.09 ? 28  PHE A CE2 1 
ATOM   233  C CZ  . PHE A 1 49  ? 10.516  -3.696  -10.358 1.00 14.24 ? 28  PHE A CZ  1 
ATOM   234  N N   . ASP A 1 50  ? 7.539   -0.719  -16.055 1.00 11.41 ? 29  ASP A N   1 
ATOM   235  C CA  . ASP A 1 50  ? 6.720   -0.189  -17.136 1.00 12.08 ? 29  ASP A CA  1 
ATOM   236  C C   . ASP A 1 50  ? 5.309   0.119   -16.668 1.00 11.77 ? 29  ASP A C   1 
ATOM   237  O O   . ASP A 1 50  ? 4.753   1.160   -17.021 1.00 12.35 ? 29  ASP A O   1 
ATOM   238  C CB  . ASP A 1 50  ? 6.749   -1.133  -18.323 1.00 12.43 ? 29  ASP A CB  1 
ATOM   239  C CG  . ASP A 1 50  ? 8.152   -1.317  -18.855 1.00 14.63 ? 29  ASP A CG  1 
ATOM   240  O OD1 . ASP A 1 50  ? 8.728   -0.327  -19.348 1.00 18.10 ? 29  ASP A OD1 1 
ATOM   241  O OD2 . ASP A 1 50  ? 8.694   -2.436  -18.736 1.00 18.20 ? 29  ASP A OD2 1 
ATOM   242  N N   . THR A 1 51  ? 4.752   -0.777  -15.857 1.00 11.68 ? 30  THR A N   1 
ATOM   243  C CA  . THR A 1 51  ? 3.467   -0.557  -15.218 1.00 11.35 ? 30  THR A CA  1 
ATOM   244  C C   . THR A 1 51  ? 3.600   -0.958  -13.762 1.00 10.76 ? 30  THR A C   1 
ATOM   245  O O   . THR A 1 51  ? 4.235   -1.968  -13.457 1.00 10.26 ? 30  THR A O   1 
ATOM   246  C CB  . THR A 1 51  ? 2.364   -1.400  -15.898 1.00 11.73 ? 30  THR A CB  1 
ATOM   247  O OG1 . THR A 1 51  ? 2.254   -1.011  -17.273 1.00 14.63 ? 30  THR A OG1 1 
ATOM   248  C CG2 . THR A 1 51  ? 1.014   -1.196  -15.208 1.00 13.47 ? 30  THR A CG2 1 
ATOM   249  N N   . LEU A 1 52  ? 3.056   -0.135  -12.874 1.00 9.83  ? 31  LEU A N   1 
ATOM   250  C CA  . LEU A 1 52  ? 2.960   -0.495  -11.471 1.00 10.03 ? 31  LEU A CA  1 
ATOM   251  C C   . LEU A 1 52  ? 1.493   -0.634  -11.083 1.00 10.70 ? 31  LEU A C   1 
ATOM   252  O O   . LEU A 1 52  ? 0.724   0.330   -11.178 1.00 10.72 ? 31  LEU A O   1 
ATOM   253  C CB  . LEU A 1 52  ? 3.641   0.550   -10.600 1.00 10.66 ? 31  LEU A CB  1 
ATOM   254  C CG  . LEU A 1 52  ? 3.631   0.172   -9.123  1.00 10.87 ? 31  LEU A CG  1 
ATOM   255  C CD1 . LEU A 1 52  ? 4.647   -0.947  -8.849  1.00 10.78 ? 31  LEU A CD1 1 
ATOM   256  C CD2 . LEU A 1 52  ? 3.903   1.359   -8.257  1.00 15.38 ? 31  LEU A CD2 1 
ATOM   257  N N   . VAL A 1 53  ? 1.112   -1.834  -10.656 1.00 9.94  ? 32  VAL A N   1 
ATOM   258  C CA  . VAL A 1 53  ? -0.255  -2.071  -10.211 1.00 10.13 ? 32  VAL A CA  1 
ATOM   259  C C   . VAL A 1 53  ? -0.286  -2.010  -8.691  1.00 9.82  ? 32  VAL A C   1 
ATOM   260  O O   . VAL A 1 53  ? 0.370   -2.799  -8.022  1.00 11.00 ? 32  VAL A O   1 
ATOM   261  C CB  . VAL A 1 53  ? -0.775  -3.428  -10.725 1.00 9.56  ? 32  VAL A CB  1 
ATOM   262  C CG1 . VAL A 1 53  ? -2.190  -3.684  -10.207 1.00 11.72 ? 32  VAL A CG1 1 
ATOM   263  C CG2 . VAL A 1 53  ? -0.715  -3.461  -12.246 1.00 10.16 ? 32  VAL A CG2 1 
ATOM   264  N N   . VAL A 1 54  ? -1.044  -1.056  -8.151  1.00 9.54  ? 33  VAL A N   1 
ATOM   265  C CA  . VAL A 1 54  ? -1.223  -0.952  -6.712  1.00 9.51  ? 33  VAL A CA  1 
ATOM   266  C C   . VAL A 1 54  ? -2.422  -1.814  -6.376  1.00 9.47  ? 33  VAL A C   1 
ATOM   267  O O   . VAL A 1 54  ? -3.553  -1.521  -6.808  1.00 9.18  ? 33  VAL A O   1 
ATOM   268  C CB  . VAL A 1 54  ? -1.443  0.505   -6.248  1.00 10.39 ? 33  VAL A CB  1 
ATOM   269  C CG1 . VAL A 1 54  ? -1.771  0.549   -4.766  1.00 10.01 ? 33  VAL A CG1 1 
ATOM   270  C CG2 . VAL A 1 54  ? -0.206  1.349   -6.552  1.00 10.85 ? 33  VAL A CG2 1 
ATOM   271  N N   . GLY A 1 55  ? -2.161  -2.906  -5.665  1.00 8.62  ? 34  GLY A N   1 
ATOM   272  C CA  . GLY A 1 55  ? -3.192  -3.883  -5.339  1.00 8.69  ? 34  GLY A CA  1 
ATOM   273  C C   . GLY A 1 55  ? -3.666  -3.659  -3.922  1.00 8.91  ? 34  GLY A C   1 
ATOM   274  O O   . GLY A 1 55  ? -2.907  -3.859  -2.965  1.00 9.03  ? 34  GLY A O   1 
ATOM   275  N N   . VAL A 1 56  ? -4.917  -3.227  -3.786  1.00 8.50  ? 35  VAL A N   1 
ATOM   276  C CA  . VAL A 1 56  ? -5.502  -2.993  -2.470  1.00 8.39  ? 35  VAL A CA  1 
ATOM   277  C C   . VAL A 1 56  ? -6.295  -4.227  -2.045  1.00 8.04  ? 35  VAL A C   1 
ATOM   278  O O   . VAL A 1 56  ? -7.350  -4.547  -2.609  1.00 8.24  ? 35  VAL A O   1 
ATOM   279  C CB  . VAL A 1 56  ? -6.417  -1.756  -2.449  1.00 8.42  ? 35  VAL A CB  1 
ATOM   280  C CG1 . VAL A 1 56  ? -6.888  -1.474  -1.015  1.00 8.95  ? 35  VAL A CG1 1 
ATOM   281  C CG2 . VAL A 1 56  ? -5.704  -0.551  -3.037  1.00 9.93  ? 35  VAL A CG2 1 
ATOM   282  N N   . ALA A 1 57  ? -5.754  -4.940  -1.065  1.00 8.15  ? 36  ALA A N   1 
ATOM   283  C CA  . ALA A 1 57  ? -6.367  -6.164  -0.564  1.00 8.26  ? 36  ALA A CA  1 
ATOM   284  C C   . ALA A 1 57  ? -7.546  -5.856  0.344   1.00 8.37  ? 36  ALA A C   1 
ATOM   285  O O   . ALA A 1 57  ? -7.473  -4.956  1.184   1.00 8.74  ? 36  ALA A O   1 
ATOM   286  C CB  . ALA A 1 57  ? -5.333  -6.968  0.216   1.00 8.84  ? 36  ALA A CB  1 
ATOM   287  N N   . ASP A 1 58  ? -8.614  -6.636  0.209   1.00 8.63  ? 37  ASP A N   1 
ATOM   288  C CA  . ASP A 1 58  ? -9.781  -6.452  1.067   1.00 9.67  ? 37  ASP A CA  1 
ATOM   289  C C   . ASP A 1 58  ? -9.395  -6.528  2.546   1.00 10.09 ? 37  ASP A C   1 
ATOM   290  O O   . ASP A 1 58  ? -9.813  -5.688  3.349   1.00 9.86  ? 37  ASP A O   1 
ATOM   291  C CB  . ASP A 1 58  ? -10.880 -7.460  0.734   1.00 10.80 ? 37  ASP A CB  1 
ATOM   292  C CG  . ASP A 1 58  ? -12.229 -7.057  1.301   1.00 12.90 ? 37  ASP A CG  1 
ATOM   293  O OD1 . ASP A 1 58  ? -12.453 -5.856  1.525   1.00 15.66 ? 37  ASP A OD1 1 
ATOM   294  O OD2 . ASP A 1 58  ? -13.084 -7.940  1.495   1.00 18.95 ? 37  ASP A OD2 1 
ATOM   295  N N   . SER A 1 59  ? -8.596  -7.537  2.888   1.00 11.22 ? 38  SER A N   1 
ATOM   296  C CA  . SER A 1 59  ? -8.036  -7.692  4.244   1.00 12.07 ? 38  SER A CA  1 
ATOM   297  C C   . SER A 1 59  ? -9.101  -7.702  5.345   1.00 13.50 ? 38  SER A C   1 
ATOM   298  O O   . SER A 1 59  ? -8.929  -7.102  6.405   1.00 12.86 ? 38  SER A O   1 
ATOM   299  C CB  . SER A 1 59  ? -6.952  -6.634  4.512   1.00 11.71 ? 38  SER A CB  1 
ATOM   300  O OG  . SER A 1 59  ? -5.820  -6.840  3.679   1.00 11.94 ? 38  SER A OG  1 
ATOM   301  N N   . ARG A 1 60  ? -10.195 -8.405  5.083   1.00 15.40 ? 39  ARG A N   1 
ATOM   302  C CA  . ARG A 1 60  ? -11.329 -8.504  6.004   1.00 17.88 ? 39  ARG A CA  1 
ATOM   303  C C   . ARG A 1 60  ? -10.953 -8.784  7.452   1.00 18.83 ? 39  ARG A C   1 
ATOM   304  O O   . ARG A 1 60  ? -11.475 -8.138  8.375   1.00 19.64 ? 39  ARG A O   1 
ATOM   305  C CB  . ARG A 1 60  ? -12.246 -9.630  5.540   1.00 17.93 ? 39  ARG A CB  1 
ATOM   306  C CG  . ARG A 1 60  ? -13.155 -9.247  4.422   1.00 21.48 ? 39  ARG A CG  1 
ATOM   307  C CD  . ARG A 1 60  ? -14.167 -10.356 4.133   1.00 24.84 ? 39  ARG A CD  1 
ATOM   308  N NE  . ARG A 1 60  ? -14.648 -11.021 5.349   1.00 27.89 ? 39  ARG A NE  1 
ATOM   309  C CZ  . ARG A 1 60  ? -15.536 -10.513 6.206   1.00 29.83 ? 39  ARG A CZ  1 
ATOM   310  N NH1 . ARG A 1 60  ? -15.890 -11.212 7.277   1.00 30.92 ? 39  ARG A NH1 1 
ATOM   311  N NH2 . ARG A 1 60  ? -16.063 -9.308  6.008   1.00 30.84 ? 39  ARG A NH2 1 
ATOM   312  N N   . ALA A 1 61  ? -10.045 -9.744  7.634   1.00 20.19 ? 40  ALA A N   1 
ATOM   313  C CA  . ALA A 1 61  ? -9.651  -10.231 8.961   1.00 21.19 ? 40  ALA A CA  1 
ATOM   314  C C   . ALA A 1 61  ? -8.828  -9.224  9.745   1.00 21.23 ? 40  ALA A C   1 
ATOM   315  O O   . ALA A 1 61  ? -8.715  -9.329  10.978  1.00 22.56 ? 40  ALA A O   1 
ATOM   316  C CB  . ALA A 1 61  ? -8.893  -11.543 8.835   1.00 21.50 ? 40  ALA A CB  1 
ATOM   317  N N   . LYS A 1 62  ? -8.286  -8.248  9.050   1.00 20.71 ? 41  LYS A N   1 
ATOM   318  C CA  A LYS A 1 62  ? -7.515  -7.224  9.690   0.50 20.22 ? 41  LYS A CA  1 
ATOM   319  C CA  B LYS A 1 62  ? -7.493  -7.223  9.672   0.50 20.19 ? 41  LYS A CA  1 
ATOM   320  C C   . LYS A 1 62  ? -8.397  -6.134  10.215  1.00 19.64 ? 41  LYS A C   1 
ATOM   321  O O   . LYS A 1 62  ? -7.947  -5.257  10.839  1.00 20.07 ? 41  LYS A O   1 
ATOM   322  C CB  A LYS A 1 62  ? -6.492  -6.598  8.749   0.50 20.30 ? 41  LYS A CB  1 
ATOM   323  C CB  B LYS A 1 62  ? -6.459  -6.594  8.723   0.50 20.28 ? 41  LYS A CB  1 
ATOM   324  C CG  A LYS A 1 62  ? -5.481  -7.543  8.138   0.50 21.18 ? 41  LYS A CG  1 
ATOM   325  C CG  B LYS A 1 62  ? -5.390  -7.519  8.085   0.50 20.99 ? 41  LYS A CG  1 
ATOM   326  C CD  A LYS A 1 62  ? -4.205  -6.793  7.939   0.50 22.01 ? 41  LYS A CD  1 
ATOM   327  C CD  B LYS A 1 62  ? -4.097  -6.716  7.836   0.50 22.12 ? 41  LYS A CD  1 
ATOM   328  C CE  A LYS A 1 62  ? -3.440  -7.264  6.798   0.50 22.03 ? 41  LYS A CE  1 
ATOM   329  C CE  B LYS A 1 62  ? -3.307  -7.086  6.609   0.50 23.20 ? 41  LYS A CE  1 
ATOM   330  N NZ  A LYS A 1 62  ? -2.867  -6.067  6.312   0.50 22.84 ? 41  LYS A NZ  1 
ATOM   331  N NZ  B LYS A 1 62  ? -2.640  -8.438  6.623   0.50 23.54 ? 41  LYS A NZ  1 
ATOM   332  N N   . LYS A 1 63  ? -9.657  -6.210  9.916   1.00 18.39 ? 42  LYS A N   1 
ATOM   333  C CA  . LYS A 1 63  ? -10.670 -5.234  10.339  1.00 17.50 ? 42  LYS A CA  1 
ATOM   334  C C   . LYS A 1 63  ? -10.265 -3.800  9.992   1.00 15.78 ? 42  LYS A C   1 
ATOM   335  O O   . LYS A 1 63  ? -10.064 -2.970  10.891  1.00 15.41 ? 42  LYS A O   1 
ATOM   336  C CB  . LYS A 1 63  ? -11.002 -5.385  11.833  1.00 18.13 ? 42  LYS A CB  1 
ATOM   337  C CG  . LYS A 1 63  ? -11.752 -6.675  12.159  1.00 20.54 ? 42  LYS A CG  1 
ATOM   338  C CD  . LYS A 1 63  ? -12.116 -6.774  13.628  1.00 24.84 ? 42  LYS A CD  1 
ATOM   339  C CE  . LYS A 1 63  ? -12.804 -8.095  13.920  1.00 27.04 ? 42  LYS A CE  1 
ATOM   340  N NZ  . LYS A 1 63  ? -13.291 -8.176  15.325  1.00 29.74 ? 42  LYS A NZ  1 
ATOM   341  N N   . PRO A 1 64  ? -10.129 -3.503  8.683   1.00 13.94 ? 43  PRO A N   1 
ATOM   342  C CA  . PRO A 1 64  ? -9.660  -2.177  8.292   1.00 13.31 ? 43  PRO A CA  1 
ATOM   343  C C   . PRO A 1 64  ? -10.641 -1.079  8.680   1.00 12.54 ? 43  PRO A C   1 
ATOM   344  O O   . PRO A 1 64  ? -11.855 -1.302  8.743   1.00 12.47 ? 43  PRO A O   1 
ATOM   345  C CB  . PRO A 1 64  ? -9.542  -2.272  6.767   1.00 13.36 ? 43  PRO A CB  1 
ATOM   346  C CG  . PRO A 1 64  ? -9.461  -3.737  6.485   1.00 13.44 ? 43  PRO A CG  1 
ATOM   347  C CD  . PRO A 1 64  ? -10.355 -4.364  7.502   1.00 13.78 ? 43  PRO A CD  1 
ATOM   348  N N   . PHE A 1 65  ? -10.100 0.107   8.933   1.00 11.52 ? 44  PHE A N   1 
ATOM   349  C CA  . PHE A 1 65  ? -10.908 1.258   9.315   1.00 11.31 ? 44  PHE A CA  1 
ATOM   350  C C   . PHE A 1 65  ? -11.783 1.720   8.152   1.00 10.91 ? 44  PHE A C   1 
ATOM   351  O O   . PHE A 1 65  ? -12.994 1.935   8.316   1.00 11.71 ? 44  PHE A O   1 
ATOM   352  C CB  . PHE A 1 65  ? -9.963  2.369   9.779   1.00 11.47 ? 44  PHE A CB  1 
ATOM   353  C CG  . PHE A 1 65  ? -10.654 3.591   10.300  1.00 12.23 ? 44  PHE A CG  1 
ATOM   354  C CD1 . PHE A 1 65  ? -11.535 3.509   11.378  1.00 14.09 ? 44  PHE A CD1 1 
ATOM   355  C CD2 . PHE A 1 65  ? -10.397 4.828   9.737   1.00 14.09 ? 44  PHE A CD2 1 
ATOM   356  C CE1 . PHE A 1 65  ? -12.161 4.650   11.877  1.00 16.06 ? 44  PHE A CE1 1 
ATOM   357  C CE2 . PHE A 1 65  ? -11.011 5.975   10.235  1.00 16.49 ? 44  PHE A CE2 1 
ATOM   358  C CZ  . PHE A 1 65  ? -11.895 5.884   11.303  1.00 15.47 ? 44  PHE A CZ  1 
ATOM   359  N N   . PHE A 1 66  ? -11.174 1.838   6.977   1.00 9.91  ? 45  PHE A N   1 
ATOM   360  C CA  . PHE A 1 66  ? -11.885 2.176   5.748   1.00 9.33  ? 45  PHE A CA  1 
ATOM   361  C C   . PHE A 1 66  ? -12.287 0.912   5.007   1.00 9.33  ? 45  PHE A C   1 
ATOM   362  O O   . PHE A 1 66  ? -11.539 -0.064  4.979   1.00 9.68  ? 45  PHE A O   1 
ATOM   363  C CB  . PHE A 1 66  ? -10.990 3.007   4.824   1.00 9.04  ? 45  PHE A CB  1 
ATOM   364  C CG  . PHE A 1 66  ? -10.688 4.382   5.347   1.00 8.97  ? 45  PHE A CG  1 
ATOM   365  C CD1 . PHE A 1 66  ? -9.413  4.695   5.799   1.00 9.29  ? 45  PHE A CD1 1 
ATOM   366  C CD2 . PHE A 1 66  ? -11.675 5.355   5.372   1.00 9.04  ? 45  PHE A CD2 1 
ATOM   367  C CE1 . PHE A 1 66  ? -9.116  5.969   6.264   1.00 11.64 ? 45  PHE A CE1 1 
ATOM   368  C CE2 . PHE A 1 66  ? -11.395 6.634   5.843   1.00 9.92  ? 45  PHE A CE2 1 
ATOM   369  C CZ  . PHE A 1 66  ? -10.105 6.934   6.301   1.00 9.96  ? 45  PHE A CZ  1 
ATOM   370  N N   . SER A 1 67  ? -13.456 0.951   4.378   1.00 8.68  ? 46  SER A N   1 
ATOM   371  C CA  . SER A 1 67  ? -13.903 -0.142  3.501   1.00 9.33  ? 46  SER A CA  1 
ATOM   372  C C   . SER A 1 67  ? -12.984 -0.251  2.283   1.00 8.77  ? 46  SER A C   1 
ATOM   373  O O   . SER A 1 67  ? -12.246 0.686   1.968   1.00 8.88  ? 46  SER A O   1 
ATOM   374  C CB  . SER A 1 67  ? -15.329 0.137   3.040   1.00 9.52  ? 46  SER A CB  1 
ATOM   375  O OG  . SER A 1 67  ? -15.357 1.178   2.075   1.00 10.32 ? 46  SER A OG  1 
ATOM   376  N N   . LEU A 1 68  ? -13.035 -1.376  1.578   1.00 8.41  ? 47  LEU A N   1 
ATOM   377  C CA  . LEU A 1 68  ? -12.242 -1.484  0.352   1.00 8.33  ? 47  LEU A CA  1 
ATOM   378  C C   . LEU A 1 68  ? -12.576 -0.377  -0.656  1.00 9.04  ? 47  LEU A C   1 
ATOM   379  O O   . LEU A 1 68  ? -11.657 0.201   -1.259  1.00 8.89  ? 47  LEU A O   1 
ATOM   380  C CB  . LEU A 1 68  ? -12.390 -2.872  -0.292  1.00 8.36  ? 47  LEU A CB  1 
ATOM   381  C CG  . LEU A 1 68  ? -11.597 -3.129  -1.578  1.00 8.38  ? 47  LEU A CG  1 
ATOM   382  C CD1 . LEU A 1 68  ? -10.089 -2.966  -1.366  1.00 9.50  ? 47  LEU A CD1 1 
ATOM   383  C CD2 . LEU A 1 68  ? -11.918 -4.514  -2.122  1.00 8.97  ? 47  LEU A CD2 1 
ATOM   384  N N   . GLU A 1 69  ? -13.869 -0.086  -0.837  1.00 9.93  ? 48  GLU A N   1 
ATOM   385  C CA  . GLU A 1 69  ? -14.297 0.946   -1.787  1.00 10.74 ? 48  GLU A CA  1 
ATOM   386  C C   . GLU A 1 69  ? -13.674 2.279   -1.409  1.00 10.32 ? 48  GLU A C   1 
ATOM   387  O O   . GLU A 1 69  ? -13.156 2.987   -2.268  1.00 10.14 ? 48  GLU A O   1 
ATOM   388  C CB  . GLU A 1 69  ? -15.817 1.098   -1.823  1.00 11.74 ? 48  GLU A CB  1 
ATOM   389  C CG  . GLU A 1 69  ? -16.282 2.100   -2.892  1.00 15.50 ? 48  GLU A CG  1 
ATOM   390  C CD  . GLU A 1 69  ? -17.793 2.223   -3.013  1.00 21.42 ? 48  GLU A CD  1 
ATOM   391  O OE1 . GLU A 1 69  ? -18.541 1.439   -2.375  1.00 24.38 ? 48  GLU A OE1 1 
ATOM   392  O OE2 . GLU A 1 69  ? -18.238 3.118   -3.771  1.00 23.83 ? 48  GLU A OE2 1 
ATOM   393  N N   . GLU A 1 70  ? -13.700 2.582   -0.116  1.00 9.51  ? 49  GLU A N   1 
ATOM   394  C CA  . GLU A 1 70  ? -13.105 3.823   0.397   1.00 9.64  ? 49  GLU A CA  1 
ATOM   395  C C   . GLU A 1 70  ? -11.588 3.846   0.183   1.00 9.13  ? 49  GLU A C   1 
ATOM   396  O O   . GLU A 1 70  ? -11.026 4.844   -0.273  1.00 8.87  ? 49  GLU A O   1 
ATOM   397  C CB  . GLU A 1 70  ? -13.448 4.022   1.876   1.00 9.62  ? 49  GLU A CB  1 
ATOM   398  C CG  . GLU A 1 70  ? -14.928 4.308   2.115   1.00 11.57 ? 49  GLU A CG  1 
ATOM   399  C CD  . GLU A 1 70  ? -15.314 4.309   3.580   1.00 11.83 ? 49  GLU A CD  1 
ATOM   400  O OE1 . GLU A 1 70  ? -14.662 3.622   4.395   1.00 10.69 ? 49  GLU A OE1 1 
ATOM   401  O OE2 . GLU A 1 70  ? -16.310 4.990   3.918   1.00 13.13 ? 49  GLU A OE2 1 
ATOM   402  N N   . ARG A 1 71  ? -10.914 2.738   0.487   1.00 8.56  ? 50  ARG A N   1 
ATOM   403  C CA  . ARG A 1 71  ? -9.460  2.689   0.327   1.00 7.99  ? 50  ARG A CA  1 
ATOM   404  C C   . ARG A 1 71  ? -9.022  2.862   -1.138  1.00 8.40  ? 50  ARG A C   1 
ATOM   405  O O   . ARG A 1 71  ? -8.014  3.518   -1.423  1.00 8.43  ? 50  ARG A O   1 
ATOM   406  C CB  . ARG A 1 71  ? -8.906  1.398   0.945   1.00 7.55  ? 50  ARG A CB  1 
ATOM   407  C CG  . ARG A 1 71  ? -8.880  1.494   2.467   1.00 8.56  ? 50  ARG A CG  1 
ATOM   408  C CD  . ARG A 1 71  ? -8.419  0.217   3.172   1.00 10.45 ? 50  ARG A CD  1 
ATOM   409  N NE  . ARG A 1 71  ? -9.451  -0.829  3.204   1.00 7.94  ? 50  ARG A NE  1 
ATOM   410  C CZ  . ARG A 1 71  ? -9.277  -2.089  2.802   1.00 7.85  ? 50  ARG A CZ  1 
ATOM   411  N NH1 . ARG A 1 71  ? -10.274 -2.957  2.884   1.00 8.60  ? 50  ARG A NH1 1 
ATOM   412  N NH2 . ARG A 1 71  ? -8.104  -2.496  2.328   1.00 8.73  ? 50  ARG A NH2 1 
ATOM   413  N N   . LEU A 1 72  ? -9.809  2.303   -2.060  1.00 8.17  ? 51  LEU A N   1 
ATOM   414  C CA  . LEU A 1 72  ? -9.595  2.511   -3.482  1.00 9.17  ? 51  LEU A CA  1 
ATOM   415  C C   . LEU A 1 72  ? -9.778  3.971   -3.894  1.00 8.99  ? 51  LEU A C   1 
ATOM   416  O O   . LEU A 1 72  ? -8.949  4.510   -4.627  1.00 9.71  ? 51  LEU A O   1 
ATOM   417  C CB  . LEU A 1 72  ? -10.521 1.604   -4.298  1.00 8.83  ? 51  LEU A CB  1 
ATOM   418  C CG  . LEU A 1 72  ? -10.106 0.131   -4.225  1.00 9.47  ? 51  LEU A CG  1 
ATOM   419  C CD1 . LEU A 1 72  ? -11.213 -0.767  -4.779  1.00 9.88  ? 51  LEU A CD1 1 
ATOM   420  C CD2 . LEU A 1 72  ? -8.808  -0.079  -4.976  1.00 10.17 ? 51  LEU A CD2 1 
ATOM   421  N N   . LYS A 1 73  ? -10.838 4.619   -3.407  1.00 9.08  ? 52  LYS A N   1 
ATOM   422  C CA  . LYS A 1 73  ? -11.049 6.044   -3.698  1.00 9.37  ? 52  LYS A CA  1 
ATOM   423  C C   . LYS A 1 73  ? -9.906  6.884   -3.140  1.00 9.36  ? 52  LYS A C   1 
ATOM   424  O O   . LYS A 1 73  ? -9.398  7.786   -3.812  1.00 9.83  ? 52  LYS A O   1 
ATOM   425  C CB  . LYS A 1 73  ? -12.380 6.541   -3.128  1.00 9.49  ? 52  LYS A CB  1 
ATOM   426  C CG  . LYS A 1 73  ? -13.617 6.047   -3.869  1.00 11.00 ? 52  LYS A CG  1 
ATOM   427  C CD  . LYS A 1 73  ? -14.864 6.469   -3.122  1.00 13.79 ? 52  LYS A CD  1 
ATOM   428  C CE  . LYS A 1 73  ? -16.118 6.055   -3.869  1.00 16.23 ? 52  LYS A CE  1 
ATOM   429  N NZ  . LYS A 1 73  ? -17.329 6.604   -3.193  1.00 18.82 ? 52  LYS A NZ  1 
ATOM   430  N N   . ILE A 1 74  ? -9.484  6.567   -1.921  1.00 8.66  ? 53  ILE A N   1 
ATOM   431  C CA  . ILE A 1 74  ? -8.427  7.335   -1.257  1.00 9.11  ? 53  ILE A CA  1 
ATOM   432  C C   . ILE A 1 74  ? -7.146  7.233   -2.082  1.00 9.72  ? 53  ILE A C   1 
ATOM   433  O O   . ILE A 1 74  ? -6.504  8.252   -2.390  1.00 9.86  ? 53  ILE A O   1 
ATOM   434  C CB  . ILE A 1 74  ? -8.205  6.826   0.191   1.00 8.30  ? 53  ILE A CB  1 
ATOM   435  C CG1 . ILE A 1 74  ? -9.398  7.219   1.083   1.00 8.08  ? 53  ILE A CG1 1 
ATOM   436  C CG2 . ILE A 1 74  ? -6.873  7.354   0.788   1.00 9.23  ? 53  ILE A CG2 1 
ATOM   437  C CD1 . ILE A 1 74  ? -9.464  6.492   2.415   1.00 10.39 ? 53  ILE A CD1 1 
ATOM   438  N N   . ALA A 1 75  ? -6.795  6.006   -2.463  1.00 9.77  ? 54  ALA A N   1 
ATOM   439  C CA  . ALA A 1 75  ? -5.580  5.761   -3.236  1.00 10.33 ? 54  ALA A CA  1 
ATOM   440  C C   . ALA A 1 75  ? -5.641  6.371   -4.640  1.00 11.05 ? 54  ALA A C   1 
ATOM   441  O O   . ALA A 1 75  ? -4.653  6.936   -5.098  1.00 11.41 ? 54  ALA A O   1 
ATOM   442  C CB  . ALA A 1 75  ? -5.265  4.248   -3.290  1.00 10.36 ? 54  ALA A CB  1 
ATOM   443  N N   . ASN A 1 76  ? -6.800  6.293   -5.295  1.00 11.01 ? 55  ASN A N   1 
ATOM   444  C CA  . ASN A 1 76  ? -6.966  6.888   -6.627  1.00 12.41 ? 55  ASN A CA  1 
ATOM   445  C C   . ASN A 1 76  ? -6.811  8.398   -6.602  1.00 12.52 ? 55  ASN A C   1 
ATOM   446  O O   . ASN A 1 76  ? -6.241  8.981   -7.523  1.00 12.91 ? 55  ASN A O   1 
ATOM   447  C CB  . ASN A 1 76  ? -8.309  6.496   -7.241  1.00 12.82 ? 55  ASN A CB  1 
ATOM   448  C CG  . ASN A 1 76  ? -8.236  5.190   -8.014  1.00 16.29 ? 55  ASN A CG  1 
ATOM   449  O OD1 . ASN A 1 76  ? -7.293  4.959   -8.781  1.00 20.91 ? 55  ASN A OD1 1 
ATOM   450  N ND2 . ASN A 1 76  ? -9.246  4.346   -7.844  1.00 19.82 ? 55  ASN A ND2 1 
ATOM   451  N N   . GLU A 1 77  ? -7.305  9.033   -5.543  1.00 12.31 ? 56  GLU A N   1 
ATOM   452  C CA  . GLU A 1 77  ? -7.167  10.484  -5.415  1.00 12.43 ? 56  GLU A CA  1 
ATOM   453  C C   . GLU A 1 77  ? -5.698  10.906  -5.380  1.00 12.37 ? 56  GLU A C   1 
ATOM   454  O O   . GLU A 1 77  ? -5.314  11.909  -5.992  1.00 13.01 ? 56  GLU A O   1 
ATOM   455  C CB  . GLU A 1 77  ? -7.903  10.984  -4.175  1.00 12.96 ? 56  GLU A CB  1 
ATOM   456  C CG  . GLU A 1 77  ? -9.423  10.971  -4.358  1.00 13.79 ? 56  GLU A CG  1 
ATOM   457  C CD  . GLU A 1 77  ? -10.199 11.219  -3.076  1.00 16.03 ? 56  GLU A CD  1 
ATOM   458  O OE1 . GLU A 1 77  ? -9.598  11.573  -2.041  1.00 15.55 ? 56  GLU A OE1 1 
ATOM   459  O OE2 . GLU A 1 77  ? -11.442 11.065  -3.116  1.00 18.63 ? 56  GLU A OE2 1 
ATOM   460  N N   . VAL A 1 78  ? -4.876  10.126  -4.681  1.00 11.51 ? 57  VAL A N   1 
ATOM   461  C CA  . VAL A 1 78  ? -3.466  10.475  -4.501  1.00 11.61 ? 57  VAL A CA  1 
ATOM   462  C C   . VAL A 1 78  ? -2.628  10.077  -5.717  1.00 11.48 ? 57  VAL A C   1 
ATOM   463  O O   . VAL A 1 78  ? -1.720  10.803  -6.111  1.00 11.51 ? 57  VAL A O   1 
ATOM   464  C CB  . VAL A 1 78  ? -2.887  9.835   -3.218  1.00 10.91 ? 57  VAL A CB  1 
ATOM   465  C CG1 . VAL A 1 78  ? -1.411  10.190  -3.034  1.00 12.85 ? 57  VAL A CG1 1 
ATOM   466  C CG2 . VAL A 1 78  ? -3.657  10.301  -1.994  1.00 12.10 ? 57  VAL A CG2 1 
ATOM   467  N N   . LEU A 1 79  ? -2.954  8.926   -6.307  1.00 11.96 ? 58  LEU A N   1 
ATOM   468  C CA  . LEU A 1 79  ? -2.081  8.279   -7.291  1.00 12.28 ? 58  LEU A CA  1 
ATOM   469  C C   . LEU A 1 79  ? -2.518  8.403   -8.742  1.00 13.27 ? 58  LEU A C   1 
ATOM   470  O O   . LEU A 1 79  ? -1.749  8.068   -9.651  1.00 13.56 ? 58  LEU A O   1 
ATOM   471  C CB  . LEU A 1 79  ? -1.893  6.798   -6.944  1.00 11.38 ? 58  LEU A CB  1 
ATOM   472  C CG  . LEU A 1 79  ? -1.376  6.493   -5.536  1.00 11.39 ? 58  LEU A CG  1 
ATOM   473  C CD1 . LEU A 1 79  ? -1.379  4.989   -5.302  1.00 13.34 ? 58  LEU A CD1 1 
ATOM   474  C CD2 . LEU A 1 79  ? 0.034   7.062   -5.361  1.00 12.17 ? 58  LEU A CD2 1 
ATOM   475  N N   . GLY A 1 80  ? -3.739  8.883   -8.958  1.00 14.02 ? 59  GLY A N   1 
ATOM   476  C CA  . GLY A 1 80  ? -4.325  8.964   -10.299 1.00 14.84 ? 59  GLY A CA  1 
ATOM   477  C C   . GLY A 1 80  ? -3.485  9.677   -11.344 1.00 15.33 ? 59  GLY A C   1 
ATOM   478  O O   . GLY A 1 80  ? -3.543  9.337   -12.535 1.00 16.39 ? 59  GLY A O   1 
ATOM   479  N N   . HIS A 1 81  ? -2.708  10.666  -10.915 1.00 15.36 ? 60  HIS A N   1 
ATOM   480  C CA  . HIS A 1 81  ? -1.919  11.469  -11.837 1.00 15.56 ? 60  HIS A CA  1 
ATOM   481  C C   . HIS A 1 81  ? -0.731  10.711  -12.447 1.00 15.58 ? 60  HIS A C   1 
ATOM   482  O O   . HIS A 1 81  ? -0.235  11.107  -13.501 1.00 16.34 ? 60  HIS A O   1 
ATOM   483  C CB  . HIS A 1 81  ? -1.450  12.764  -11.171 1.00 15.68 ? 60  HIS A CB  1 
ATOM   484  C CG  . HIS A 1 81  ? -0.439  12.554  -10.091 1.00 16.44 ? 60  HIS A CG  1 
ATOM   485  N ND1 . HIS A 1 81  ? 0.917   12.608  -10.325 1.00 18.34 ? 60  HIS A ND1 1 
ATOM   486  C CD2 . HIS A 1 81  ? -0.585  12.270  -8.775  1.00 18.02 ? 60  HIS A CD2 1 
ATOM   487  C CE1 . HIS A 1 81  ? 1.566   12.377  -9.196  1.00 18.53 ? 60  HIS A CE1 1 
ATOM   488  N NE2 . HIS A 1 81  ? 0.677   12.173  -8.241  1.00 17.76 ? 60  HIS A NE2 1 
ATOM   489  N N   . TYR A 1 82  ? -0.282  9.635   -11.798 1.00 15.00 ? 61  TYR A N   1 
ATOM   490  C CA  . TYR A 1 82  ? 0.818   8.819   -12.331 1.00 14.82 ? 61  TYR A CA  1 
ATOM   491  C C   . TYR A 1 82  ? 0.346   8.006   -13.534 1.00 15.27 ? 61  TYR A C   1 
ATOM   492  O O   . TYR A 1 82  ? -0.497  7.128   -13.386 1.00 15.77 ? 61  TYR A O   1 
ATOM   493  C CB  . TYR A 1 82  ? 1.373   7.865   -11.272 1.00 14.80 ? 61  TYR A CB  1 
ATOM   494  C CG  . TYR A 1 82  ? 2.165   8.520   -10.170 1.00 14.46 ? 61  TYR A CG  1 
ATOM   495  C CD1 . TYR A 1 82  ? 3.433   9.050   -10.416 1.00 15.36 ? 61  TYR A CD1 1 
ATOM   496  C CD2 . TYR A 1 82  ? 1.664   8.591   -8.875  1.00 13.21 ? 61  TYR A CD2 1 
ATOM   497  C CE1 . TYR A 1 82  ? 4.169   9.653   -9.399  1.00 15.78 ? 61  TYR A CE1 1 
ATOM   498  C CE2 . TYR A 1 82  ? 2.396   9.185   -7.849  1.00 13.83 ? 61  TYR A CE2 1 
ATOM   499  C CZ  . TYR A 1 82  ? 3.649   9.711   -8.118  1.00 15.47 ? 61  TYR A CZ  1 
ATOM   500  O OH  . TYR A 1 82  ? 4.378   10.315  -7.124  1.00 16.72 ? 61  TYR A OH  1 
ATOM   501  N N   . PRO A 1 83  ? 0.914   8.272   -14.723 1.00 15.08 ? 62  PRO A N   1 
ATOM   502  C CA  . PRO A 1 83  ? 0.358   7.692   -15.954 1.00 14.84 ? 62  PRO A CA  1 
ATOM   503  C C   . PRO A 1 83  ? 0.492   6.172   -16.094 1.00 14.39 ? 62  PRO A C   1 
ATOM   504  O O   . PRO A 1 83  ? -0.309  5.560   -16.806 1.00 15.36 ? 62  PRO A O   1 
ATOM   505  C CB  . PRO A 1 83  ? 1.146   8.398   -17.064 1.00 15.11 ? 62  PRO A CB  1 
ATOM   506  C CG  . PRO A 1 83  ? 2.418   8.816   -16.430 1.00 15.73 ? 62  PRO A CG  1 
ATOM   507  C CD  . PRO A 1 83  ? 2.088   9.120   -14.986 1.00 15.59 ? 62  PRO A CD  1 
ATOM   508  N N   . ASN A 1 84  ? 1.486   5.576   -15.435 1.00 13.31 ? 63  ASN A N   1 
ATOM   509  C CA  . ASN A 1 84  ? 1.719   4.140   -15.544 1.00 12.14 ? 63  ASN A CA  1 
ATOM   510  C C   . ASN A 1 84  ? 1.372   3.386   -14.264 1.00 11.63 ? 63  ASN A C   1 
ATOM   511  O O   . ASN A 1 84  ? 1.847   2.265   -14.046 1.00 11.75 ? 63  ASN A O   1 
ATOM   512  C CB  . ASN A 1 84  ? 3.166   3.843   -15.963 1.00 11.88 ? 63  ASN A CB  1 
ATOM   513  C CG  . ASN A 1 84  ? 4.180   4.204   -14.887 1.00 12.34 ? 63  ASN A CG  1 
ATOM   514  O OD1 . ASN A 1 84  ? 3.970   5.119   -14.087 1.00 13.44 ? 63  ASN A OD1 1 
ATOM   515  N ND2 . ASN A 1 84  ? 5.287   3.474   -14.860 1.00 11.40 ? 63  ASN A ND2 1 
ATOM   516  N N   . VAL A 1 85  ? 0.544   4.006   -13.428 1.00 11.06 ? 64  VAL A N   1 
ATOM   517  C CA  . VAL A 1 85  ? 0.094   3.376   -12.189 1.00 11.29 ? 64  VAL A CA  1 
ATOM   518  C C   . VAL A 1 85  ? -1.382  3.035   -12.304 1.00 11.89 ? 64  VAL A C   1 
ATOM   519  O O   . VAL A 1 85  ? -2.185  3.885   -12.704 1.00 12.14 ? 64  VAL A O   1 
ATOM   520  C CB  . VAL A 1 85  ? 0.341   4.287   -10.963 1.00 11.28 ? 64  VAL A CB  1 
ATOM   521  C CG1 . VAL A 1 85  ? -0.347  3.735   -9.728  1.00 12.12 ? 64  VAL A CG1 1 
ATOM   522  C CG2 . VAL A 1 85  ? 1.843   4.443   -10.712 1.00 12.47 ? 64  VAL A CG2 1 
ATOM   523  N N   . LYS A 1 86  ? -1.720  1.787   -11.977 1.00 12.23 ? 65  LYS A N   1 
ATOM   524  C CA  . LYS A 1 86  ? -3.115  1.323   -11.922 1.00 12.94 ? 65  LYS A CA  1 
ATOM   525  C C   . LYS A 1 86  ? -3.445  0.948   -10.486 1.00 12.80 ? 65  LYS A C   1 
ATOM   526  O O   . LYS A 1 86  ? -2.666  0.259   -9.839  1.00 14.06 ? 65  LYS A O   1 
ATOM   527  C CB  . LYS A 1 86  ? -3.325  0.111   -12.838 1.00 13.49 ? 65  LYS A CB  1 
ATOM   528  C CG  . LYS A 1 86  ? -2.960  0.341   -14.297 1.00 16.78 ? 65  LYS A CG  1 
ATOM   529  C CD  . LYS A 1 86  ? -3.748  -0.565  -15.233 1.00 21.28 ? 65  LYS A CD  1 
ATOM   530  C CE  . LYS A 1 86  ? -3.158  -1.953  -15.360 1.00 23.49 ? 65  LYS A CE  1 
ATOM   531  N NZ  . LYS A 1 86  ? -3.812  -2.702  -16.480 1.00 23.77 ? 65  LYS A NZ  1 
ATOM   532  N N   . VAL A 1 87  ? -4.590  1.411   -9.986  1.00 11.74 ? 66  VAL A N   1 
ATOM   533  C CA  . VAL A 1 87  ? -5.040  1.077   -8.630  1.00 11.48 ? 66  VAL A CA  1 
ATOM   534  C C   . VAL A 1 87  ? -6.222  0.119   -8.761  1.00 11.14 ? 66  VAL A C   1 
ATOM   535  O O   . VAL A 1 87  ? -7.220  0.446   -9.418  1.00 12.01 ? 66  VAL A O   1 
ATOM   536  C CB  . VAL A 1 87  ? -5.447  2.336   -7.821  1.00 11.49 ? 66  VAL A CB  1 
ATOM   537  C CG1 . VAL A 1 87  ? -5.979  1.940   -6.443  1.00 13.23 ? 66  VAL A CG1 1 
ATOM   538  C CG2 . VAL A 1 87  ? -4.261  3.280   -7.666  1.00 12.85 ? 66  VAL A CG2 1 
ATOM   539  N N   . MET A 1 88  ? -6.082  -1.069  -8.175  1.00 10.95 ? 67  MET A N   1 
ATOM   540  C CA  A MET A 1 88  ? -7.123  -2.088  -8.270  0.50 11.01 ? 67  MET A CA  1 
ATOM   541  C CA  B MET A 1 88  ? -7.074  -2.147  -8.290  0.50 10.95 ? 67  MET A CA  1 
ATOM   542  C C   . MET A 1 88  ? -7.277  -2.815  -6.945  1.00 10.44 ? 67  MET A C   1 
ATOM   543  O O   . MET A 1 88  ? -6.298  -3.078  -6.252  1.00 10.76 ? 67  MET A O   1 
ATOM   544  C CB  A MET A 1 88  ? -6.805  -3.093  -9.387  0.50 11.77 ? 67  MET A CB  1 
ATOM   545  C CB  B MET A 1 88  ? -6.560  -3.250  -9.214  0.50 11.44 ? 67  MET A CB  1 
ATOM   546  C CG  A MET A 1 88  ? -6.751  -2.491  -10.794 0.50 14.40 ? 67  MET A CG  1 
ATOM   547  C CG  B MET A 1 88  ? -6.573  -2.974  -10.683 0.50 14.28 ? 67  MET A CG  1 
ATOM   548  S SD  A MET A 1 88  ? -5.799  -3.539  -11.913 0.50 21.72 ? 67  MET A SD  1 
ATOM   549  S SD  B MET A 1 88  ? -5.842  -4.444  -11.439 0.50 18.38 ? 67  MET A SD  1 
ATOM   550  C CE  A MET A 1 88  ? -6.590  -5.111  -11.564 0.50 20.91 ? 67  MET A CE  1 
ATOM   551  C CE  B MET A 1 88  ? -5.897  -3.988  -13.174 0.50 18.55 ? 67  MET A CE  1 
ATOM   552  N N   . GLY A 1 89  ? -8.517  -3.141  -6.602  1.00 9.22  ? 68  GLY A N   1 
ATOM   553  C CA  . GLY A 1 89  ? -8.800  -3.924  -5.405  1.00 8.58  ? 68  GLY A CA  1 
ATOM   554  C C   . GLY A 1 89  ? -8.771  -5.414  -5.709  1.00 7.90  ? 68  GLY A C   1 
ATOM   555  O O   . GLY A 1 89  ? -8.896  -5.822  -6.871  1.00 8.66  ? 68  GLY A O   1 
ATOM   556  N N   . PHE A 1 90  ? -8.596  -6.230  -4.664  1.00 7.68  ? 69  PHE A N   1 
ATOM   557  C CA  . PHE A 1 90  ? -8.744  -7.680  -4.808  1.00 7.81  ? 69  PHE A CA  1 
ATOM   558  C C   . PHE A 1 90  ? -9.169  -8.341  -3.511  1.00 7.80  ? 69  PHE A C   1 
ATOM   559  O O   . PHE A 1 90  ? -8.749  -7.918  -2.430  1.00 8.10  ? 69  PHE A O   1 
ATOM   560  C CB  . PHE A 1 90  ? -7.492  -8.335  -5.421  1.00 7.25  ? 69  PHE A CB  1 
ATOM   561  C CG  . PHE A 1 90  ? -6.280  -8.365  -4.521  1.00 7.21  ? 69  PHE A CG  1 
ATOM   562  C CD1 . PHE A 1 90  ? -5.464  -7.246  -4.369  1.00 8.43  ? 69  PHE A CD1 1 
ATOM   563  C CD2 . PHE A 1 90  ? -5.914  -9.549  -3.882  1.00 9.12  ? 69  PHE A CD2 1 
ATOM   564  C CE1 . PHE A 1 90  ? -4.329  -7.285  -3.542  1.00 8.89  ? 69  PHE A CE1 1 
ATOM   565  C CE2 . PHE A 1 90  ? -4.772  -9.603  -3.066  1.00 8.55  ? 69  PHE A CE2 1 
ATOM   566  C CZ  . PHE A 1 90  ? -3.982  -8.469  -2.896  1.00 8.33  ? 69  PHE A CZ  1 
ATOM   567  N N   . THR A 1 91  ? -10.004 -9.376  -3.639  1.00 8.36  ? 70  THR A N   1 
ATOM   568  C CA  . THR A 1 91  ? -10.617 -10.016 -2.482  1.00 8.81  ? 70  THR A CA  1 
ATOM   569  C C   . THR A 1 91  ? -10.068 -11.413 -2.245  1.00 9.27  ? 70  THR A C   1 
ATOM   570  O O   . THR A 1 91  ? -10.428 -12.062 -1.251  1.00 9.81  ? 70  THR A O   1 
ATOM   571  C CB  . THR A 1 91  ? -12.152 -10.117 -2.622  1.00 8.93  ? 70  THR A CB  1 
ATOM   572  O OG1 . THR A 1 91  ? -12.480 -10.968 -3.722  1.00 9.91  ? 70  THR A OG1 1 
ATOM   573  C CG2 . THR A 1 91  ? -12.792 -8.720  -2.851  1.00 9.21  ? 70  THR A CG2 1 
ATOM   574  N N   . GLY A 1 92  ? -9.217  -11.877 -3.156  1.00 9.14  ? 71  GLY A N   1 
ATOM   575  C CA  . GLY A 1 92  ? -8.672  -13.224 -3.048  1.00 9.73  ? 71  GLY A CA  1 
ATOM   576  C C   . GLY A 1 92  ? -7.187  -13.260 -2.770  1.00 9.17  ? 71  GLY A C   1 
ATOM   577  O O   . GLY A 1 92  ? -6.616  -12.393 -2.095  1.00 9.67  ? 71  GLY A O   1 
ATOM   578  N N   . LEU A 1 93  ? -6.548  -14.286 -3.298  1.00 9.72  ? 72  LEU A N   1 
ATOM   579  C CA  . LEU A 1 93  ? -5.148  -14.505 -3.045  1.00 10.02 ? 72  LEU A CA  1 
ATOM   580  C C   . LEU A 1 93  ? -4.288  -13.565 -3.882  1.00 10.34 ? 72  LEU A C   1 
ATOM   581  O O   . LEU A 1 93  ? -4.595  -13.300 -5.049  1.00 9.64  ? 72  LEU A O   1 
ATOM   582  C CB  . LEU A 1 93  ? -4.816  -15.973 -3.346  1.00 11.02 ? 72  LEU A CB  1 
ATOM   583  C CG  . LEU A 1 93  ? -5.631  -16.930 -2.475  1.00 12.10 ? 72  LEU A CG  1 
ATOM   584  C CD1 . LEU A 1 93  ? -5.768  -18.305 -3.113  1.00 15.07 ? 72  LEU A CD1 1 
ATOM   585  C CD2 . LEU A 1 93  ? -5.023  -17.011 -1.075  1.00 15.09 ? 72  LEU A CD2 1 
ATOM   586  N N   . LEU A 1 94  ? -3.206  -13.071 -3.283  1.00 10.57 ? 73  LEU A N   1 
ATOM   587  C CA  . LEU A 1 94  ? -2.239  -12.231 -3.996  1.00 12.04 ? 73  LEU A CA  1 
ATOM   588  C C   . LEU A 1 94  ? -1.696  -12.974 -5.211  1.00 12.92 ? 73  LEU A C   1 
ATOM   589  O O   . LEU A 1 94  ? -1.554  -12.372 -6.281  1.00 12.82 ? 73  LEU A O   1 
ATOM   590  C CB  . LEU A 1 94  ? -1.069  -11.805 -3.088  1.00 12.17 ? 73  LEU A CB  1 
ATOM   591  C CG  . LEU A 1 94  ? 0.039   -10.965 -3.754  1.00 12.92 ? 73  LEU A CG  1 
ATOM   592  C CD1 . LEU A 1 94  ? -0.492  -9.681  -4.350  1.00 12.62 ? 73  LEU A CD1 1 
ATOM   593  C CD2 . LEU A 1 94  ? 1.170   -10.647 -2.784  1.00 16.22 ? 73  LEU A CD2 1 
ATOM   594  N N   . LYS A 1 95  ? -1.409  -14.268 -5.035  1.00 14.48 ? 74  LYS A N   1 
ATOM   595  C CA  . LYS A 1 95  ? -0.934  -15.138 -6.134  1.00 15.68 ? 74  LYS A CA  1 
ATOM   596  C C   . LYS A 1 95  ? -1.785  -14.938 -7.378  1.00 15.42 ? 74  LYS A C   1 
ATOM   597  O O   . LYS A 1 95  ? -1.272  -14.727 -8.484  1.00 15.97 ? 74  LYS A O   1 
ATOM   598  C CB  . LYS A 1 95  ? -0.960  -16.628 -5.721  1.00 16.22 ? 74  LYS A CB  1 
ATOM   599  C CG  . LYS A 1 95  ? -0.812  -17.621 -6.893  1.00 18.44 ? 74  LYS A CG  1 
ATOM   600  C CD  . LYS A 1 95  ? -0.643  -19.067 -6.436  1.00 22.73 ? 74  LYS A CD  1 
ATOM   601  C CE  . LYS A 1 95  ? -1.952  -19.660 -5.925  1.00 24.64 ? 74  LYS A CE  1 
ATOM   602  N NZ  . LYS A 1 95  ? -2.207  -19.324 -4.494  1.00 28.47 ? 74  LYS A NZ  1 
ATOM   603  N N   . ASP A 1 96  ? -3.094  -14.992 -7.187  1.00 14.63 ? 75  ASP A N   1 
ATOM   604  C CA  . ASP A 1 96  ? -4.022  -14.894 -8.289  1.00 14.34 ? 75  ASP A CA  1 
ATOM   605  C C   . ASP A 1 96  ? -4.055  -13.496 -8.896  1.00 12.75 ? 75  ASP A C   1 
ATOM   606  O O   . ASP A 1 96  ? -4.134  -13.358 -10.108 1.00 12.56 ? 75  ASP A O   1 
ATOM   607  C CB  . ASP A 1 96  ? -5.366  -15.452 -7.841  1.00 15.28 ? 75  ASP A CB  1 
ATOM   608  C CG  . ASP A 1 96  ? -5.243  -16.931 -7.466  1.00 18.38 ? 75  ASP A CG  1 
ATOM   609  O OD1 . ASP A 1 96  ? -4.824  -17.707 -8.353  1.00 21.85 ? 75  ASP A OD1 1 
ATOM   610  O OD2 . ASP A 1 96  ? -5.487  -17.307 -6.295  1.00 21.33 ? 75  ASP A OD2 1 
ATOM   611  N N   . PHE A 1 97  ? -3.906  -12.471 -8.057  1.00 11.61 ? 76  PHE A N   1 
ATOM   612  C CA  . PHE A 1 97  ? -3.875  -11.092 -8.515  1.00 10.69 ? 76  PHE A CA  1 
ATOM   613  C C   . PHE A 1 97  ? -2.614  -10.804 -9.331  1.00 10.52 ? 76  PHE A C   1 
ATOM   614  O O   . PHE A 1 97  ? -2.672  -10.130 -10.363 1.00 10.07 ? 76  PHE A O   1 
ATOM   615  C CB  . PHE A 1 97  ? -3.963  -10.160 -7.300  1.00 10.36 ? 76  PHE A CB  1 
ATOM   616  C CG  . PHE A 1 97  ? -4.005  -8.696  -7.644  1.00 10.75 ? 76  PHE A CG  1 
ATOM   617  C CD1 . PHE A 1 97  ? -5.183  -8.109  -8.097  1.00 11.67 ? 76  PHE A CD1 1 
ATOM   618  C CD2 . PHE A 1 97  ? -2.882  -7.896  -7.477  1.00 9.75  ? 76  PHE A CD2 1 
ATOM   619  C CE1 . PHE A 1 97  ? -5.233  -6.752  -8.394  1.00 11.61 ? 76  PHE A CE1 1 
ATOM   620  C CE2 . PHE A 1 97  ? -2.922  -6.527  -7.774  1.00 11.59 ? 76  PHE A CE2 1 
ATOM   621  C CZ  . PHE A 1 97  ? -4.090  -5.959  -8.239  1.00 11.03 ? 76  PHE A CZ  1 
ATOM   622  N N   . VAL A 1 98  ? -1.483  -11.323 -8.864  1.00 10.62 ? 77  VAL A N   1 
ATOM   623  C CA  . VAL A 1 98  ? -0.224  -11.186 -9.589  1.00 10.87 ? 77  VAL A CA  1 
ATOM   624  C C   . VAL A 1 98  ? -0.305  -11.833 -10.971 1.00 11.30 ? 77  VAL A C   1 
ATOM   625  O O   . VAL A 1 98  ? 0.030   -11.200 -11.975 1.00 10.83 ? 77  VAL A O   1 
ATOM   626  C CB  . VAL A 1 98  ? 0.940   -11.790 -8.797  1.00 11.33 ? 77  VAL A CB  1 
ATOM   627  C CG1 . VAL A 1 98  ? 2.204   -11.893 -9.674  1.00 12.61 ? 77  VAL A CG1 1 
ATOM   628  C CG2 . VAL A 1 98  ? 1.198   -10.956 -7.550  1.00 11.27 ? 77  VAL A CG2 1 
ATOM   629  N N   . ARG A 1 99  ? -0.767  -13.082 -11.010 1.00 11.30 ? 78  ARG A N   1 
ATOM   630  C CA  . ARG A 1 99  ? -0.913  -13.796 -12.278 1.00 12.27 ? 78  ARG A CA  1 
ATOM   631  C C   . ARG A 1 99  ? -1.861  -13.063 -13.224 1.00 12.00 ? 78  ARG A C   1 
ATOM   632  O O   . ARG A 1 99  ? -1.593  -12.953 -14.419 1.00 13.18 ? 78  ARG A O   1 
ATOM   633  C CB  . ARG A 1 99  ? -1.369  -15.244 -12.061 1.00 12.79 ? 78  ARG A CB  1 
ATOM   634  C CG  . ARG A 1 99  ? -0.332  -16.157 -11.411 1.00 15.23 ? 78  ARG A CG  1 
ATOM   635  C CD  . ARG A 1 99  ? 0.916   -16.313 -12.255 1.00 18.85 ? 78  ARG A CD  1 
ATOM   636  N NE  . ARG A 1 99  ? 1.779   -17.372 -11.736 1.00 21.60 ? 78  ARG A NE  1 
ATOM   637  C CZ  . ARG A 1 99  ? 3.106   -17.359 -11.805 1.00 22.75 ? 78  ARG A CZ  1 
ATOM   638  N NH1 . ARG A 1 99  ? 3.744   -16.327 -12.354 1.00 22.77 ? 78  ARG A NH1 1 
ATOM   639  N NH2 . ARG A 1 99  ? 3.801   -18.374 -11.308 1.00 22.93 ? 78  ARG A NH2 1 
ATOM   640  N N   . ALA A 1 100 ? -2.952  -12.533 -12.670 1.00 11.99 ? 79  ALA A N   1 
ATOM   641  C CA  . ALA A 1 100 ? -3.958  -11.817 -13.447 1.00 12.28 ? 79  ALA A CA  1 
ATOM   642  C C   . ALA A 1 100 ? -3.414  -10.588 -14.146 1.00 12.72 ? 79  ALA A C   1 
ATOM   643  O O   . ALA A 1 100 ? -3.878  -10.215 -15.229 1.00 13.72 ? 79  ALA A O   1 
ATOM   644  C CB  . ALA A 1 100 ? -5.096  -11.421 -12.544 1.00 11.66 ? 79  ALA A CB  1 
ATOM   645  N N   . ASN A 1 101 ? -2.438  -9.952  -13.502 1.00 12.53 ? 80  ASN A N   1 
ATOM   646  C CA  . ASN A 1 101 ? -1.825  -8.744  -14.029 1.00 12.95 ? 80  ASN A CA  1 
ATOM   647  C C   . ASN A 1 101 ? -0.546  -9.005  -14.823 1.00 13.16 ? 80  ASN A C   1 
ATOM   648  O O   . ASN A 1 101 ? 0.138   -8.051  -15.210 1.00 13.62 ? 80  ASN A O   1 
ATOM   649  C CB  . ASN A 1 101 ? -1.567  -7.763  -12.879 1.00 12.89 ? 80  ASN A CB  1 
ATOM   650  C CG  . ASN A 1 101 ? -2.828  -7.051  -12.448 1.00 13.58 ? 80  ASN A CG  1 
ATOM   651  O OD1 . ASN A 1 101 ? -3.296  -6.144  -13.128 1.00 15.52 ? 80  ASN A OD1 1 
ATOM   652  N ND2 . ASN A 1 101 ? -3.401  -7.473  -11.325 1.00 14.47 ? 80  ASN A ND2 1 
ATOM   653  N N   . ASP A 1 102 ? -0.239  -10.285 -15.077 1.00 13.16 ? 81  ASP A N   1 
ATOM   654  C CA  . ASP A 1 102 ? 0.966   -10.689 -15.836 1.00 13.67 ? 81  ASP A CA  1 
ATOM   655  C C   . ASP A 1 102 ? 2.227   -10.101 -15.203 1.00 12.73 ? 81  ASP A C   1 
ATOM   656  O O   . ASP A 1 102 ? 3.170   -9.719  -15.901 1.00 13.22 ? 81  ASP A O   1 
ATOM   657  C CB  . ASP A 1 102 ? 0.874   -10.255 -17.307 1.00 15.02 ? 81  ASP A CB  1 
ATOM   658  C CG  . ASP A 1 102 ? -0.310  -10.867 -18.024 1.00 18.95 ? 81  ASP A CG  1 
ATOM   659  O OD1 . ASP A 1 102 ? -0.568  -12.072 -17.833 1.00 24.33 ? 81  ASP A OD1 1 
ATOM   660  O OD2 . ASP A 1 102 ? -0.984  -10.137 -18.783 1.00 24.33 ? 81  ASP A OD2 1 
ATOM   661  N N   . ALA A 1 103 ? 2.221   -10.021 -13.879 1.00 11.42 ? 82  ALA A N   1 
ATOM   662  C CA  . ALA A 1 103 ? 3.309   -9.365  -13.154 1.00 10.87 ? 82  ALA A CA  1 
ATOM   663  C C   . ALA A 1 103 ? 4.467   -10.318 -12.890 1.00 10.63 ? 82  ALA A C   1 
ATOM   664  O O   . ALA A 1 103 ? 4.260   -11.472 -12.529 1.00 11.62 ? 82  ALA A O   1 
ATOM   665  C CB  . ALA A 1 103 ? 2.774   -8.772  -11.839 1.00 10.58 ? 82  ALA A CB  1 
ATOM   666  N N   . ARG A 1 104 ? 5.692   -9.823  -13.057 1.00 10.26 ? 83  ARG A N   1 
ATOM   667  C CA  . ARG A 1 104 ? 6.883   -10.610 -12.750 1.00 10.92 ? 83  ARG A CA  1 
ATOM   668  C C   . ARG A 1 104 ? 7.510   -10.235 -11.407 1.00 9.90  ? 83  ARG A C   1 
ATOM   669  O O   . ARG A 1 104 ? 8.410   -10.929 -10.921 1.00 10.46 ? 83  ARG A O   1 
ATOM   670  C CB  . ARG A 1 104 ? 7.934   -10.476 -13.871 1.00 11.85 ? 83  ARG A CB  1 
ATOM   671  C CG  . ARG A 1 104 ? 7.414   -10.843 -15.269 1.00 16.38 ? 83  ARG A CG  1 
ATOM   672  C CD  . ARG A 1 104 ? 8.396   -11.681 -16.086 1.00 23.05 ? 83  ARG A CD  1 
ATOM   673  N NE  . ARG A 1 104 ? 9.700   -11.043 -16.285 1.00 27.35 ? 83  ARG A NE  1 
ATOM   674  C CZ  . ARG A 1 104 ? 10.081  -10.394 -17.386 1.00 29.03 ? 83  ARG A CZ  1 
ATOM   675  N NH1 . ARG A 1 104 ? 11.298  -9.871  -17.451 1.00 29.91 ? 83  ARG A NH1 1 
ATOM   676  N NH2 . ARG A 1 104 ? 9.261   -10.271 -18.427 1.00 30.56 ? 83  ARG A NH2 1 
ATOM   677  N N   . VAL A 1 105 ? 7.030   -9.148  -10.804 1.00 9.14  ? 84  VAL A N   1 
ATOM   678  C CA  . VAL A 1 105 ? 7.618   -8.626  -9.584  1.00 9.05  ? 84  VAL A CA  1 
ATOM   679  C C   . VAL A 1 105 ? 6.523   -8.233  -8.610  1.00 8.35  ? 84  VAL A C   1 
ATOM   680  O O   . VAL A 1 105 ? 5.503   -7.677  -9.010  1.00 8.93  ? 84  VAL A O   1 
ATOM   681  C CB  . VAL A 1 105 ? 8.505   -7.367  -9.858  1.00 9.19  ? 84  VAL A CB  1 
ATOM   682  C CG1 . VAL A 1 105 ? 8.953   -6.713  -8.550  1.00 10.08 ? 84  VAL A CG1 1 
ATOM   683  C CG2 . VAL A 1 105 ? 9.726   -7.745  -10.692 1.00 10.86 ? 84  VAL A CG2 1 
ATOM   684  N N   . ILE A 1 106 ? 6.747   -8.565  -7.342  1.00 8.25  ? 85  ILE A N   1 
ATOM   685  C CA  . ILE A 1 106 ? 6.000   -8.020  -6.222  1.00 8.25  ? 85  ILE A CA  1 
ATOM   686  C C   . ILE A 1 106 ? 6.937   -7.032  -5.527  1.00 8.73  ? 85  ILE A C   1 
ATOM   687  O O   . ILE A 1 106 ? 8.018   -7.421  -5.075  1.00 8.69  ? 85  ILE A O   1 
ATOM   688  C CB  . ILE A 1 106 ? 5.587   -9.141  -5.226  1.00 7.84  ? 85  ILE A CB  1 
ATOM   689  C CG1 . ILE A 1 106 ? 4.568   -10.092 -5.855  1.00 9.05  ? 85  ILE A CG1 1 
ATOM   690  C CG2 . ILE A 1 106 ? 5.006   -8.515  -3.949  1.00 8.80  ? 85  ILE A CG2 1 
ATOM   691  C CD1 . ILE A 1 106 ? 4.502   -11.449 -5.149  1.00 10.12 ? 85  ILE A CD1 1 
ATOM   692  N N   . VAL A 1 107 ? 6.552   -5.757  -5.477  1.00 8.41  ? 86  VAL A N   1 
ATOM   693  C CA  . VAL A 1 107 ? 7.347   -4.733  -4.785  1.00 9.41  ? 86  VAL A CA  1 
ATOM   694  C C   . VAL A 1 107 ? 6.793   -4.558  -3.393  1.00 9.09  ? 86  VAL A C   1 
ATOM   695  O O   . VAL A 1 107 ? 5.567   -4.464  -3.217  1.00 9.42  ? 86  VAL A O   1 
ATOM   696  C CB  . VAL A 1 107 ? 7.275   -3.372  -5.533  1.00 10.27 ? 86  VAL A CB  1 
ATOM   697  C CG1 . VAL A 1 107 ? 7.770   -2.201  -4.637  1.00 12.56 ? 86  VAL A CG1 1 
ATOM   698  C CG2 . VAL A 1 107 ? 8.037   -3.462  -6.840  1.00 12.24 ? 86  VAL A CG2 1 
ATOM   699  N N   . ARG A 1 108 ? 7.688   -4.522  -2.403  1.00 9.47  ? 87  ARG A N   1 
ATOM   700  C CA  . ARG A 1 108 ? 7.306   -4.175  -1.040  1.00 10.24 ? 87  ARG A CA  1 
ATOM   701  C C   . ARG A 1 108 ? 8.238   -3.105  -0.511  1.00 11.33 ? 87  ARG A C   1 
ATOM   702  O O   . ARG A 1 108 ? 9.396   -3.039  -0.909  1.00 10.71 ? 87  ARG A O   1 
ATOM   703  C CB  . ARG A 1 108 ? 7.342   -5.414  -0.141  1.00 10.51 ? 87  ARG A CB  1 
ATOM   704  C CG  . ARG A 1 108 ? 6.278   -6.464  -0.505  1.00 11.59 ? 87  ARG A CG  1 
ATOM   705  C CD  . ARG A 1 108 ? 4.891   -6.074  0.010   1.00 12.91 ? 87  ARG A CD  1 
ATOM   706  N NE  . ARG A 1 108 ? 4.788   -6.170  1.469   1.00 14.07 ? 87  ARG A NE  1 
ATOM   707  C CZ  . ARG A 1 108 ? 3.680   -5.923  2.155   1.00 16.86 ? 87  ARG A CZ  1 
ATOM   708  N NH1 . ARG A 1 108 ? 2.566   -5.569  1.516   1.00 17.11 ? 87  ARG A NH1 1 
ATOM   709  N NH2 . ARG A 1 108 ? 3.681   -6.040  3.487   1.00 17.00 ? 87  ARG A NH2 1 
ATOM   710  N N   . GLY A 1 109 ? 7.724   -2.251  0.359   1.00 12.11 ? 88  GLY A N   1 
ATOM   711  C CA  . GLY A 1 109 ? 8.576   -1.267  1.023   1.00 15.09 ? 88  GLY A CA  1 
ATOM   712  C C   . GLY A 1 109 ? 9.294   -1.941  2.166   1.00 16.26 ? 88  GLY A C   1 
ATOM   713  O O   . GLY A 1 109 ? 8.723   -2.758  2.889   1.00 18.16 ? 88  GLY A O   1 
ATOM   714  N N   . LEU A 1 110 ? 10.576  -1.643  2.310   1.00 17.56 ? 89  LEU A N   1 
ATOM   715  C CA  . LEU A 1 110 ? 11.311  -2.123  3.447   1.00 19.31 ? 89  LEU A CA  1 
ATOM   716  C C   . LEU A 1 110 ? 11.979  -0.917  4.045   1.00 20.68 ? 89  LEU A C   1 
ATOM   717  O O   . LEU A 1 110 ? 12.616  -0.125  3.351   1.00 21.48 ? 89  LEU A O   1 
ATOM   718  C CB  . LEU A 1 110 ? 12.326  -3.199  3.051   1.00 19.21 ? 89  LEU A CB  1 
ATOM   719  C CG  . LEU A 1 110 ? 12.743  -4.134  4.189   1.00 20.21 ? 89  LEU A CG  1 
ATOM   720  C CD1 . LEU A 1 110 ? 11.576  -4.976  4.708   1.00 20.20 ? 89  LEU A CD1 1 
ATOM   721  C CD2 . LEU A 1 110 ? 13.844  -5.023  3.694   1.00 20.69 ? 89  LEU A CD2 1 
ATOM   722  N N   . ARG A 1 111 ? 11.773  -0.760  5.336   1.00 21.74 ? 90  ARG A N   1 
ATOM   723  C CA  . ARG A 1 111 ? 12.301  0.373   6.057   1.00 23.45 ? 90  ARG A CA  1 
ATOM   724  C C   . ARG A 1 111 ? 13.127  -0.199  7.177   1.00 23.99 ? 90  ARG A C   1 
ATOM   725  O O   . ARG A 1 111 ? 13.026  -1.384  7.494   1.00 24.31 ? 90  ARG A O   1 
ATOM   726  C CB  . ARG A 1 111 ? 11.157  1.191   6.633   1.00 23.51 ? 90  ARG A CB  1 
ATOM   727  C CG  . ARG A 1 111 ? 10.131  1.643   5.623   1.00 26.12 ? 90  ARG A CG  1 
ATOM   728  C CD  . ARG A 1 111 ? 8.935   2.182   6.348   1.00 28.92 ? 90  ARG A CD  1 
ATOM   729  N NE  . ARG A 1 111 ? 8.073   1.136   6.896   1.00 30.85 ? 90  ARG A NE  1 
ATOM   730  C CZ  . ARG A 1 111 ? 7.383   1.251   8.028   1.00 31.60 ? 90  ARG A CZ  1 
ATOM   731  N NH1 . ARG A 1 111 ? 7.470   2.355   8.760   1.00 32.06 ? 90  ARG A NH1 1 
ATOM   732  N NH2 . ARG A 1 111 ? 6.614   0.253   8.440   1.00 33.04 ? 90  ARG A NH2 1 
ATOM   733  N N   . ALA A 1 112 ? 13.951  0.647   7.783   1.00 24.64 ? 91  ALA A N   1 
ATOM   734  C CA  . ALA A 1 112 ? 14.788  0.205   8.885   1.00 24.85 ? 91  ALA A CA  1 
ATOM   735  C C   . ALA A 1 112 ? 13.933  -0.281  10.061  1.00 24.98 ? 91  ALA A C   1 
ATOM   736  O O   . ALA A 1 112 ? 14.377  -1.111  10.859  1.00 25.10 ? 91  ALA A O   1 
ATOM   737  C CB  . ALA A 1 112 ? 15.715  1.317   9.292   1.00 25.13 ? 91  ALA A CB  1 
ATOM   738  N N   . VAL A 1 113 ? 12.696  0.206   10.131  1.00 24.77 ? 92  VAL A N   1 
ATOM   739  C CA  . VAL A 1 113 ? 11.747  -0.209  11.174  1.00 24.86 ? 92  VAL A CA  1 
ATOM   740  C C   . VAL A 1 113 ? 10.581  -1.078  10.655  1.00 24.68 ? 92  VAL A C   1 
ATOM   741  O O   . VAL A 1 113 ? 9.485   -1.071  11.223  1.00 24.86 ? 92  VAL A O   1 
ATOM   742  C CB  . VAL A 1 113 ? 11.220  1.015   11.986  1.00 24.99 ? 92  VAL A CB  1 
ATOM   743  C CG1 . VAL A 1 113 ? 12.367  1.692   12.695  1.00 25.72 ? 92  VAL A CG1 1 
ATOM   744  C CG2 . VAL A 1 113 ? 10.502  2.016   11.074  1.00 25.27 ? 92  VAL A CG2 1 
ATOM   745  N N   . SER A 1 114 ? 10.818  -1.828  9.581   1.00 23.89 ? 93  SER A N   1 
ATOM   746  C CA  . SER A 1 114 ? 9.797   -2.727  9.050   1.00 23.29 ? 93  SER A CA  1 
ATOM   747  C C   . SER A 1 114 ? 9.595   -3.938  9.947   1.00 22.77 ? 93  SER A C   1 
ATOM   748  O O   . SER A 1 114 ? 10.468  -4.283  10.740  1.00 22.40 ? 93  SER A O   1 
ATOM   749  C CB  . SER A 1 114 ? 10.173  -3.205  7.645   1.00 23.29 ? 93  SER A CB  1 
ATOM   750  O OG  . SER A 1 114 ? 9.797   -2.256  6.667   1.00 23.78 ? 93  SER A OG  1 
ATOM   751  N N   . ASP A 1 115 ? 8.443   -4.592  9.802   1.00 22.42 ? 94  ASP A N   1 
ATOM   752  C CA  . ASP A 1 115 ? 8.246   -5.900  10.412  1.00 22.32 ? 94  ASP A CA  1 
ATOM   753  C C   . ASP A 1 115 ? 8.960   -6.911  9.512   1.00 21.57 ? 94  ASP A C   1 
ATOM   754  O O   . ASP A 1 115 ? 8.368   -7.479  8.594   1.00 20.38 ? 94  ASP A O   1 
ATOM   755  C CB  . ASP A 1 115 ? 6.748   -6.211  10.547  1.00 22.98 ? 94  ASP A CB  1 
ATOM   756  C CG  . ASP A 1 115 ? 6.476   -7.476  11.359  1.00 25.06 ? 94  ASP A CG  1 
ATOM   757  O OD1 . ASP A 1 115 ? 7.399   -8.308  11.534  1.00 26.28 ? 94  ASP A OD1 1 
ATOM   758  O OD2 . ASP A 1 115 ? 5.318   -7.641  11.819  1.00 28.65 ? 94  ASP A OD2 1 
ATOM   759  N N   . PHE A 1 116 ? 10.249  -7.109  9.766   1.00 20.67 ? 95  PHE A N   1 
ATOM   760  C CA  . PHE A 1 116 ? 11.074  -7.953  8.906   1.00 20.18 ? 95  PHE A CA  1 
ATOM   761  C C   . PHE A 1 116 ? 10.629  -9.419  8.904   1.00 19.13 ? 95  PHE A C   1 
ATOM   762  O O   . PHE A 1 116 ? 10.665  -10.083 7.860   1.00 19.10 ? 95  PHE A O   1 
ATOM   763  C CB  . PHE A 1 116 ? 12.547  -7.848  9.303   1.00 20.87 ? 95  PHE A CB  1 
ATOM   764  C CG  . PHE A 1 116 ? 13.128  -6.476  9.123   1.00 22.21 ? 95  PHE A CG  1 
ATOM   765  C CD1 . PHE A 1 116 ? 13.490  -6.021  7.860   1.00 24.25 ? 95  PHE A CD1 1 
ATOM   766  C CD2 . PHE A 1 116 ? 13.341  -5.647  10.222  1.00 24.49 ? 95  PHE A CD2 1 
ATOM   767  C CE1 . PHE A 1 116 ? 14.038  -4.750  7.690   1.00 24.98 ? 95  PHE A CE1 1 
ATOM   768  C CE2 . PHE A 1 116 ? 13.894  -4.376  10.061  1.00 25.51 ? 95  PHE A CE2 1 
ATOM   769  C CZ  . PHE A 1 116 ? 14.241  -3.932  8.793   1.00 25.07 ? 95  PHE A CZ  1 
ATOM   770  N N   . GLU A 1 117 ? 10.222  -9.919  10.071  1.00 18.05 ? 96  GLU A N   1 
ATOM   771  C CA  . GLU A 1 117 ? 9.686   -11.275 10.186  1.00 17.62 ? 96  GLU A CA  1 
ATOM   772  C C   . GLU A 1 117 ? 8.553   -11.453 9.175   1.00 15.72 ? 96  GLU A C   1 
ATOM   773  O O   . GLU A 1 117 ? 8.558   -12.382 8.363   1.00 14.85 ? 96  GLU A O   1 
ATOM   774  C CB  . GLU A 1 117 ? 9.174   -11.554 11.616  1.00 18.39 ? 96  GLU A CB  1 
ATOM   775  C CG  . GLU A 1 117 ? 8.092   -12.657 11.675  1.00 22.55 ? 96  GLU A CG  1 
ATOM   776  C CD  . GLU A 1 117 ? 7.721   -13.116 13.077  1.00 25.74 ? 96  GLU A CD  1 
ATOM   777  O OE1 . GLU A 1 117 ? 7.449   -12.259 13.946  1.00 28.95 ? 96  GLU A OE1 1 
ATOM   778  O OE2 . GLU A 1 117 ? 7.664   -14.349 13.292  1.00 28.21 ? 96  GLU A OE2 1 
ATOM   779  N N   . TYR A 1 118 ? 7.607   -10.526 9.219   1.00 14.72 ? 97  TYR A N   1 
ATOM   780  C CA  A TYR A 1 118 ? 6.419   -10.559 8.398   0.50 14.05 ? 97  TYR A CA  1 
ATOM   781  C CA  B TYR A 1 118 ? 6.431   -10.635 8.362   0.50 14.15 ? 97  TYR A CA  1 
ATOM   782  C C   . TYR A 1 118 ? 6.788   -10.501 6.896   1.00 13.54 ? 97  TYR A C   1 
ATOM   783  O O   . TYR A 1 118 ? 6.298   -11.277 6.080   1.00 12.96 ? 97  TYR A O   1 
ATOM   784  C CB  A TYR A 1 118 ? 5.579   -9.368  8.853   0.50 14.47 ? 97  TYR A CB  1 
ATOM   785  C CB  B TYR A 1 118 ? 5.314   -9.648  8.707   0.50 14.62 ? 97  TYR A CB  1 
ATOM   786  C CG  A TYR A 1 118 ? 4.316   -9.083  8.112   0.50 15.20 ? 97  TYR A CG  1 
ATOM   787  C CG  B TYR A 1 118 ? 4.095   -9.876  7.830   0.50 15.73 ? 97  TYR A CG  1 
ATOM   788  C CD1 A TYR A 1 118 ? 4.127   -7.852  7.508   0.50 16.67 ? 97  TYR A CD1 1 
ATOM   789  C CD1 B TYR A 1 118 ? 3.218   -10.918 8.095   0.50 16.88 ? 97  TYR A CD1 1 
ATOM   790  C CD2 A TYR A 1 118 ? 3.297   -10.018 8.040   0.50 16.67 ? 97  TYR A CD2 1 
ATOM   791  C CD2 B TYR A 1 118 ? 3.847   -9.081  6.717   0.50 17.31 ? 97  TYR A CD2 1 
ATOM   792  C CE1 A TYR A 1 118 ? 2.972   -7.565  6.842   0.50 17.26 ? 97  TYR A CE1 1 
ATOM   793  C CE1 B TYR A 1 118 ? 2.113   -11.148 7.297   0.50 18.01 ? 97  TYR A CE1 1 
ATOM   794  C CE2 A TYR A 1 118 ? 2.132   -9.737  7.374   0.50 18.04 ? 97  TYR A CE2 1 
ATOM   795  C CE2 B TYR A 1 118 ? 2.741   -9.304  5.910   0.50 18.85 ? 97  TYR A CE2 1 
ATOM   796  C CZ  A TYR A 1 118 ? 1.979   -8.505  6.774   0.50 17.57 ? 97  TYR A CZ  1 
ATOM   797  C CZ  B TYR A 1 118 ? 1.878   -10.340 6.208   0.50 19.14 ? 97  TYR A CZ  1 
ATOM   798  O OH  A TYR A 1 118 ? 0.820   -8.209  6.103   0.50 19.90 ? 97  TYR A OH  1 
ATOM   799  O OH  B TYR A 1 118 ? 0.776   -10.578 5.419   0.50 20.85 ? 97  TYR A OH  1 
ATOM   800  N N   . GLU A 1 119 ? 7.658   -9.557  6.554   1.00 12.61 ? 98  GLU A N   1 
ATOM   801  C CA  . GLU A 1 119 ? 8.030   -9.365  5.151   1.00 12.11 ? 98  GLU A CA  1 
ATOM   802  C C   . GLU A 1 119 ? 8.741   -10.573 4.544   1.00 12.12 ? 98  GLU A C   1 
ATOM   803  O O   . GLU A 1 119 ? 8.463   -10.969 3.400   1.00 12.04 ? 98  GLU A O   1 
ATOM   804  C CB  . GLU A 1 119 ? 8.895   -8.111  4.990   1.00 12.15 ? 98  GLU A CB  1 
ATOM   805  C CG  . GLU A 1 119 ? 8.179   -6.795  5.258   1.00 13.17 ? 98  GLU A CG  1 
ATOM   806  C CD  . GLU A 1 119 ? 7.037   -6.488  4.285   1.00 14.71 ? 98  GLU A CD  1 
ATOM   807  O OE1 . GLU A 1 119 ? 6.977   -7.059  3.165   1.00 14.36 ? 98  GLU A OE1 1 
ATOM   808  O OE2 . GLU A 1 119 ? 6.190   -5.648  4.654   1.00 16.01 ? 98  GLU A OE2 1 
ATOM   809  N N   . PHE A 1 120 ? 9.651   -11.164 5.306   1.00 12.46 ? 99  PHE A N   1 
ATOM   810  C CA  A PHE A 1 120 ? 10.428  -12.278 4.794   0.50 12.35 ? 99  PHE A CA  1 
ATOM   811  C CA  B PHE A 1 120 ? 10.418  -12.295 4.800   0.50 12.57 ? 99  PHE A CA  1 
ATOM   812  C C   . PHE A 1 120 ? 9.603   -13.575 4.789   1.00 12.07 ? 99  PHE A C   1 
ATOM   813  O O   . PHE A 1 120 ? 9.798   -14.432 3.933   1.00 12.19 ? 99  PHE A O   1 
ATOM   814  C CB  A PHE A 1 120 ? 11.757  -12.413 5.544   0.50 13.12 ? 99  PHE A CB  1 
ATOM   815  C CB  B PHE A 1 120 ? 11.726  -12.471 5.560   0.50 13.49 ? 99  PHE A CB  1 
ATOM   816  C CG  A PHE A 1 120 ? 12.597  -11.147 5.534   0.50 13.41 ? 99  PHE A CG  1 
ATOM   817  C CG  B PHE A 1 120 ? 12.827  -11.601 5.045   0.50 14.76 ? 99  PHE A CG  1 
ATOM   818  C CD1 A PHE A 1 120 ? 12.536  -10.255 4.466   0.50 13.97 ? 99  PHE A CD1 1 
ATOM   819  C CD1 B PHE A 1 120 ? 13.597  -12.007 3.972   0.50 16.68 ? 99  PHE A CD1 1 
ATOM   820  C CD2 A PHE A 1 120 ? 13.467  -10.873 6.578   0.50 14.19 ? 99  PHE A CD2 1 
ATOM   821  C CD2 B PHE A 1 120 ? 13.078  -10.367 5.622   0.50 16.02 ? 99  PHE A CD2 1 
ATOM   822  C CE1 A PHE A 1 120 ? 13.310  -9.093  4.456   0.50 14.35 ? 99  PHE A CE1 1 
ATOM   823  C CE1 B PHE A 1 120 ? 14.612  -11.206 3.483   0.50 17.96 ? 99  PHE A CE1 1 
ATOM   824  C CE2 A PHE A 1 120 ? 14.249  -9.719  6.574   0.50 14.47 ? 99  PHE A CE2 1 
ATOM   825  C CE2 B PHE A 1 120 ? 14.100  -9.556  5.138   0.50 17.74 ? 99  PHE A CE2 1 
ATOM   826  C CZ  A PHE A 1 120 ? 14.169  -8.829  5.513   0.50 14.26 ? 99  PHE A CZ  1 
ATOM   827  C CZ  B PHE A 1 120 ? 14.859  -9.976  4.064   0.50 17.79 ? 99  PHE A CZ  1 
ATOM   828  N N   . GLN A 1 121 ? 8.668   -13.700 5.732   1.00 11.86 ? 100 GLN A N   1 
ATOM   829  C CA  . GLN A 1 121 ? 7.743   -14.837 5.695   1.00 11.81 ? 100 GLN A CA  1 
ATOM   830  C C   . GLN A 1 121 ? 6.858   -14.775 4.466   1.00 11.41 ? 100 GLN A C   1 
ATOM   831  O O   . GLN A 1 121 ? 6.697   -15.782 3.762   1.00 11.85 ? 100 GLN A O   1 
ATOM   832  C CB  . GLN A 1 121 ? 6.873   -14.886 6.936   1.00 12.63 ? 100 GLN A CB  1 
ATOM   833  C CG  . GLN A 1 121 ? 7.614   -15.398 8.132   1.00 15.15 ? 100 GLN A CG  1 
ATOM   834  C CD  . GLN A 1 121 ? 6.741   -15.456 9.354   1.00 18.82 ? 100 GLN A CD  1 
ATOM   835  O OE1 . GLN A 1 121 ? 5.910   -14.571 9.589   1.00 20.55 ? 100 GLN A OE1 1 
ATOM   836  N NE2 . GLN A 1 121 ? 6.899   -16.514 10.130  1.00 21.27 ? 100 GLN A NE2 1 
ATOM   837  N N   . MET A 1 122 ? 6.285   -13.606 4.205   1.00 11.58 ? 101 MET A N   1 
ATOM   838  C CA  A MET A 1 122 ? 5.454   -13.431 3.024   0.50 11.83 ? 101 MET A CA  1 
ATOM   839  C CA  B MET A 1 122 ? 5.444   -13.446 3.017   0.50 11.55 ? 101 MET A CA  1 
ATOM   840  C C   . MET A 1 122 ? 6.257   -13.706 1.750   1.00 11.67 ? 101 MET A C   1 
ATOM   841  O O   . MET A 1 122 ? 5.812   -14.429 0.859   1.00 11.94 ? 101 MET A O   1 
ATOM   842  C CB  A MET A 1 122 ? 4.857   -12.027 3.002   0.50 12.22 ? 101 MET A CB  1 
ATOM   843  C CB  B MET A 1 122 ? 4.746   -12.075 2.968   0.50 11.68 ? 101 MET A CB  1 
ATOM   844  C CG  A MET A 1 122 ? 4.331   -11.596 1.663   0.50 13.28 ? 101 MET A CG  1 
ATOM   845  C CG  B MET A 1 122 ? 3.480   -11.982 3.831   0.50 11.67 ? 101 MET A CG  1 
ATOM   846  S SD  A MET A 1 122 ? 3.861   -9.865  1.700   0.50 17.32 ? 101 MET A SD  1 
ATOM   847  S SD  B MET A 1 122 ? 2.489   -10.477 3.624   0.50 13.24 ? 101 MET A SD  1 
ATOM   848  C CE  A MET A 1 122 ? 3.813   -9.447  -0.052  0.50 14.69 ? 101 MET A CE  1 
ATOM   849  C CE  B MET A 1 122 ? 3.723   -9.220  3.927   0.50 13.76 ? 101 MET A CE  1 
ATOM   850  N N   . ALA A 1 123 ? 7.460   -13.138 1.667   1.00 11.31 ? 102 ALA A N   1 
ATOM   851  C CA  . ALA A 1 123 ? 8.284   -13.339 0.464   1.00 11.62 ? 102 ALA A CA  1 
ATOM   852  C C   . ALA A 1 123 ? 8.619   -14.813 0.278   1.00 12.38 ? 102 ALA A C   1 
ATOM   853  O O   . ALA A 1 123 ? 8.534   -15.327 -0.829  1.00 12.86 ? 102 ALA A O   1 
ATOM   854  C CB  . ALA A 1 123 ? 9.549   -12.500 0.533   1.00 12.14 ? 102 ALA A CB  1 
ATOM   855  N N   . GLY A 1 124 ? 8.968   -15.491 1.370   1.00 12.55 ? 103 GLY A N   1 
ATOM   856  C CA  . GLY A 1 124 ? 9.319   -16.907 1.307   1.00 12.71 ? 103 GLY A CA  1 
ATOM   857  C C   . GLY A 1 124 ? 8.140   -17.777 0.912   1.00 13.19 ? 103 GLY A C   1 
ATOM   858  O O   . GLY A 1 124 ? 8.284   -18.723 0.131   1.00 13.52 ? 103 GLY A O   1 
ATOM   859  N N   . MET A 1 125 ? 6.963   -17.464 1.446   1.00 12.75 ? 104 MET A N   1 
ATOM   860  C CA  . MET A 1 125 ? 5.772   -18.246 1.134   1.00 13.30 ? 104 MET A CA  1 
ATOM   861  C C   . MET A 1 125 ? 5.254   -17.957 -0.271  1.00 14.43 ? 104 MET A C   1 
ATOM   862  O O   . MET A 1 125 ? 4.799   -18.865 -0.978  1.00 14.79 ? 104 MET A O   1 
ATOM   863  C CB  . MET A 1 125 ? 4.695   -18.023 2.188   1.00 12.89 ? 104 MET A CB  1 
ATOM   864  C CG  . MET A 1 125 ? 5.067   -18.678 3.514   1.00 11.88 ? 104 MET A CG  1 
ATOM   865  S SD  . MET A 1 125 ? 3.848   -18.370 4.789   1.00 10.64 ? 104 MET A SD  1 
ATOM   866  C CE  . MET A 1 125 ? 2.561   -19.527 4.291   1.00 10.70 ? 104 MET A CE  1 
ATOM   867  N N   . ASN A 1 126 ? 5.327   -16.695 -0.684  1.00 15.10 ? 105 ASN A N   1 
ATOM   868  C CA  . ASN A 1 126 ? 4.957   -16.344 -2.058  1.00 15.98 ? 105 ASN A CA  1 
ATOM   869  C C   . ASN A 1 126 ? 5.878   -16.983 -3.092  1.00 16.39 ? 105 ASN A C   1 
ATOM   870  O O   . ASN A 1 126 ? 5.435   -17.242 -4.227  1.00 17.02 ? 105 ASN A O   1 
ATOM   871  C CB  . ASN A 1 126 ? 4.862   -14.820 -2.265  1.00 16.20 ? 105 ASN A CB  1 
ATOM   872  C CG  . ASN A 1 126 ? 3.548   -14.239 -1.774  1.00 17.24 ? 105 ASN A CG  1 
ATOM   873  O OD1 . ASN A 1 126 ? 2.494   -14.879 -1.839  1.00 18.27 ? 105 ASN A OD1 1 
ATOM   874  N ND2 . ASN A 1 126 ? 3.600   -13.007 -1.279  1.00 17.00 ? 105 ASN A ND2 1 
ATOM   875  N N   A ARG A 1 127 ? 7.137   -17.236 -2.674  0.50 16.37 ? 106 ARG A N   1 
ATOM   876  N N   B ARG A 1 127 ? 7.124   -17.230 -2.743  0.50 15.70 ? 106 ARG A N   1 
ATOM   877  C CA  A ARG A 1 127 ? 8.219   -17.957 -3.417  0.50 16.56 ? 106 ARG A CA  1 
ATOM   878  C CA  B ARG A 1 127 ? 7.995   -17.907 -3.674  0.50 15.47 ? 106 ARG A CA  1 
ATOM   879  C C   A ARG A 1 127 ? 7.856   -19.414 -3.722  0.50 16.15 ? 106 ARG A C   1 
ATOM   880  C C   B ARG A 1 127 ? 7.482   -19.326 -3.907  0.50 15.22 ? 106 ARG A C   1 
ATOM   881  O O   A ARG A 1 127 ? 8.351   -20.013 -4.692  0.50 16.39 ? 106 ARG A O   1 
ATOM   882  O O   B ARG A 1 127 ? 7.446   -19.802 -5.043  0.50 14.94 ? 106 ARG A O   1 
ATOM   883  C CB  A ARG A 1 127 ? 9.544   -18.008 -2.617  0.50 16.99 ? 106 ARG A CB  1 
ATOM   884  C CB  B ARG A 1 127 ? 9.423   -17.914 -3.164  0.50 15.04 ? 106 ARG A CB  1 
ATOM   885  C CG  A ARG A 1 127 ? 10.472  -16.776 -2.629  0.50 17.44 ? 106 ARG A CG  1 
ATOM   886  C CG  B ARG A 1 127 ? 10.348  -18.740 -4.004  0.50 14.05 ? 106 ARG A CG  1 
ATOM   887  C CD  A ARG A 1 127 ? 11.977  -17.124 -2.377  0.50 17.60 ? 106 ARG A CD  1 
ATOM   888  C CD  B ARG A 1 127 ? 11.776  -18.384 -3.719  0.50 13.18 ? 106 ARG A CD  1 
ATOM   889  N NE  A ARG A 1 127 ? 12.320  -17.613 -1.029  0.50 16.79 ? 106 ARG A NE  1 
ATOM   890  N NE  B ARG A 1 127 ? 12.122  -17.062 -4.230  0.50 10.83 ? 106 ARG A NE  1 
ATOM   891  C CZ  A ARG A 1 127 ? 12.662  -16.839 0.004   0.50 16.37 ? 106 ARG A CZ  1 
ATOM   892  C CZ  B ARG A 1 127 ? 13.196  -16.389 -3.836  0.50 11.12 ? 106 ARG A CZ  1 
ATOM   893  N NH1 A ARG A 1 127 ? 12.694  -15.519 -0.119  0.50 15.88 ? 106 ARG A NH1 1 
ATOM   894  N NH1 B ARG A 1 127 ? 13.998  -16.917 -2.925  0.50 10.78 ? 106 ARG A NH1 1 
ATOM   895  N NH2 A ARG A 1 127 ? 12.958  -17.382 1.180   0.50 16.49 ? 106 ARG A NH2 1 
ATOM   896  N NH2 B ARG A 1 127 ? 13.464  -15.194 -4.347  0.50 9.74  ? 106 ARG A NH2 1 
ATOM   897  N N   . TYR A 1 128 ? 7.050   -19.996 -2.839  1.00 15.07 ? 107 TYR A N   1 
ATOM   898  C CA  . TYR A 1 128 ? 6.494   -21.336 -3.013  1.00 15.37 ? 107 TYR A CA  1 
ATOM   899  C C   . TYR A 1 128 ? 5.270   -21.261 -3.921  1.00 15.25 ? 107 TYR A C   1 
ATOM   900  O O   . TYR A 1 128 ? 5.072   -22.124 -4.786  1.00 15.72 ? 107 TYR A O   1 
ATOM   901  C CB  . TYR A 1 128 ? 6.069   -21.925 -1.673  1.00 15.13 ? 107 TYR A CB  1 
ATOM   902  C CG  . TYR A 1 128 ? 7.111   -22.743 -0.964  1.00 16.28 ? 107 TYR A CG  1 
ATOM   903  C CD1 . TYR A 1 128 ? 7.511   -23.983 -1.470  1.00 16.72 ? 107 TYR A CD1 1 
ATOM   904  C CD2 . TYR A 1 128 ? 7.658   -22.307 0.243   1.00 16.62 ? 107 TYR A CD2 1 
ATOM   905  C CE1 . TYR A 1 128 ? 8.453   -24.758 -0.803  1.00 17.91 ? 107 TYR A CE1 1 
ATOM   906  C CE2 . TYR A 1 128 ? 8.600   -23.074 0.921   1.00 17.80 ? 107 TYR A CE2 1 
ATOM   907  C CZ  . TYR A 1 128 ? 8.991   -24.292 0.391   1.00 18.03 ? 107 TYR A CZ  1 
ATOM   908  O OH  . TYR A 1 128 ? 9.918   -25.062 1.062   1.00 19.82 ? 107 TYR A OH  1 
ATOM   909  N N   . LEU A 1 129 ? 4.451   -20.236 -3.709  1.00 15.20 ? 108 LEU A N   1 
ATOM   910  C CA  . LEU A 1 129 ? 3.224   -20.065 -4.475  1.00 15.53 ? 108 LEU A CA  1 
ATOM   911  C C   . LEU A 1 129 ? 3.475   -19.567 -5.900  1.00 15.47 ? 108 LEU A C   1 
ATOM   912  O O   . LEU A 1 129 ? 2.722   -19.915 -6.809  1.00 16.19 ? 108 LEU A O   1 
ATOM   913  C CB  . LEU A 1 129 ? 2.262   -19.117 -3.758  1.00 16.19 ? 108 LEU A CB  1 
ATOM   914  C CG  . LEU A 1 129 ? 1.807   -19.538 -2.361  1.00 16.93 ? 108 LEU A CG  1 
ATOM   915  C CD1 . LEU A 1 129 ? 1.066   -18.395 -1.694  1.00 17.21 ? 108 LEU A CD1 1 
ATOM   916  C CD2 . LEU A 1 129 ? 0.930   -20.785 -2.417  1.00 17.71 ? 108 LEU A CD2 1 
ATOM   917  N N   . LEU A 1 130 ? 4.526   -18.767 -6.079  1.00 15.42 ? 109 LEU A N   1 
ATOM   918  C CA  . LEU A 1 130 ? 4.850   -18.098 -7.355  1.00 15.55 ? 109 LEU A CA  1 
ATOM   919  C C   . LEU A 1 130 ? 6.357   -18.145 -7.602  1.00 14.96 ? 109 LEU A C   1 
ATOM   920  O O   . LEU A 1 130 ? 7.038   -17.123 -7.484  1.00 14.38 ? 109 LEU A O   1 
ATOM   921  C CB  . LEU A 1 130 ? 4.434   -16.626 -7.297  1.00 16.56 ? 109 LEU A CB  1 
ATOM   922  C CG  . LEU A 1 130 ? 2.969   -16.239 -7.156  1.00 18.07 ? 109 LEU A CG  1 
ATOM   923  C CD1 . LEU A 1 130 ? 2.847   -14.881 -6.469  1.00 19.75 ? 109 LEU A CD1 1 
ATOM   924  C CD2 . LEU A 1 130 ? 2.317   -16.215 -8.525  1.00 19.35 ? 109 LEU A CD2 1 
ATOM   925  N N   . PRO A 1 131 ? 6.896   -19.329 -7.938  1.00 14.77 ? 110 PRO A N   1 
ATOM   926  C CA  . PRO A 1 131 ? 8.361   -19.467 -7.984  1.00 15.17 ? 110 PRO A CA  1 
ATOM   927  C C   . PRO A 1 131 ? 9.061   -18.536 -8.978  1.00 15.34 ? 110 PRO A C   1 
ATOM   928  O O   . PRO A 1 131 ? 10.201  -18.136 -8.743  1.00 16.23 ? 110 PRO A O   1 
ATOM   929  C CB  . PRO A 1 131 ? 8.565   -20.928 -8.396  1.00 15.24 ? 110 PRO A CB  1 
ATOM   930  C CG  . PRO A 1 131 ? 7.281   -21.611 -8.041  1.00 15.41 ? 110 PRO A CG  1 
ATOM   931  C CD  . PRO A 1 131 ? 6.212   -20.597 -8.255  1.00 14.98 ? 110 PRO A CD  1 
ATOM   932  N N   . ASP A 1 132 ? 8.376   -18.182 -10.057 1.00 15.15 ? 111 ASP A N   1 
ATOM   933  C CA  . ASP A 1 132 ? 8.955   -17.331 -11.096 1.00 14.91 ? 111 ASP A CA  1 
ATOM   934  C C   . ASP A 1 132 ? 8.723   -15.830 -10.881 1.00 13.97 ? 111 ASP A C   1 
ATOM   935  O O   . ASP A 1 132 ? 9.106   -15.026 -11.737 1.00 14.37 ? 111 ASP A O   1 
ATOM   936  C CB  . ASP A 1 132 ? 8.323   -17.694 -12.430 1.00 15.75 ? 111 ASP A CB  1 
ATOM   937  C CG  . ASP A 1 132 ? 6.826   -17.457 -12.408 1.00 19.07 ? 111 ASP A CG  1 
ATOM   938  O OD1 . ASP A 1 132 ? 6.126   -18.159 -11.645 1.00 23.88 ? 111 ASP A OD1 1 
ATOM   939  O OD2 . ASP A 1 132 ? 6.361   -16.532 -13.092 1.00 24.92 ? 111 ASP A OD2 1 
ATOM   940  N N   . VAL A 1 133 ? 8.073   -15.453 -9.780  1.00 12.11 ? 112 VAL A N   1 
ATOM   941  C CA  . VAL A 1 133 ? 7.842   -14.036 -9.464  1.00 10.99 ? 112 VAL A CA  1 
ATOM   942  C C   . VAL A 1 133 ? 8.827   -13.619 -8.377  1.00 11.25 ? 112 VAL A C   1 
ATOM   943  O O   . VAL A 1 133 ? 8.970   -14.321 -7.376  1.00 11.65 ? 112 VAL A O   1 
ATOM   944  C CB  . VAL A 1 133 ? 6.379   -13.792 -9.018  1.00 10.33 ? 112 VAL A CB  1 
ATOM   945  C CG1 . VAL A 1 133 ? 6.176   -12.366 -8.489  1.00 11.28 ? 112 VAL A CG1 1 
ATOM   946  C CG2 . VAL A 1 133 ? 5.417   -14.078 -10.177 1.00 11.70 ? 112 VAL A CG2 1 
ATOM   947  N N   . GLU A 1 134 ? 9.520   -12.504 -8.584  1.00 10.36 ? 113 GLU A N   1 
ATOM   948  C CA  . GLU A 1 134 ? 10.460  -12.003 -7.587  1.00 11.16 ? 113 GLU A CA  1 
ATOM   949  C C   . GLU A 1 134 ? 9.847   -10.962 -6.667  1.00 10.97 ? 113 GLU A C   1 
ATOM   950  O O   . GLU A 1 134 ? 9.272   -9.984  -7.136  1.00 11.83 ? 113 GLU A O   1 
ATOM   951  C CB  . GLU A 1 134 ? 11.679  -11.391 -8.282  1.00 11.17 ? 113 GLU A CB  1 
ATOM   952  C CG  . GLU A 1 134 ? 12.466  -12.393 -9.131  1.00 13.63 ? 113 GLU A CG  1 
ATOM   953  C CD  . GLU A 1 134 ? 13.090  -13.513 -8.308  1.00 14.03 ? 113 GLU A CD  1 
ATOM   954  O OE1 . GLU A 1 134 ? 13.320  -13.330 -7.096  1.00 15.98 ? 113 GLU A OE1 1 
ATOM   955  O OE2 . GLU A 1 134 ? 13.330  -14.589 -8.888  1.00 16.33 ? 113 GLU A OE2 1 
ATOM   956  N N   . THR A 1 135 ? 9.989   -11.159 -5.360  1.00 10.63 ? 114 THR A N   1 
ATOM   957  C CA  . THR A 1 135 ? 9.710   -10.086 -4.405  1.00 10.95 ? 114 THR A CA  1 
ATOM   958  C C   . THR A 1 135 ? 10.954  -9.213  -4.329  1.00 11.19 ? 114 THR A C   1 
ATOM   959  O O   . THR A 1 135 ? 12.057  -9.703  -4.055  1.00 11.57 ? 114 THR A O   1 
ATOM   960  C CB  . THR A 1 135 ? 9.322   -10.612 -3.007  1.00 11.17 ? 114 THR A CB  1 
ATOM   961  O OG1 . THR A 1 135 ? 8.078   -11.307 -3.105  1.00 14.10 ? 114 THR A OG1 1 
ATOM   962  C CG2 . THR A 1 135 ? 9.140   -9.448  -2.020  1.00 11.67 ? 114 THR A CG2 1 
ATOM   963  N N   . MET A 1 136 ? 10.769  -7.931  -4.622  1.00 10.24 ? 115 MET A N   1 
ATOM   964  C CA  . MET A 1 136 ? 11.842  -6.948  -4.570  1.00 10.23 ? 115 MET A CA  1 
ATOM   965  C C   . MET A 1 136 ? 11.485  -5.868  -3.557  1.00 9.70  ? 115 MET A C   1 
ATOM   966  O O   . MET A 1 136 ? 10.375  -5.354  -3.557  1.00 10.21 ? 115 MET A O   1 
ATOM   967  C CB  . MET A 1 136 ? 12.080  -6.355  -5.949  1.00 10.47 ? 115 MET A CB  1 
ATOM   968  C CG  . MET A 1 136 ? 12.408  -7.437  -6.993  1.00 13.02 ? 115 MET A CG  1 
ATOM   969  S SD  . MET A 1 136 ? 12.778  -6.728  -8.607  1.00 17.63 ? 115 MET A SD  1 
ATOM   970  C CE  . MET A 1 136 ? 14.400  -6.059  -8.263  1.00 18.85 ? 115 MET A CE  1 
ATOM   971  N N   . PHE A 1 137 ? 12.414  -5.560  -2.668  1.00 8.85  ? 116 PHE A N   1 
ATOM   972  C CA  . PHE A 1 137 ? 12.161  -4.572  -1.624  1.00 9.93  ? 116 PHE A CA  1 
ATOM   973  C C   . PHE A 1 137 ? 12.766  -3.228  -2.005  1.00 10.59 ? 116 PHE A C   1 
ATOM   974  O O   . PHE A 1 137 ? 13.905  -3.166  -2.450  1.00 10.79 ? 116 PHE A O   1 
ATOM   975  C CB  . PHE A 1 137 ? 12.747  -5.048  -0.290  1.00 10.01 ? 116 PHE A CB  1 
ATOM   976  C CG  . PHE A 1 137 ? 12.088  -6.283  0.248   1.00 11.71 ? 116 PHE A CG  1 
ATOM   977  C CD1 . PHE A 1 137 ? 10.824  -6.210  0.827   1.00 13.46 ? 116 PHE A CD1 1 
ATOM   978  C CD2 . PHE A 1 137 ? 12.720  -7.516  0.160   1.00 13.26 ? 116 PHE A CD2 1 
ATOM   979  C CE1 . PHE A 1 137 ? 10.200  -7.361  1.332   1.00 14.14 ? 116 PHE A CE1 1 
ATOM   980  C CE2 . PHE A 1 137 ? 12.100  -8.674  0.662   1.00 14.91 ? 116 PHE A CE2 1 
ATOM   981  C CZ  . PHE A 1 137 ? 10.838  -8.582  1.245   1.00 13.52 ? 116 PHE A CZ  1 
ATOM   982  N N   . MET A 1 138 ? 11.997  -2.160  -1.822  1.00 11.30 ? 117 MET A N   1 
ATOM   983  C CA  . MET A 1 138 ? 12.479  -0.803  -2.097  1.00 12.74 ? 117 MET A CA  1 
ATOM   984  C C   . MET A 1 138 ? 12.373  0.006   -0.826  1.00 13.73 ? 117 MET A C   1 
ATOM   985  O O   . MET A 1 138 ? 11.647  -0.378  0.086   1.00 13.72 ? 117 MET A O   1 
ATOM   986  C CB  . MET A 1 138 ? 11.640  -0.153  -3.197  1.00 13.31 ? 117 MET A CB  1 
ATOM   987  C CG  . MET A 1 138 ? 11.700  -0.894  -4.520  1.00 14.07 ? 117 MET A CG  1 
ATOM   988  S SD  . MET A 1 138 ? 10.858  0.002   -5.847  1.00 16.60 ? 117 MET A SD  1 
ATOM   989  C CE  . MET A 1 138 ? 12.119  1.189   -6.296  1.00 17.43 ? 117 MET A CE  1 
ATOM   990  N N   . THR A 1 139 ? 13.096  1.127   -0.762  1.00 14.46 ? 118 THR A N   1 
ATOM   991  C CA  . THR A 1 139 ? 13.122  1.941   0.459   1.00 16.19 ? 118 THR A CA  1 
ATOM   992  C C   . THR A 1 139 ? 12.579  3.335   0.194   1.00 15.25 ? 118 THR A C   1 
ATOM   993  O O   . THR A 1 139 ? 12.988  3.975   -0.779  1.00 16.34 ? 118 THR A O   1 
ATOM   994  C CB  . THR A 1 139 ? 14.548  2.075   1.033   1.00 16.63 ? 118 THR A CB  1 
ATOM   995  O OG1 . THR A 1 139 ? 15.397  2.727   0.078   1.00 20.24 ? 118 THR A OG1 1 
ATOM   996  C CG2 . THR A 1 139 ? 15.128  0.713   1.366   1.00 18.81 ? 118 THR A CG2 1 
ATOM   997  N N   . PRO A 1 140 ? 11.666  3.820   1.051   1.00 15.08 ? 119 PRO A N   1 
ATOM   998  C CA  . PRO A 1 140 ? 11.176  5.181   0.858   1.00 14.63 ? 119 PRO A CA  1 
ATOM   999  C C   . PRO A 1 140 ? 12.224  6.197   1.327   1.00 13.96 ? 119 PRO A C   1 
ATOM   1000 O O   . PRO A 1 140 ? 13.221  5.813   1.951   1.00 14.05 ? 119 PRO A O   1 
ATOM   1001 C CB  . PRO A 1 140 ? 9.941   5.231   1.762   1.00 14.88 ? 119 PRO A CB  1 
ATOM   1002 C CG  . PRO A 1 140 ? 10.303  4.315   2.893   1.00 15.59 ? 119 PRO A CG  1 
ATOM   1003 C CD  . PRO A 1 140 ? 11.088  3.195   2.262   1.00 15.16 ? 119 PRO A CD  1 
ATOM   1004 N N   . SER A 1 141 ? 11.990  7.474   1.027   1.00 13.91 ? 120 SER A N   1 
ATOM   1005 C CA  . SER A 1 141 ? 12.856  8.554   1.508   1.00 13.99 ? 120 SER A CA  1 
ATOM   1006 C C   . SER A 1 141 ? 12.969  8.521   3.038   1.00 14.01 ? 120 SER A C   1 
ATOM   1007 O O   . SER A 1 141 ? 12.052  8.069   3.723   1.00 13.47 ? 120 SER A O   1 
ATOM   1008 C CB  . SER A 1 141 ? 12.310  9.910   1.064   1.00 14.38 ? 120 SER A CB  1 
ATOM   1009 O OG  . SER A 1 141 ? 12.087  9.965   -0.341  1.00 17.33 ? 120 SER A OG  1 
ATOM   1010 N N   . ASP A 1 142 ? 14.094  9.017   3.558   1.00 14.28 ? 121 ASP A N   1 
ATOM   1011 C CA  . ASP A 1 142 ? 14.372  9.045   4.997   1.00 14.69 ? 121 ASP A CA  1 
ATOM   1012 C C   . ASP A 1 142 ? 13.213  9.596   5.816   1.00 14.57 ? 121 ASP A C   1 
ATOM   1013 O O   . ASP A 1 142 ? 12.911  9.076   6.892   1.00 14.51 ? 121 ASP A O   1 
ATOM   1014 C CB  . ASP A 1 142 ? 15.598  9.919   5.307   1.00 15.28 ? 121 ASP A CB  1 
ATOM   1015 C CG  . ASP A 1 142 ? 16.879  9.415   4.659   1.00 18.86 ? 121 ASP A CG  1 
ATOM   1016 O OD1 . ASP A 1 142 ? 16.979  8.209   4.361   1.00 22.62 ? 121 ASP A OD1 1 
ATOM   1017 O OD2 . ASP A 1 142 ? 17.805  10.240  4.477   1.00 22.24 ? 121 ASP A OD2 1 
ATOM   1018 N N   . GLN A 1 143 ? 12.587  10.651  5.302   1.00 14.18 ? 122 GLN A N   1 
ATOM   1019 C CA  A GLN A 1 143 ? 11.569  11.368  6.064   0.50 14.35 ? 122 GLN A CA  1 
ATOM   1020 C CA  B GLN A 1 143 ? 11.548  11.386  6.024   0.50 14.55 ? 122 GLN A CA  1 
ATOM   1021 C C   . GLN A 1 143 ? 10.271  10.573  6.252   1.00 14.49 ? 122 GLN A C   1 
ATOM   1022 O O   . GLN A 1 143 ? 9.446   10.935  7.085   1.00 14.33 ? 122 GLN A O   1 
ATOM   1023 C CB  A GLN A 1 143 ? 11.304  12.768  5.487   0.50 14.47 ? 122 GLN A CB  1 
ATOM   1024 C CB  B GLN A 1 143 ? 11.233  12.721  5.328   0.50 14.80 ? 122 GLN A CB  1 
ATOM   1025 C CG  A GLN A 1 143 ? 10.655  12.799  4.116   0.50 15.19 ? 122 GLN A CG  1 
ATOM   1026 C CG  B GLN A 1 143 ? 10.843  12.609  3.858   0.50 16.56 ? 122 GLN A CG  1 
ATOM   1027 C CD  A GLN A 1 143 ? 11.668  12.814  2.986   0.50 15.52 ? 122 GLN A CD  1 
ATOM   1028 C CD  B GLN A 1 143 ? 10.629  13.966  3.206   0.50 18.33 ? 122 GLN A CD  1 
ATOM   1029 O OE1 A GLN A 1 143 ? 12.840  12.487  3.177   0.50 15.24 ? 122 GLN A OE1 1 
ATOM   1030 O OE1 B GLN A 1 143 ? 10.159  14.911  3.844   0.50 19.70 ? 122 GLN A OE1 1 
ATOM   1031 N NE2 A GLN A 1 143 ? 11.214  13.194  1.794   0.50 17.16 ? 122 GLN A NE2 1 
ATOM   1032 N NE2 B GLN A 1 143 ? 10.968  14.067  1.927   0.50 19.11 ? 122 GLN A NE2 1 
ATOM   1033 N N   . TYR A 1 144 ? 10.112  9.479   5.505   1.00 14.26 ? 123 TYR A N   1 
ATOM   1034 C CA  . TYR A 1 144 ? 8.913   8.645   5.635   1.00 15.52 ? 123 TYR A CA  1 
ATOM   1035 C C   . TYR A 1 144 ? 9.182   7.279   6.274   1.00 16.13 ? 123 TYR A C   1 
ATOM   1036 O O   . TYR A 1 144 ? 8.244   6.495   6.463   1.00 17.38 ? 123 TYR A O   1 
ATOM   1037 C CB  . TYR A 1 144 ? 8.220   8.454   4.266   1.00 15.38 ? 123 TYR A CB  1 
ATOM   1038 C CG  . TYR A 1 144 ? 8.052   9.722   3.456   1.00 16.55 ? 123 TYR A CG  1 
ATOM   1039 C CD1 . TYR A 1 144 ? 7.377   10.826  3.975   1.00 17.19 ? 123 TYR A CD1 1 
ATOM   1040 C CD2 . TYR A 1 144 ? 8.564   9.812   2.159   1.00 17.64 ? 123 TYR A CD2 1 
ATOM   1041 C CE1 . TYR A 1 144 ? 7.227   12.003  3.230   1.00 18.24 ? 123 TYR A CE1 1 
ATOM   1042 C CE2 . TYR A 1 144 ? 8.419   10.982  1.410   1.00 18.19 ? 123 TYR A CE2 1 
ATOM   1043 C CZ  . TYR A 1 144 ? 7.744   12.064  1.948   1.00 18.65 ? 123 TYR A CZ  1 
ATOM   1044 O OH  . TYR A 1 144 ? 7.602   13.228  1.218   1.00 20.93 ? 123 TYR A OH  1 
ATOM   1045 N N   . GLN A 1 145 ? 10.445  7.019   6.628   1.00 16.86 ? 124 GLN A N   1 
ATOM   1046 C CA  . GLN A 1 145 ? 10.894  5.715   7.136   1.00 17.69 ? 124 GLN A CA  1 
ATOM   1047 C C   . GLN A 1 145 ? 10.200  5.298   8.440   1.00 18.22 ? 124 GLN A C   1 
ATOM   1048 O O   . GLN A 1 145 ? 10.127  4.109   8.743   1.00 19.91 ? 124 GLN A O   1 
ATOM   1049 C CB  . GLN A 1 145 ? 12.423  5.694   7.331   1.00 18.07 ? 124 GLN A CB  1 
ATOM   1050 C CG  . GLN A 1 145 ? 13.277  5.674   6.038   1.00 18.89 ? 124 GLN A CG  1 
ATOM   1051 C CD  . GLN A 1 145 ? 13.766  4.280   5.620   1.00 20.10 ? 124 GLN A CD  1 
ATOM   1052 O OE1 . GLN A 1 145 ? 13.925  3.380   6.446   1.00 20.55 ? 124 GLN A OE1 1 
ATOM   1053 N NE2 . GLN A 1 145 ? 14.015  4.108   4.323   1.00 19.14 ? 124 GLN A NE2 1 
ATOM   1054 N N   . PHE A 1 146 ? 9.689   6.260   9.205   1.00 17.63 ? 125 PHE A N   1 
ATOM   1055 C CA  . PHE A 1 146 ? 9.167   5.956   10.534  1.00 17.47 ? 125 PHE A CA  1 
ATOM   1056 C C   . PHE A 1 146 ? 7.650   6.115   10.665  1.00 17.08 ? 125 PHE A C   1 
ATOM   1057 O O   . PHE A 1 146 ? 7.111   6.057   11.771  1.00 17.20 ? 125 PHE A O   1 
ATOM   1058 C CB  . PHE A 1 146 ? 9.956   6.758   11.592  1.00 17.81 ? 125 PHE A CB  1 
ATOM   1059 C CG  . PHE A 1 146 ? 11.443  6.508   11.533  1.00 18.86 ? 125 PHE A CG  1 
ATOM   1060 C CD1 . PHE A 1 146 ? 12.269  7.309   10.743  1.00 20.21 ? 125 PHE A CD1 1 
ATOM   1061 C CD2 . PHE A 1 146 ? 12.012  5.441   12.224  1.00 19.67 ? 125 PHE A CD2 1 
ATOM   1062 C CE1 . PHE A 1 146 ? 13.645  7.068   10.664  1.00 21.31 ? 125 PHE A CE1 1 
ATOM   1063 C CE2 . PHE A 1 146 ? 13.387  5.190   12.154  1.00 20.54 ? 125 PHE A CE2 1 
ATOM   1064 C CZ  . PHE A 1 146 ? 14.204  6.006   11.369  1.00 21.09 ? 125 PHE A CZ  1 
ATOM   1065 N N   . ILE A 1 147 ? 6.956   6.282   9.539   1.00 16.13 ? 126 ILE A N   1 
ATOM   1066 C CA  . ILE A 1 147 ? 5.495   6.434   9.564   1.00 16.09 ? 126 ILE A CA  1 
ATOM   1067 C C   . ILE A 1 147 ? 4.795   5.074   9.701   1.00 16.10 ? 126 ILE A C   1 
ATOM   1068 O O   . ILE A 1 147 ? 5.003   4.166   8.882   1.00 16.54 ? 126 ILE A O   1 
ATOM   1069 C CB  . ILE A 1 147 ? 4.962   7.177   8.315   1.00 16.22 ? 126 ILE A CB  1 
ATOM   1070 C CG1 . ILE A 1 147 ? 5.576   8.578   8.202   1.00 17.31 ? 126 ILE A CG1 1 
ATOM   1071 C CG2 . ILE A 1 147 ? 3.422   7.262   8.346   1.00 16.51 ? 126 ILE A CG2 1 
ATOM   1072 C CD1 . ILE A 1 147 ? 5.301   9.273   6.855   1.00 19.39 ? 126 ILE A CD1 1 
ATOM   1073 N N   . SER A 1 148 ? 3.987   4.943   10.750  1.00 14.95 ? 127 SER A N   1 
ATOM   1074 C CA  . SER A 1 148 ? 3.152   3.762   10.973  1.00 15.25 ? 127 SER A CA  1 
ATOM   1075 C C   . SER A 1 148 ? 1.688   4.077   10.699  1.00 15.16 ? 127 SER A C   1 
ATOM   1076 O O   . SER A 1 148 ? 1.138   5.017   11.261  1.00 14.34 ? 127 SER A O   1 
ATOM   1077 C CB  . SER A 1 148 ? 3.300   3.275   12.412  1.00 15.38 ? 127 SER A CB  1 
ATOM   1078 O OG  . SER A 1 148 ? 2.216   2.436   12.775  1.00 15.96 ? 127 SER A OG  1 
ATOM   1079 N N   . GLY A 1 149 ? 1.055   3.280   9.844   1.00 14.99 ? 128 GLY A N   1 
ATOM   1080 C CA  . GLY A 1 149 ? -0.364  3.465   9.542   1.00 15.60 ? 128 GLY A CA  1 
ATOM   1081 C C   . GLY A 1 149 ? -1.251  3.282   10.762  1.00 15.41 ? 128 GLY A C   1 
ATOM   1082 O O   . GLY A 1 149 ? -2.242  3.997   10.934  1.00 15.53 ? 128 GLY A O   1 
ATOM   1083 N N   . THR A 1 150 ? -0.891  2.322   11.608  1.00 16.20 ? 129 THR A N   1 
ATOM   1084 C CA  . THR A 1 150 ? -1.631  2.058   12.840  1.00 16.69 ? 129 THR A CA  1 
ATOM   1085 C C   . THR A 1 150 ? -1.624  3.294   13.735  1.00 15.78 ? 129 THR A C   1 
ATOM   1086 O O   . THR A 1 150 ? -2.660  3.669   14.295  1.00 15.77 ? 129 THR A O   1 
ATOM   1087 C CB  . THR A 1 150 ? -1.042  0.853   13.607  1.00 17.58 ? 129 THR A CB  1 
ATOM   1088 O OG1 . THR A 1 150 ? -0.942  -0.264  12.717  1.00 21.30 ? 129 THR A OG1 1 
ATOM   1089 C CG2 . THR A 1 150 ? -1.941  0.467   14.772  1.00 19.08 ? 129 THR A CG2 1 
ATOM   1090 N N   . ILE A 1 151 ? -0.462  3.926   13.849  1.00 14.50 ? 130 ILE A N   1 
ATOM   1091 C CA  . ILE A 1 151 ? -0.317  5.123   14.675  1.00 13.92 ? 130 ILE A CA  1 
ATOM   1092 C C   . ILE A 1 151 ? -1.044  6.305   14.016  1.00 13.36 ? 130 ILE A C   1 
ATOM   1093 O O   . ILE A 1 151 ? -1.678  7.116   14.704  1.00 11.94 ? 130 ILE A O   1 
ATOM   1094 C CB  . ILE A 1 151 ? 1.166   5.441   14.982  1.00 13.95 ? 130 ILE A CB  1 
ATOM   1095 C CG1 . ILE A 1 151 ? 1.793   4.289   15.788  1.00 15.56 ? 130 ILE A CG1 1 
ATOM   1096 C CG2 . ILE A 1 151 ? 1.306   6.760   15.769  1.00 14.76 ? 130 ILE A CG2 1 
ATOM   1097 C CD1 . ILE A 1 151 ? 3.262   4.452   16.064  1.00 16.27 ? 130 ILE A CD1 1 
ATOM   1098 N N   . VAL A 1 152 ? -0.974  6.393   12.688  1.00 12.59 ? 131 VAL A N   1 
ATOM   1099 C CA  . VAL A 1 152 ? -1.763  7.400   11.964  1.00 12.45 ? 131 VAL A CA  1 
ATOM   1100 C C   . VAL A 1 152 ? -3.266  7.297   12.302  1.00 12.32 ? 131 VAL A C   1 
ATOM   1101 O O   . VAL A 1 152 ? -3.919  8.308   12.590  1.00 12.06 ? 131 VAL A O   1 
ATOM   1102 C CB  . VAL A 1 152 ? -1.543  7.316   10.427  1.00 12.37 ? 131 VAL A CB  1 
ATOM   1103 C CG1 . VAL A 1 152 ? -2.577  8.134   9.679   1.00 12.96 ? 131 VAL A CG1 1 
ATOM   1104 C CG2 . VAL A 1 152 ? -0.131  7.761   10.063  1.00 12.90 ? 131 VAL A CG2 1 
ATOM   1105 N N   . ARG A 1 153 ? -3.808  6.079   12.278  1.00 12.67 ? 132 ARG A N   1 
ATOM   1106 C CA  . ARG A 1 153 ? -5.239  5.898   12.571  1.00 12.67 ? 132 ARG A CA  1 
ATOM   1107 C C   . ARG A 1 153 ? -5.563  6.265   14.013  1.00 12.75 ? 132 ARG A C   1 
ATOM   1108 O O   . ARG A 1 153 ? -6.568  6.925   14.269  1.00 12.89 ? 132 ARG A O   1 
ATOM   1109 C CB  . ARG A 1 153 ? -5.701  4.473   12.272  1.00 13.41 ? 132 ARG A CB  1 
ATOM   1110 C CG  . ARG A 1 153 ? -5.666  4.112   10.791  1.00 14.63 ? 132 ARG A CG  1 
ATOM   1111 C CD  . ARG A 1 153 ? -6.387  2.794   10.531  1.00 16.73 ? 132 ARG A CD  1 
ATOM   1112 N NE  . ARG A 1 153 ? -5.775  1.683   11.261  1.00 19.84 ? 132 ARG A NE  1 
ATOM   1113 C CZ  . ARG A 1 153 ? -4.720  0.984   10.852  1.00 20.12 ? 132 ARG A CZ  1 
ATOM   1114 N NH1 . ARG A 1 153 ? -4.115  1.263   9.706   1.00 20.81 ? 132 ARG A NH1 1 
ATOM   1115 N NH2 . ARG A 1 153 ? -4.258  -0.001  11.611  1.00 23.40 ? 132 ARG A NH2 1 
ATOM   1116 N N   . GLU A 1 154 ? -4.683  5.867   14.929  1.00 12.51 ? 133 GLU A N   1 
ATOM   1117 C CA  . GLU A 1 154 ? -4.803  6.173   16.354  1.00 12.78 ? 133 GLU A CA  1 
ATOM   1118 C C   . GLU A 1 154 ? -4.846  7.682   16.581  1.00 11.64 ? 133 GLU A C   1 
ATOM   1119 O O   . GLU A 1 154 ? -5.713  8.190   17.297  1.00 11.91 ? 133 GLU A O   1 
ATOM   1120 C CB  . GLU A 1 154 ? -3.631  5.552   17.113  1.00 13.56 ? 133 GLU A CB  1 
ATOM   1121 C CG  . GLU A 1 154 ? -3.715  5.672   18.621  1.00 16.78 ? 133 GLU A CG  1 
ATOM   1122 C CD  . GLU A 1 154 ? -2.557  4.975   19.311  1.00 21.21 ? 133 GLU A CD  1 
ATOM   1123 O OE1 . GLU A 1 154 ? -2.472  3.726   19.233  1.00 23.85 ? 133 GLU A OE1 1 
ATOM   1124 O OE2 . GLU A 1 154 ? -1.723  5.669   19.925  1.00 22.09 ? 133 GLU A OE2 1 
ATOM   1125 N N   . ILE A 1 155 ? -3.912  8.403   15.967  1.00 10.69 ? 134 ILE A N   1 
ATOM   1126 C CA  . ILE A 1 155 ? -3.895  9.856   16.100  1.00 9.93  ? 134 ILE A CA  1 
ATOM   1127 C C   . ILE A 1 155 ? -5.177  10.480  15.550  1.00 10.11 ? 134 ILE A C   1 
ATOM   1128 O O   . ILE A 1 155 ? -5.759  11.353  16.195  1.00 10.51 ? 134 ILE A O   1 
ATOM   1129 C CB  . ILE A 1 155 ? -2.646  10.468  15.435  1.00 9.58  ? 134 ILE A CB  1 
ATOM   1130 C CG1 . ILE A 1 155 ? -1.402  10.055  16.212  1.00 10.24 ? 134 ILE A CG1 1 
ATOM   1131 C CG2 . ILE A 1 155 ? -2.712  11.982  15.404  1.00 8.48  ? 134 ILE A CG2 1 
ATOM   1132 C CD1 . ILE A 1 155 ? -0.107  10.260  15.451  1.00 9.87  ? 134 ILE A CD1 1 
ATOM   1133 N N   . ALA A 1 156 ? -5.613  10.021  14.374  1.00 10.78 ? 135 ALA A N   1 
ATOM   1134 C CA  . ALA A 1 156 ? -6.787  10.605  13.719  1.00 11.28 ? 135 ALA A CA  1 
ATOM   1135 C C   . ALA A 1 156 ? -8.037  10.384  14.572  1.00 12.03 ? 135 ALA A C   1 
ATOM   1136 O O   . ALA A 1 156 ? -8.868  11.291  14.722  1.00 11.77 ? 135 ALA A O   1 
ATOM   1137 C CB  . ALA A 1 156 ? -6.964  10.019  12.302  1.00 11.85 ? 135 ALA A CB  1 
ATOM   1138 N N   . GLN A 1 157 ? -8.141  9.190   15.159  1.00 12.71 ? 136 GLN A N   1 
ATOM   1139 C CA  . GLN A 1 157 ? -9.300  8.825   15.998  1.00 14.25 ? 136 GLN A CA  1 
ATOM   1140 C C   . GLN A 1 157 ? -9.356  9.630   17.296  1.00 14.37 ? 136 GLN A C   1 
ATOM   1141 O O   . GLN A 1 157 ? -10.432 9.888   17.847  1.00 14.89 ? 136 GLN A O   1 
ATOM   1142 C CB  . GLN A 1 157 ? -9.304  7.317   16.270  1.00 14.80 ? 136 GLN A CB  1 
ATOM   1143 C CG  . GLN A 1 157 ? -9.755  6.486   15.061  1.00 18.28 ? 136 GLN A CG  1 
ATOM   1144 C CD  . GLN A 1 157 ? -9.131  5.095   14.997  1.00 21.85 ? 136 GLN A CD  1 
ATOM   1145 O OE1 . GLN A 1 157 ? -8.452  4.651   15.930  1.00 25.19 ? 136 GLN A OE1 1 
ATOM   1146 N NE2 . GLN A 1 157 ? -9.339  4.412   13.878  1.00 23.82 ? 136 GLN A NE2 1 
ATOM   1147 N N   . LEU A 1 158 ? -8.195  10.064  17.768  1.00 13.67 ? 137 LEU A N   1 
ATOM   1148 C CA  . LEU A 1 158 ? -8.130  10.901  18.956  1.00 13.93 ? 137 LEU A CA  1 
ATOM   1149 C C   . LEU A 1 158 ? -8.203  12.397  18.608  1.00 13.67 ? 137 LEU A C   1 
ATOM   1150 O O   . LEU A 1 158 ? -8.047  13.266  19.477  1.00 14.29 ? 137 LEU A O   1 
ATOM   1151 C CB  . LEU A 1 158 ? -6.876  10.552  19.777  1.00 13.65 ? 137 LEU A CB  1 
ATOM   1152 C CG  . LEU A 1 158 ? -6.891  9.139   20.388  1.00 15.13 ? 137 LEU A CG  1 
ATOM   1153 C CD1 . LEU A 1 158 ? -5.518  8.769   20.966  1.00 15.93 ? 137 LEU A CD1 1 
ATOM   1154 C CD2 . LEU A 1 158 ? -7.976  8.989   21.455  1.00 15.69 ? 137 LEU A CD2 1 
ATOM   1155 N N   . GLY A 1 159 ? -8.462  12.684  17.330  1.00 14.41 ? 138 GLY A N   1 
ATOM   1156 C CA  . GLY A 1 159 ? -8.643  14.051  16.845  1.00 14.52 ? 138 GLY A CA  1 
ATOM   1157 C C   . GLY A 1 159 ? -7.369  14.826  16.586  1.00 14.94 ? 138 GLY A C   1 
ATOM   1158 O O   . GLY A 1 159 ? -7.348  16.058  16.645  1.00 15.59 ? 138 GLY A O   1 
ATOM   1159 N N   . GLY A 1 160 ? -6.295  14.101  16.303  1.00 14.40 ? 139 GLY A N   1 
ATOM   1160 C CA  . GLY A 1 160 ? -5.021  14.730  16.054  1.00 14.42 ? 139 GLY A CA  1 
ATOM   1161 C C   . GLY A 1 160 ? -4.713  14.861  14.579  1.00 14.47 ? 139 GLY A C   1 
ATOM   1162 O O   . GLY A 1 160 ? -5.189  14.070  13.752  1.00 14.95 ? 139 GLY A O   1 
ATOM   1163 N N   A ASP A 1 161 ? -3.947  15.876  14.219  0.50 14.65 ? 140 ASP A N   1 
ATOM   1164 N N   B ASP A 1 161 ? -3.842  15.834  14.305  0.50 14.65 ? 140 ASP A N   1 
ATOM   1165 C CA  A ASP A 1 161 ? -3.647  16.066  12.809  0.50 14.26 ? 140 ASP A CA  1 
ATOM   1166 C CA  B ASP A 1 161 ? -3.248  16.136  12.996  0.50 14.38 ? 140 ASP A CA  1 
ATOM   1167 C C   A ASP A 1 161 ? -2.517  15.148  12.363  0.50 13.63 ? 140 ASP A C   1 
ATOM   1168 C C   B ASP A 1 161 ? -2.455  14.967  12.440  0.50 13.67 ? 140 ASP A C   1 
ATOM   1169 O O   A ASP A 1 161 ? -1.493  15.004  13.034  0.50 13.49 ? 140 ASP A O   1 
ATOM   1170 O O   B ASP A 1 161 ? -1.559  14.467  13.122  0.50 13.77 ? 140 ASP A O   1 
ATOM   1171 C CB  A ASP A 1 161 ? -3.315  17.516  12.501  0.50 14.33 ? 140 ASP A CB  1 
ATOM   1172 C CB  B ASP A 1 161 ? -2.275  17.306  13.179  0.50 14.44 ? 140 ASP A CB  1 
ATOM   1173 C CG  A ASP A 1 161 ? -3.008  17.734  11.038  0.50 15.01 ? 140 ASP A CG  1 
ATOM   1174 C CG  B ASP A 1 161 ? -1.492  17.630  11.920  0.50 14.31 ? 140 ASP A CG  1 
ATOM   1175 O OD1 A ASP A 1 161 ? -3.963  17.794  10.232  0.50 15.16 ? 140 ASP A OD1 1 
ATOM   1176 O OD1 B ASP A 1 161 ? -0.336  18.102  12.042  0.50 12.97 ? 140 ASP A OD1 1 
ATOM   1177 O OD2 A ASP A 1 161 ? -1.811  17.853  10.705  0.50 14.80 ? 140 ASP A OD2 1 
ATOM   1178 O OD2 B ASP A 1 161 ? -2.040  17.428  10.815  0.50 14.29 ? 140 ASP A OD2 1 
ATOM   1179 N N   . VAL A 1 162 ? -2.748  14.542  11.208  1.00 12.81 ? 141 VAL A N   1 
ATOM   1180 C CA  . VAL A 1 162 ? -1.853  13.568  10.577  1.00 12.05 ? 141 VAL A CA  1 
ATOM   1181 C C   . VAL A 1 162 ? -1.316  14.061  9.223   1.00 11.00 ? 141 VAL A C   1 
ATOM   1182 O O   . VAL A 1 162 ? -0.823  13.261  8.427   1.00 10.17 ? 141 VAL A O   1 
ATOM   1183 C CB  . VAL A 1 162 ? -2.500  12.157  10.454  1.00 12.48 ? 141 VAL A CB  1 
ATOM   1184 C CG1 . VAL A 1 162 ? -2.742  11.542  11.842  1.00 12.79 ? 141 VAL A CG1 1 
ATOM   1185 C CG2 . VAL A 1 162 ? -3.795  12.188  9.646   1.00 13.32 ? 141 VAL A CG2 1 
ATOM   1186 N N   . SER A 1 163 ? -1.400  15.372  8.985   1.00 10.55 ? 142 SER A N   1 
ATOM   1187 C CA  . SER A 1 163 ? -0.914  15.989  7.728   1.00 11.47 ? 142 SER A CA  1 
ATOM   1188 C C   . SER A 1 163 ? 0.560   15.754  7.402   1.00 10.81 ? 142 SER A C   1 
ATOM   1189 O O   . SER A 1 163 ? 0.955   15.782  6.230   1.00 10.73 ? 142 SER A O   1 
ATOM   1190 C CB  . SER A 1 163 ? -1.167  17.511  7.736   1.00 11.23 ? 142 SER A CB  1 
ATOM   1191 O OG  . SER A 1 163 ? -0.351  18.153  8.703   1.00 15.84 ? 142 SER A OG  1 
ATOM   1192 N N   . LYS A 1 164 ? 1.386   15.549  8.425   1.00 10.08 ? 143 LYS A N   1 
ATOM   1193 C CA  . LYS A 1 164 ? 2.794   15.241  8.189   1.00 9.33  ? 143 LYS A CA  1 
ATOM   1194 C C   . LYS A 1 164 ? 2.972   13.815  7.664   1.00 9.28  ? 143 LYS A C   1 
ATOM   1195 O O   . LYS A 1 164 ? 4.042   13.472  7.148   1.00 9.94  ? 143 LYS A O   1 
ATOM   1196 C CB  . LYS A 1 164 ? 3.620   15.423  9.469   1.00 10.23 ? 143 LYS A CB  1 
ATOM   1197 N N   . PHE A 1 165 ? 1.923   12.995  7.781   1.00 8.39  ? 144 PHE A N   1 
ATOM   1198 C CA  . PHE A 1 165 ? 2.031   11.556  7.510   1.00 8.64  ? 144 PHE A CA  1 
ATOM   1199 C C   . PHE A 1 165 ? 1.218   11.082  6.308   1.00 8.55  ? 144 PHE A C   1 
ATOM   1200 O O   . PHE A 1 165 ? 1.512   10.029  5.731   1.00 8.80  ? 144 PHE A O   1 
ATOM   1201 C CB  . PHE A 1 165 ? 1.577   10.753  8.731   1.00 8.53  ? 144 PHE A CB  1 
ATOM   1202 C CG  . PHE A 1 165 ? 2.185   11.219  10.018  1.00 9.09  ? 144 PHE A CG  1 
ATOM   1203 C CD1 . PHE A 1 165 ? 1.373   11.535  11.099  1.00 9.52  ? 144 PHE A CD1 1 
ATOM   1204 C CD2 . PHE A 1 165 ? 3.571   11.366  10.139  1.00 9.60  ? 144 PHE A CD2 1 
ATOM   1205 C CE1 . PHE A 1 165 ? 1.921   11.993  12.292  1.00 10.87 ? 144 PHE A CE1 1 
ATOM   1206 C CE2 . PHE A 1 165 ? 4.131   11.821  11.341  1.00 9.78  ? 144 PHE A CE2 1 
ATOM   1207 C CZ  . PHE A 1 165 ? 3.309   12.125  12.410  1.00 9.41  ? 144 PHE A CZ  1 
ATOM   1208 N N   . VAL A 1 166 ? 0.183   11.848  5.970   1.00 8.33  ? 145 VAL A N   1 
ATOM   1209 C CA  . VAL A 1 166 ? -0.704  11.520  4.840   1.00 7.99  ? 145 VAL A CA  1 
ATOM   1210 C C   . VAL A 1 166 ? -0.997  12.785  4.039   1.00 8.38  ? 145 VAL A C   1 
ATOM   1211 O O   . VAL A 1 166 ? -0.867  13.890  4.558   1.00 9.04  ? 145 VAL A O   1 
ATOM   1212 C CB  . VAL A 1 166 ? -2.045  10.875  5.292   1.00 7.62  ? 145 VAL A CB  1 
ATOM   1213 C CG1 . VAL A 1 166 ? -1.821  9.621   6.157   1.00 8.24  ? 145 VAL A CG1 1 
ATOM   1214 C CG2 . VAL A 1 166 ? -2.961  11.890  6.006   1.00 7.72  ? 145 VAL A CG2 1 
ATOM   1215 N N   . PHE A 1 167 ? -1.367  12.621  2.766   1.00 8.60  ? 146 PHE A N   1 
ATOM   1216 C CA  . PHE A 1 167 ? -1.713  13.778  1.925   1.00 9.22  ? 146 PHE A CA  1 
ATOM   1217 C C   . PHE A 1 167 ? -3.021  14.438  2.368   1.00 9.14  ? 146 PHE A C   1 
ATOM   1218 O O   . PHE A 1 167 ? -3.822  13.794  3.052   1.00 8.94  ? 146 PHE A O   1 
ATOM   1219 C CB  . PHE A 1 167 ? -1.774  13.365  0.451   1.00 9.44  ? 146 PHE A CB  1 
ATOM   1220 C CG  . PHE A 1 167 ? -0.430  13.275  -0.188  1.00 10.66 ? 146 PHE A CG  1 
ATOM   1221 C CD1 . PHE A 1 167 ? 0.175   14.400  -0.738  1.00 14.73 ? 146 PHE A CD1 1 
ATOM   1222 C CD2 . PHE A 1 167 ? 0.262   12.078  -0.187  1.00 13.78 ? 146 PHE A CD2 1 
ATOM   1223 C CE1 . PHE A 1 167 ? 1.440   14.312  -1.316  1.00 16.11 ? 146 PHE A CE1 1 
ATOM   1224 C CE2 . PHE A 1 167 ? 1.525   11.986  -0.760  1.00 12.68 ? 146 PHE A CE2 1 
ATOM   1225 C CZ  . PHE A 1 167 ? 2.112   13.089  -1.327  1.00 14.77 ? 146 PHE A CZ  1 
ATOM   1226 N N   . PRO A 1 168 ? -3.228  15.733  2.020   1.00 9.24  ? 147 PRO A N   1 
ATOM   1227 C CA  . PRO A 1 168 ? -4.439  16.441  2.448   1.00 9.25  ? 147 PRO A CA  1 
ATOM   1228 C C   . PRO A 1 168 ? -5.732  15.721  2.090   1.00 8.88  ? 147 PRO A C   1 
ATOM   1229 O O   . PRO A 1 168 ? -6.671  15.723  2.890   1.00 9.14  ? 147 PRO A O   1 
ATOM   1230 C CB  . PRO A 1 168 ? -4.343  17.772  1.700   1.00 9.41  ? 147 PRO A CB  1 
ATOM   1231 C CG  . PRO A 1 168 ? -2.872  18.036  1.645   1.00 10.08 ? 147 PRO A CG  1 
ATOM   1232 C CD  . PRO A 1 168 ? -2.261  16.663  1.395   1.00 9.57  ? 147 PRO A CD  1 
ATOM   1233 N N   . SER A 1 169 ? -5.788  15.093  0.915   1.00 8.73  ? 148 SER A N   1 
ATOM   1234 C CA  . SER A 1 169 ? -7.004  14.390  0.532   1.00 8.90  ? 148 SER A CA  1 
ATOM   1235 C C   . SER A 1 169 ? -7.300  13.244  1.496   1.00 8.79  ? 148 SER A C   1 
ATOM   1236 O O   . SER A 1 169 ? -8.454  12.954  1.794   1.00 9.32  ? 148 SER A O   1 
ATOM   1237 C CB  . SER A 1 169 ? -6.929  13.889  -0.915  1.00 8.88  ? 148 SER A CB  1 
ATOM   1238 O OG  . SER A 1 169 ? -5.851  12.989  -1.089  1.00 10.38 ? 148 SER A OG  1 
ATOM   1239 N N   . VAL A 1 170 ? -6.244  12.602  1.998   1.00 8.73  ? 149 VAL A N   1 
ATOM   1240 C CA  . VAL A 1 170 ? -6.394  11.480  2.908   1.00 8.47  ? 149 VAL A CA  1 
ATOM   1241 C C   . VAL A 1 170 ? -6.816  11.966  4.296   1.00 8.51  ? 149 VAL A C   1 
ATOM   1242 O O   . VAL A 1 170 ? -7.618  11.313  4.978   1.00 8.58  ? 149 VAL A O   1 
ATOM   1243 C CB  . VAL A 1 170 ? -5.081  10.664  2.998   1.00 8.53  ? 149 VAL A CB  1 
ATOM   1244 C CG1 . VAL A 1 170 ? -5.265  9.463   3.883   1.00 8.68  ? 149 VAL A CG1 1 
ATOM   1245 C CG2 . VAL A 1 170 ? -4.597  10.242  1.589   1.00 9.58  ? 149 VAL A CG2 1 
ATOM   1246 N N   A GLU A 1 171 ? -6.267  13.105  4.709   0.50 8.22  ? 150 GLU A N   1 
ATOM   1247 N N   B GLU A 1 171 ? -6.292  13.114  4.717   0.50 8.34  ? 150 GLU A N   1 
ATOM   1248 C CA  A GLU A 1 171 ? -6.681  13.749  5.949   0.50 8.05  ? 150 GLU A CA  1 
ATOM   1249 C CA  B GLU A 1 171 ? -6.713  13.685  5.992   0.50 8.27  ? 150 GLU A CA  1 
ATOM   1250 C C   A GLU A 1 171 ? -8.195  13.967  5.947   0.50 7.82  ? 150 GLU A C   1 
ATOM   1251 C C   B GLU A 1 171 ? -8.202  14.051  5.983   0.50 8.01  ? 150 GLU A C   1 
ATOM   1252 O O   A GLU A 1 171 ? -8.867  13.676  6.935   0.50 7.23  ? 150 GLU A O   1 
ATOM   1253 O O   B GLU A 1 171 ? -8.865  13.959  7.009   0.50 7.61  ? 150 GLU A O   1 
ATOM   1254 C CB  A GLU A 1 171 ? -5.949  15.079  6.129   0.50 8.53  ? 150 GLU A CB  1 
ATOM   1255 C CB  B GLU A 1 171 ? -5.848  14.881  6.389   0.50 8.81  ? 150 GLU A CB  1 
ATOM   1256 C CG  A GLU A 1 171 ? -6.406  15.859  7.342   0.50 10.27 ? 150 GLU A CG  1 
ATOM   1257 C CG  B GLU A 1 171 ? -6.168  15.388  7.785   0.50 11.03 ? 150 GLU A CG  1 
ATOM   1258 C CD  A GLU A 1 171 ? -6.073  15.150  8.639   0.50 13.00 ? 150 GLU A CD  1 
ATOM   1259 C CD  B GLU A 1 171 ? -5.031  16.171  8.402   0.50 14.16 ? 150 GLU A CD  1 
ATOM   1260 O OE1 A GLU A 1 171 ? -4.882  14.868  8.859   0.50 14.64 ? 150 GLU A OE1 1 
ATOM   1261 O OE1 B GLU A 1 171 ? -4.867  16.103  9.646   0.50 15.88 ? 150 GLU A OE1 1 
ATOM   1262 O OE2 A GLU A 1 171 ? -6.998  14.889  9.441   0.50 15.11 ? 150 GLU A OE2 1 
ATOM   1263 O OE2 B GLU A 1 171 ? -4.299  16.844  7.647   0.50 15.75 ? 150 GLU A OE2 1 
ATOM   1264 N N   . LYS A 1 172 ? -8.722  14.454  4.822   1.00 7.79  ? 151 LYS A N   1 
ATOM   1265 C CA  . LYS A 1 172 ? -10.163 14.705  4.674   1.00 8.07  ? 151 LYS A CA  1 
ATOM   1266 C C   . LYS A 1 172 ? -10.993 13.436  4.913   1.00 7.52  ? 151 LYS A C   1 
ATOM   1267 O O   . LYS A 1 172 ? -12.008 13.469  5.616   1.00 7.43  ? 151 LYS A O   1 
ATOM   1268 C CB  . LYS A 1 172 ? -10.474 15.288  3.287   1.00 8.94  ? 151 LYS A CB  1 
ATOM   1269 C CG  . LYS A 1 172 ? -9.934  16.678  3.035   1.00 12.39 ? 151 LYS A CG  1 
ATOM   1270 C CD  . LYS A 1 172 ? -10.369 17.180  1.658   1.00 17.04 ? 151 LYS A CD  1 
ATOM   1271 C CE  . LYS A 1 172 ? -9.752  18.530  1.315   1.00 20.01 ? 151 LYS A CE  1 
ATOM   1272 N NZ  . LYS A 1 172 ? -9.988  18.890  -0.121  1.00 22.31 ? 151 LYS A NZ  1 
ATOM   1273 N N   . TRP A 1 173 ? -10.545 12.320  4.345   1.00 7.32  ? 152 TRP A N   1 
ATOM   1274 C CA  . TRP A 1 173 ? -11.219 11.045  4.560   1.00 7.42  ? 152 TRP A CA  1 
ATOM   1275 C C   . TRP A 1 173 ? -11.180 10.610  6.028   1.00 7.48  ? 152 TRP A C   1 
ATOM   1276 O O   . TRP A 1 173 ? -12.189 10.158  6.569   1.00 8.24  ? 152 TRP A O   1 
ATOM   1277 C CB  . TRP A 1 173 ? -10.577 9.981   3.678   1.00 7.77  ? 152 TRP A CB  1 
ATOM   1278 C CG  . TRP A 1 173 ? -11.114 9.941   2.273   1.00 8.31  ? 152 TRP A CG  1 
ATOM   1279 C CD1 . TRP A 1 173 ? -10.562 10.501  1.154   1.00 8.27  ? 152 TRP A CD1 1 
ATOM   1280 C CD2 . TRP A 1 173 ? -12.305 9.272   1.849   1.00 9.75  ? 152 TRP A CD2 1 
ATOM   1281 N NE1 . TRP A 1 173 ? -11.342 10.207  0.045   1.00 9.93  ? 152 TRP A NE1 1 
ATOM   1282 C CE2 . TRP A 1 173 ? -12.417 9.460   0.449   1.00 9.90  ? 152 TRP A CE2 1 
ATOM   1283 C CE3 . TRP A 1 173 ? -13.292 8.533   2.517   1.00 10.94 ? 152 TRP A CE3 1 
ATOM   1284 C CZ2 . TRP A 1 173 ? -13.486 8.928   -0.299  1.00 11.55 ? 152 TRP A CZ2 1 
ATOM   1285 C CZ3 . TRP A 1 173 ? -14.356 8.011   1.774   1.00 12.58 ? 152 TRP A CZ3 1 
ATOM   1286 C CH2 . TRP A 1 173 ? -14.437 8.216   0.381   1.00 12.36 ? 152 TRP A CH2 1 
ATOM   1287 N N   . LEU A 1 174 ? -10.011 10.746  6.666   1.00 7.02  ? 153 LEU A N   1 
ATOM   1288 C CA  . LEU A 1 174 ? -9.877  10.369  8.064   1.00 6.82  ? 153 LEU A CA  1 
ATOM   1289 C C   . LEU A 1 174 ? -10.815 11.196  8.947   1.00 6.61  ? 153 LEU A C   1 
ATOM   1290 O O   . LEU A 1 174 ? -11.532 10.660  9.791   1.00 6.85  ? 153 LEU A O   1 
ATOM   1291 C CB  . LEU A 1 174 ? -8.419  10.523  8.521   1.00 6.28  ? 153 LEU A CB  1 
ATOM   1292 C CG  . LEU A 1 174 ? -7.489  9.399   8.052   1.00 7.75  ? 153 LEU A CG  1 
ATOM   1293 C CD1 . LEU A 1 174 ? -6.052  9.881   8.157   1.00 8.59  ? 153 LEU A CD1 1 
ATOM   1294 C CD2 . LEU A 1 174 ? -7.704  8.140   8.876   1.00 7.81  ? 153 LEU A CD2 1 
ATOM   1295 N N   . THR A 1 175 ? -10.837 12.503  8.718   1.00 6.67  ? 154 THR A N   1 
ATOM   1296 C CA  . THR A 1 175 ? -11.675 13.403  9.499   1.00 6.83  ? 154 THR A CA  1 
ATOM   1297 C C   . THR A 1 175 ? -13.143 13.053  9.340   1.00 7.66  ? 154 THR A C   1 
ATOM   1298 O O   . THR A 1 175 ? -13.873 12.991  10.327  1.00 8.01  ? 154 THR A O   1 
ATOM   1299 C CB  . THR A 1 175 ? -11.396 14.863  9.099   1.00 6.99  ? 154 THR A CB  1 
ATOM   1300 O OG1 . THR A 1 175 ? -10.040 15.167  9.459   1.00 7.51  ? 154 THR A OG1 1 
ATOM   1301 C CG2 . THR A 1 175 ? -12.350 15.844  9.809   1.00 6.97  ? 154 THR A CG2 1 
ATOM   1302 N N   . GLU A 1 176 ? -13.544 12.793  8.101   1.00 8.49  ? 155 GLU A N   1 
ATOM   1303 C CA  A GLU A 1 176 ? -14.942 12.498  7.856   0.50 9.33  ? 155 GLU A CA  1 
ATOM   1304 C CA  B GLU A 1 176 ? -14.925 12.445  7.753   0.50 9.44  ? 155 GLU A CA  1 
ATOM   1305 C C   . GLU A 1 176 ? -15.349 11.163  8.459   1.00 9.35  ? 155 GLU A C   1 
ATOM   1306 O O   . GLU A 1 176 ? -16.427 11.085  9.062   1.00 9.55  ? 155 GLU A O   1 
ATOM   1307 C CB  A GLU A 1 176 ? -15.300 12.637  6.371   0.50 9.45  ? 155 GLU A CB  1 
ATOM   1308 C CB  B GLU A 1 176 ? -15.052 12.279  6.226   0.50 9.52  ? 155 GLU A CB  1 
ATOM   1309 C CG  A GLU A 1 176 ? -15.774 14.051  6.045   0.50 11.63 ? 155 GLU A CG  1 
ATOM   1310 C CG  B GLU A 1 176 ? -16.379 11.694  5.728   0.50 12.14 ? 155 GLU A CG  1 
ATOM   1311 C CD  A GLU A 1 176 ? -15.864 14.342  4.562   0.50 12.66 ? 155 GLU A CD  1 
ATOM   1312 C CD  B GLU A 1 176 ? -16.411 11.514  4.218   0.50 15.49 ? 155 GLU A CD  1 
ATOM   1313 O OE1 A GLU A 1 176 ? -16.242 13.434  3.789   0.50 14.60 ? 155 GLU A OE1 1 
ATOM   1314 O OE1 B GLU A 1 176 ? -16.472 12.532  3.499   0.50 16.55 ? 155 GLU A OE1 1 
ATOM   1315 O OE2 A GLU A 1 176 ? -15.559 15.486  4.174   0.50 10.81 ? 155 GLU A OE2 1 
ATOM   1316 O OE2 B GLU A 1 176 ? -16.378 10.353  3.748   0.50 16.05 ? 155 GLU A OE2 1 
ATOM   1317 N N   . LYS A 1 177 ? -14.480 10.153  8.365   1.00 9.27  ? 156 LYS A N   1 
ATOM   1318 C CA  . LYS A 1 177 ? -14.802 8.834   8.906   1.00 9.91  ? 156 LYS A CA  1 
ATOM   1319 C C   . LYS A 1 177 ? -14.843 8.857   10.428  1.00 9.10  ? 156 LYS A C   1 
ATOM   1320 O O   . LYS A 1 177 ? -15.743 8.280   11.031  1.00 9.09  ? 156 LYS A O   1 
ATOM   1321 C CB  . LYS A 1 177 ? -13.823 7.775   8.395   1.00 10.91 ? 156 LYS A CB  1 
ATOM   1322 C CG  . LYS A 1 177 ? -14.209 6.346   8.779   1.00 14.66 ? 156 LYS A CG  1 
ATOM   1323 C CD  . LYS A 1 177 ? -14.815 5.573   7.609   1.00 15.64 ? 156 LYS A CD  1 
ATOM   1324 C CE  . LYS A 1 177 ? -15.408 4.260   8.093   1.00 17.59 ? 156 LYS A CE  1 
ATOM   1325 N NZ  . LYS A 1 177 ? -15.612 3.272   6.998   1.00 20.46 ? 156 LYS A NZ  1 
ATOM   1326 N N   . VAL A 1 178 ? -13.887 9.554   11.044  1.00 7.84  ? 157 VAL A N   1 
ATOM   1327 C CA  . VAL A 1 178 ? -13.873 9.701   12.494  1.00 7.71  ? 157 VAL A CA  1 
ATOM   1328 C C   . VAL A 1 178 ? -15.146 10.392  12.992  1.00 8.04  ? 157 VAL A C   1 
ATOM   1329 O O   . VAL A 1 178 ? -15.758 9.967   13.978  1.00 8.28  ? 157 VAL A O   1 
ATOM   1330 C CB  . VAL A 1 178 ? -12.568 10.427  12.975  1.00 6.90  ? 157 VAL A CB  1 
ATOM   1331 C CG1 . VAL A 1 178 ? -12.641 10.831  14.449  1.00 7.21  ? 157 VAL A CG1 1 
ATOM   1332 C CG2 . VAL A 1 178 ? -11.350 9.530   12.749  1.00 7.11  ? 157 VAL A CG2 1 
ATOM   1333 N N   . ALA A 1 179 ? -15.569 11.448  12.291  1.00 8.26  ? 158 ALA A N   1 
ATOM   1334 C CA  . ALA A 1 179 ? -16.760 12.183  12.690  1.00 9.50  ? 158 ALA A CA  1 
ATOM   1335 C C   . ALA A 1 179 ? -18.013 11.329  12.530  1.00 10.60 ? 158 ALA A C   1 
ATOM   1336 O O   . ALA A 1 179 ? -18.911 11.397  13.363  1.00 10.90 ? 158 ALA A O   1 
ATOM   1337 C CB  . ALA A 1 179 ? -16.884 13.483  11.890  1.00 8.63  ? 158 ALA A CB  1 
ATOM   1338 N N   . ALA A 1 180 ? -18.046 10.512  11.482  1.00 12.32 ? 159 ALA A N   1 
ATOM   1339 C CA  . ALA A 1 180 ? -19.224 9.684   11.192  1.00 15.01 ? 159 ALA A CA  1 
ATOM   1340 C C   . ALA A 1 180 ? -19.388 8.551   12.192  1.00 17.15 ? 159 ALA A C   1 
ATOM   1341 O O   . ALA A 1 180 ? -20.523 8.223   12.567  1.00 17.88 ? 159 ALA A O   1 
ATOM   1342 C CB  . ALA A 1 180 ? -19.168 9.137   9.778   1.00 14.62 ? 159 ALA A CB  1 
ATOM   1343 N N   . MET A 1 181 ? -18.268 7.971   12.633  1.00 18.84 ? 160 MET A N   1 
ATOM   1344 C CA  A MET A 1 181 ? -18.312 6.852   13.571  0.50 20.23 ? 160 MET A CA  1 
ATOM   1345 C CA  B MET A 1 181 ? -18.287 6.850   13.590  0.50 20.13 ? 160 MET A CA  1 
ATOM   1346 C C   . MET A 1 181 ? -18.688 7.291   14.993  1.00 20.84 ? 160 MET A C   1 
ATOM   1347 O O   . MET A 1 181 ? -19.167 6.486   15.787  1.00 21.61 ? 160 MET A O   1 
ATOM   1348 C CB  A MET A 1 181 ? -16.992 6.074   13.552  0.50 20.40 ? 160 MET A CB  1 
ATOM   1349 C CB  B MET A 1 181 ? -16.961 6.043   13.625  0.50 20.25 ? 160 MET A CB  1 
ATOM   1350 C CG  A MET A 1 181 ? -16.713 5.331   12.241  0.50 21.84 ? 160 MET A CG  1 
ATOM   1351 C CG  B MET A 1 181 ? -15.653 6.829   13.477  0.50 21.16 ? 160 MET A CG  1 
ATOM   1352 S SD  A MET A 1 181 ? -18.043 4.223   11.709  0.50 24.82 ? 160 MET A SD  1 
ATOM   1353 S SD  B MET A 1 181 ? -14.256 6.393   14.561  0.50 23.43 ? 160 MET A SD  1 
ATOM   1354 C CE  A MET A 1 181 ? -19.040 5.305   10.688  0.50 24.03 ? 160 MET A CE  1 
ATOM   1355 C CE  B MET A 1 181 ? -14.626 7.438   15.972  0.50 22.92 ? 160 MET A CE  1 
ATOM   1356 N N   . ALA A 1 182 ? -18.482 8.570   15.300  1.00 21.74 ? 161 ALA A N   1 
ATOM   1357 C CA  . ALA A 1 182 ? -18.897 9.128   16.586  1.00 22.62 ? 161 ALA A CA  1 
ATOM   1358 C C   . ALA A 1 182 ? -20.380 9.482   16.529  1.00 23.23 ? 161 ALA A C   1 
ATOM   1359 O O   . ALA A 1 182 ? -21.180 8.990   17.325  1.00 24.10 ? 161 ALA A O   1 
ATOM   1360 C CB  . ALA A 1 182 ? -18.068 10.354  16.935  1.00 22.86 ? 161 ALA A CB  1 
HETATM 1361 O O19 . 4PS B 2 .   ? 1.650   -1.619  3.564   1.00 20.57 ? 167 4PS A O19 1 
HETATM 1362 P P20 . 4PS B 2 .   ? 0.387   -2.259  4.312   1.00 16.91 ? 167 4PS A P20 1 
HETATM 1363 O O21 . 4PS B 2 .   ? 0.642   -2.349  5.804   1.00 18.96 ? 167 4PS A O21 1 
HETATM 1364 O O22 . 4PS B 2 .   ? -0.846  -1.509  3.869   1.00 17.70 ? 167 4PS A O22 1 
HETATM 1365 O O23 . 4PS B 2 .   ? 0.309   -3.749  3.688   1.00 15.62 ? 167 4PS A O23 1 
HETATM 1366 P P24 . 4PS B 2 .   ? 0.028   -5.131  4.447   1.00 14.16 ? 167 4PS A P24 1 
HETATM 1367 O O25 . 4PS B 2 .   ? 1.270   -5.496  5.185   1.00 16.58 ? 167 4PS A O25 1 
HETATM 1368 O O26 . 4PS B 2 .   ? -1.326  -5.037  5.125   1.00 17.30 ? 167 4PS A O26 1 
HETATM 1369 O O27 . 4PS B 2 .   ? -0.072  -6.067  3.146   1.00 13.16 ? 167 4PS A O27 1 
HETATM 1370 C C28 . 4PS B 2 .   ? -0.208  -7.471  3.300   1.00 12.28 ? 167 4PS A C28 1 
HETATM 1371 C C29 . 4PS B 2 .   ? -0.934  -8.038  2.094   1.00 11.39 ? 167 4PS A C29 1 
HETATM 1372 C C30 . 4PS B 2 .   ? -2.306  -7.365  2.012   1.00 14.89 ? 167 4PS A C30 1 
HETATM 1373 C C31 . 4PS B 2 .   ? -0.104  -7.764  0.839   1.00 13.14 ? 167 4PS A C31 1 
HETATM 1374 C C32 . 4PS B 2 .   ? -1.089  -9.540  2.331   1.00 10.95 ? 167 4PS A C32 1 
HETATM 1375 O O33 . 4PS B 2 .   ? -1.830  -9.764  3.558   1.00 12.21 ? 167 4PS A O33 1 
HETATM 1376 C C34 . 4PS B 2 .   ? -1.778  -10.245 1.188   1.00 11.93 ? 167 4PS A C34 1 
HETATM 1377 O O35 . 4PS B 2 .   ? -1.126  -10.569 0.204   1.00 12.92 ? 167 4PS A O35 1 
HETATM 1378 N N36 . 4PS B 2 .   ? -3.083  -10.478 1.339   1.00 11.54 ? 167 4PS A N36 1 
HETATM 1379 C C37 . 4PS B 2 .   ? -3.891  -11.143 0.321   1.00 12.01 ? 167 4PS A C37 1 
HETATM 1380 C C38 . 4PS B 2 .   ? -4.168  -12.613 0.630   1.00 11.68 ? 167 4PS A C38 1 
HETATM 1381 C C39 . 4PS B 2 .   ? -2.943  -13.476 0.433   1.00 12.63 ? 167 4PS A C39 1 
HETATM 1382 O O40 . 4PS B 2 .   ? -2.590  -13.811 -0.688  1.00 13.82 ? 167 4PS A O40 1 
HETATM 1383 N N41 . 4PS B 2 .   ? -2.283  -13.865 1.528   1.00 12.17 ? 167 4PS A N41 1 
HETATM 1384 C C42 . 4PS B 2 .   ? -1.053  -14.639 1.427   1.00 15.08 ? 167 4PS A C42 1 
HETATM 1385 C C43 . 4PS B 2 .   ? 0.162   -13.734 1.561   1.00 16.39 ? 167 4PS A C43 1 
HETATM 1386 S S44 . 4PS B 2 .   ? 1.681   -14.732 1.503   1.00 19.93 ? 167 4PS A S44 1 
HETATM 1387 N N9  . ADE C 3 .   ? 4.834   0.401   4.581   1.00 31.13 ? 168 ADE A N9  1 
HETATM 1388 C C8  . ADE C 3 .   ? 4.321   0.771   5.793   1.00 30.75 ? 168 ADE A C8  1 
HETATM 1389 N N7  . ADE C 3 .   ? 4.714   1.962   6.184   1.00 30.53 ? 168 ADE A N7  1 
HETATM 1390 C C5  . ADE C 3 .   ? 5.536   2.400   5.157   1.00 29.82 ? 168 ADE A C5  1 
HETATM 1391 C C6  . ADE C 3 .   ? 6.268   3.593   4.962   1.00 29.46 ? 168 ADE A C6  1 
HETATM 1392 N N6  . ADE C 3 .   ? 6.280   4.591   5.852   1.00 28.92 ? 168 ADE A N6  1 
HETATM 1393 N N1  . ADE C 3 .   ? 6.993   3.715   3.823   1.00 29.65 ? 168 ADE A N1  1 
HETATM 1394 C C2  . ADE C 3 .   ? 6.984   2.704   2.937   1.00 30.02 ? 168 ADE A C2  1 
HETATM 1395 N N3  . ADE C 3 .   ? 6.335   1.540   3.018   1.00 29.95 ? 168 ADE A N3  1 
HETATM 1396 C C4  . ADE C 3 .   ? 5.623   1.449   4.157   1.00 29.84 ? 168 ADE A C4  1 
HETATM 1397 O O2  . PG4 D 4 .   ? -18.162 -1.915  -1.080  1.00 33.05 ? 169 PG4 A O2  1 
HETATM 1398 C C3  . PG4 D 4 .   ? -16.905 -2.220  -1.676  1.00 30.36 ? 169 PG4 A C3  1 
HETATM 1399 C C4  . PG4 D 4 .   ? -15.819 -2.488  -0.648  1.00 29.84 ? 169 PG4 A C4  1 
HETATM 1400 O O3  . PG4 D 4 .   ? -16.236 -2.128  0.663   1.00 27.17 ? 169 PG4 A O3  1 
HETATM 1401 C C5  . PG4 D 4 .   ? -16.481 -3.300  1.447   1.00 25.65 ? 169 PG4 A C5  1 
HETATM 1402 C C6  . PG4 D 4 .   ? -15.667 -3.211  2.728   1.00 26.02 ? 169 PG4 A C6  1 
HETATM 1403 O O4  . PG4 D 4 .   ? -14.434 -3.925  2.646   1.00 22.56 ? 169 PG4 A O4  1 
HETATM 1404 C C7  . PG4 D 4 .   ? -14.302 -4.622  3.891   1.00 22.80 ? 169 PG4 A C7  1 
HETATM 1405 C C8  . PG4 D 4 .   ? -12.921 -4.451  4.510   1.00 21.64 ? 169 PG4 A C8  1 
HETATM 1406 O O5  . PG4 D 4 .   ? -12.631 -3.063  4.660   1.00 18.95 ? 169 PG4 A O5  1 
HETATM 1407 C C   . ACT E 5 .   ? 2.051   0.039   10.012  1.00 36.15 ? 170 ACT A C   1 
HETATM 1408 O O   . ACT E 5 .   ? 0.819   -0.089  10.205  1.00 36.10 ? 170 ACT A O   1 
HETATM 1409 O OXT . ACT E 5 .   ? 2.391   0.578   8.932   1.00 36.25 ? 170 ACT A OXT 1 
HETATM 1410 C CH3 . ACT E 5 .   ? 3.065   -0.417  11.016  1.00 36.37 ? 170 ACT A CH3 1 
HETATM 1411 S S   . SO4 F 6 .   ? 5.679   -3.176  7.134   1.00 46.50 ? 171 SO4 A S   1 
HETATM 1412 O O1  . SO4 F 6 .   ? 4.459   -2.650  7.741   1.00 46.04 ? 171 SO4 A O1  1 
HETATM 1413 O O2  . SO4 F 6 .   ? 6.827   -2.792  7.949   1.00 46.36 ? 171 SO4 A O2  1 
HETATM 1414 O O3  . SO4 F 6 .   ? 5.613   -4.636  7.074   1.00 46.48 ? 171 SO4 A O3  1 
HETATM 1415 O O4  . SO4 F 6 .   ? 5.829   -2.618  5.790   1.00 45.66 ? 171 SO4 A O4  1 
HETATM 1416 O O   . HOH G 7 .   ? -9.772  -10.719 2.998   1.00 15.70 ? 172 HOH A O   1 
HETATM 1417 O O   . HOH G 7 .   ? -3.946  15.716  -1.440  1.00 17.99 ? 173 HOH A O   1 
HETATM 1418 O O   . HOH G 7 .   ? 6.126   -11.138 -1.125  1.00 14.89 ? 174 HOH A O   1 
HETATM 1419 O O   . HOH G 7 .   ? -1.115  9.788   1.864   1.00 9.86  ? 175 HOH A O   1 
HETATM 1420 O O   . HOH G 7 .   ? 8.474   -13.929 -3.276  1.00 15.60 ? 176 HOH A O   1 
HETATM 1421 O O   . HOH G 7 .   ? 4.946   11.014  -0.315  1.00 12.46 ? 177 HOH A O   1 
HETATM 1422 O O   . HOH G 7 .   ? -7.245  10.662  -0.824  1.00 11.93 ? 178 HOH A O   1 
HETATM 1423 O O   . HOH G 7 .   ? -1.595  2.473   6.455   1.00 18.73 ? 179 HOH A O   1 
HETATM 1424 O O   . HOH G 7 .   ? -5.982  3.928   0.668   1.00 9.24  ? 180 HOH A O   1 
HETATM 1425 O O   . HOH G 7 .   ? 16.013  9.783   1.571   1.00 24.71 ? 181 HOH A O   1 
HETATM 1426 O O   . HOH G 7 .   ? 0.983   15.566  11.380  1.00 18.93 ? 182 HOH A O   1 
HETATM 1427 O O   . HOH G 7 .   ? 4.914   13.589  0.631   1.00 13.49 ? 183 HOH A O   1 
HETATM 1428 O O   . HOH G 7 .   ? -2.427  -0.043  5.830   1.00 14.73 ? 184 HOH A O   1 
HETATM 1429 O O   . HOH G 7 .   ? 14.425  1.702   -3.392  1.00 16.47 ? 185 HOH A O   1 
HETATM 1430 O O   . HOH G 7 .   ? -7.926  -16.110 -5.183  1.00 15.23 ? 186 HOH A O   1 
HETATM 1431 O O   . HOH G 7 .   ? -5.805  0.451   13.830  1.00 42.23 ? 187 HOH A O   1 
HETATM 1432 O O   . HOH G 7 .   ? 7.199   11.215  -3.070  1.00 24.91 ? 188 HOH A O   1 
HETATM 1433 O O   . HOH G 7 .   ? -13.397 15.890  6.005   1.00 13.10 ? 189 HOH A O   1 
HETATM 1434 O O   . HOH G 7 .   ? -6.441  -2.845  11.014  1.00 42.03 ? 190 HOH A O   1 
HETATM 1435 O O   . HOH G 7 .   ? 6.985   -14.969 -5.381  1.00 20.66 ? 191 HOH A O   1 
HETATM 1436 O O   . HOH G 7 .   ? 7.060   -9.585  1.410   1.00 15.47 ? 192 HOH A O   1 
HETATM 1437 O O   . HOH G 7 .   ? 1.220   2.186   6.979   1.00 24.11 ? 193 HOH A O   1 
HETATM 1438 O O   . HOH G 7 .   ? -3.892  12.272  -8.589  1.00 20.22 ? 194 HOH A O   1 
HETATM 1439 O O   . HOH G 7 .   ? -10.358 13.687  -0.192  1.00 17.15 ? 195 HOH A O   1 
HETATM 1440 O O   . HOH G 7 .   ? 11.130  -13.570 -4.277  1.00 18.33 ? 196 HOH A O   1 
HETATM 1441 O O   . HOH G 7 .   ? 2.985   4.078   6.272   1.00 22.14 ? 197 HOH A O   1 
HETATM 1442 O O   . HOH G 7 .   ? -7.220  -12.133 -5.733  1.00 24.07 ? 198 HOH A O   1 
HETATM 1443 O O   . HOH G 7 .   ? -11.733 18.086  5.999   1.00 9.54  ? 199 HOH A O   1 
HETATM 1444 O O   . HOH G 7 .   ? -5.876  -1.824  8.814   1.00 21.80 ? 200 HOH A O   1 
HETATM 1445 O O   . HOH G 7 .   ? -11.591 -11.455 1.142   1.00 19.58 ? 201 HOH A O   1 
HETATM 1446 O O   . HOH G 7 .   ? 11.419  -2.517  -15.809 1.00 20.03 ? 202 HOH A O   1 
HETATM 1447 O O   . HOH G 7 .   ? -9.101  17.640  6.352   1.00 17.62 ? 203 HOH A O   1 
HETATM 1448 O O   . HOH G 7 .   ? 9.325   9.085   9.187   1.00 19.78 ? 204 HOH A O   1 
HETATM 1449 O O   . HOH G 7 .   ? -6.154  3.182   -11.660 1.00 27.57 ? 205 HOH A O   1 
HETATM 1450 O O   . HOH G 7 .   ? -6.890  13.777  11.774  1.00 32.57 ? 206 HOH A O   1 
HETATM 1451 O O   . HOH G 7 .   ? -7.461  -10.093 -0.931  1.00 9.70  ? 207 HOH A O   1 
HETATM 1452 O O   . HOH G 7 .   ? -11.065 -9.536  -6.418  1.00 21.11 ? 208 HOH A O   1 
HETATM 1453 O O   . HOH G 7 .   ? -4.408  13.901  -3.296  1.00 23.15 ? 209 HOH A O   1 
HETATM 1454 O O   . HOH G 7 .   ? 5.491   -8.479  -16.373 1.00 21.01 ? 210 HOH A O   1 
HETATM 1455 O O   . HOH G 7 .   ? 9.050   13.435  -1.003  1.00 35.94 ? 211 HOH A O   1 
HETATM 1456 O O   . HOH G 7 .   ? -7.503  -9.934  1.756   1.00 12.12 ? 212 HOH A O   1 
HETATM 1457 O O   . HOH G 7 .   ? -8.522  -11.286 5.560   1.00 26.56 ? 213 HOH A O   1 
HETATM 1458 O O   . HOH G 7 .   ? -5.157  -9.619  3.224   1.00 16.80 ? 214 HOH A O   1 
HETATM 1459 O O   . HOH G 7 .   ? -15.317 -7.519  2.780   1.00 23.28 ? 215 HOH A O   1 
HETATM 1460 O O   . HOH G 7 .   ? -17.972 1.732   1.676   1.00 19.50 ? 216 HOH A O   1 
HETATM 1461 O O   . HOH G 7 .   ? -8.709  -8.867  -9.713  1.00 32.92 ? 217 HOH A O   1 
HETATM 1462 O O   . HOH G 7 .   ? -9.944  -6.432  -9.195  1.00 33.47 ? 218 HOH A O   1 
HETATM 1463 O O   . HOH G 7 .   ? 2.804   -13.720 -13.286 1.00 20.82 ? 219 HOH A O   1 
HETATM 1464 O O   . HOH G 7 .   ? -7.018  18.058  4.419   1.00 18.50 ? 220 HOH A O   1 
HETATM 1465 O O   . HOH G 7 .   ? -4.425  18.265  5.416   1.00 25.20 ? 221 HOH A O   1 
HETATM 1466 O O   . HOH G 7 .   ? -0.246  18.990  4.316   1.00 21.66 ? 222 HOH A O   1 
HETATM 1467 O O   . HOH G 7 .   ? 7.620   8.258   -11.114 1.00 38.43 ? 223 HOH A O   1 
HETATM 1468 O O   . HOH G 7 .   ? 8.939   3.533   -16.019 1.00 25.03 ? 224 HOH A O   1 
HETATM 1469 O O   . HOH G 7 .   ? -13.734 -1.950  6.866   1.00 24.54 ? 225 HOH A O   1 
HETATM 1470 O O   . HOH G 7 .   ? -8.832  2.590   -10.119 1.00 34.17 ? 226 HOH A O   1 
HETATM 1471 O O   . HOH G 7 .   ? -13.683 -13.242 -2.463  1.00 19.34 ? 227 HOH A O   1 
HETATM 1472 O O   . HOH G 7 .   ? -7.306  -11.051 -8.361  1.00 24.73 ? 228 HOH A O   1 
HETATM 1473 O O   . HOH G 7 .   ? 12.417  -14.683 2.549   1.00 28.72 ? 229 HOH A O   1 
HETATM 1474 O O   . HOH G 7 .   ? 10.757  -16.167 -6.429  1.00 17.33 ? 230 HOH A O   1 
HETATM 1475 O O   . HOH G 7 .   ? 11.904  -19.480 -6.962  1.00 24.55 ? 231 HOH A O   1 
HETATM 1476 O O   . HOH G 7 .   ? -0.479  -15.061 -2.252  1.00 25.46 ? 232 HOH A O   1 
HETATM 1477 O O   . HOH G 7 .   ? 10.967  1.989   -17.009 1.00 39.35 ? 233 HOH A O   1 
HETATM 1478 O O   . HOH G 7 .   ? 1.178   1.423   -17.823 1.00 28.01 ? 234 HOH A O   1 
HETATM 1479 O O   . HOH G 7 .   ? -11.949 4.142   -6.746  1.00 22.08 ? 235 HOH A O   1 
HETATM 1480 O O   . HOH G 7 .   ? -13.874 -10.361 -6.113  1.00 19.35 ? 236 HOH A O   1 
HETATM 1481 O O   . HOH G 7 .   ? -8.220  1.464   13.217  1.00 35.15 ? 237 HOH A O   1 
HETATM 1482 O O   . HOH G 7 .   ? -3.363  -1.827  7.728   1.00 26.82 ? 238 HOH A O   1 
HETATM 1483 O O   . HOH G 7 .   ? -17.768 6.331   1.879   1.00 23.69 ? 239 HOH A O   1 
HETATM 1484 O O   . HOH G 7 .   ? -6.196  17.929  -1.698  1.00 37.21 ? 240 HOH A O   1 
HETATM 1485 O O   . HOH G 7 .   ? -16.193 0.460   6.565   1.00 35.23 ? 241 HOH A O   1 
HETATM 1486 O O   . HOH G 7 .   ? -2.619  9.401   -15.644 1.00 40.20 ? 242 HOH A O   1 
HETATM 1487 O O   . HOH G 7 .   ? -4.648  2.229   15.438  1.00 24.23 ? 243 HOH A O   1 
HETATM 1488 O O   . HOH G 7 .   ? 4.566   17.519  4.684   1.00 37.66 ? 244 HOH A O   1 
HETATM 1489 O O   . HOH G 7 .   ? 5.707   14.894  5.674   1.00 28.97 ? 245 HOH A O   1 
HETATM 1490 O O   . HOH G 7 .   ? 5.174   15.374  -1.407  1.00 29.94 ? 246 HOH A O   1 
HETATM 1491 O O   . HOH G 7 .   ? 10.378  10.613  -9.392  1.00 38.62 ? 247 HOH A O   1 
HETATM 1492 O O   . HOH G 7 .   ? 5.203   7.186   -12.966 1.00 32.19 ? 248 HOH A O   1 
HETATM 1493 O O   . HOH G 7 .   ? 7.627   1.811   -20.237 1.00 36.28 ? 249 HOH A O   1 
HETATM 1494 O O   . HOH G 7 .   ? -11.082 8.502   -6.190  1.00 25.34 ? 250 HOH A O   1 
HETATM 1495 O O   . HOH G 7 .   ? -12.198 6.663   -7.452  1.00 29.88 ? 251 HOH A O   1 
HETATM 1496 O O   . HOH G 7 .   ? -9.694  10.301  -8.178  1.00 37.78 ? 252 HOH A O   1 
HETATM 1497 O O   . HOH G 7 .   ? -12.728 10.126  -5.234  1.00 32.08 ? 253 HOH A O   1 
HETATM 1498 O O   . HOH G 7 .   ? -13.407 12.519  -2.181  1.00 27.94 ? 254 HOH A O   1 
HETATM 1499 O O   . HOH G 7 .   ? -9.992  15.882  -1.562  1.00 27.07 ? 255 HOH A O   1 
HETATM 1500 O O   . HOH G 7 .   ? -3.072  5.983   -11.228 1.00 30.09 ? 256 HOH A O   1 
HETATM 1501 O O   . HOH G 7 .   ? -9.905  0.272   -9.038  1.00 32.62 ? 257 HOH A O   1 
HETATM 1502 O O   . HOH G 7 .   ? -5.128  -15.459 -11.449 1.00 19.82 ? 258 HOH A O   1 
HETATM 1503 O O   . HOH G 7 .   ? -5.007  -15.067 -14.239 1.00 24.15 ? 259 HOH A O   1 
HETATM 1504 O O   . HOH G 7 .   ? -2.858  -13.359 -17.127 1.00 31.12 ? 260 HOH A O   1 
HETATM 1505 O O   . HOH G 7 .   ? -5.462  -11.872 -16.747 1.00 24.46 ? 261 HOH A O   1 
HETATM 1506 O O   . HOH G 7 .   ? 1.668   -11.032 0.366   1.00 20.77 ? 262 HOH A O   1 
HETATM 1507 O O   . HOH G 7 .   ? 15.083  11.080  -0.962  1.00 39.78 ? 263 HOH A O   1 
HETATM 1508 O O   . HOH G 7 .   ? 17.672  12.489  3.490   1.00 44.37 ? 264 HOH A O   1 
HETATM 1509 O O   . HOH G 7 .   ? -0.008  2.404   19.312  1.00 35.74 ? 265 HOH A O   1 
HETATM 1510 O O   . HOH G 7 .   ? 0.627   4.886   19.858  1.00 32.66 ? 266 HOH A O   1 
HETATM 1511 O O   . HOH G 7 .   ? -1.841  16.534  4.532   1.00 20.93 ? 267 HOH A O   1 
HETATM 1512 O O   . HOH G 7 .   ? 14.047  5.676   -13.398 1.00 28.72 ? 268 HOH A O   1 
HETATM 1513 O O   . HOH G 7 .   ? 0.328   -2.698  -18.671 1.00 33.45 ? 269 HOH A O   1 
HETATM 1514 O O   . HOH G 7 .   ? 5.828   3.039   -18.708 1.00 33.10 ? 270 HOH A O   1 
HETATM 1515 O O   . HOH G 7 .   ? -6.645  -2.528  -16.459 1.00 38.24 ? 271 HOH A O   1 
HETATM 1516 O O   . HOH G 7 .   ? 1.103   -14.181 -15.340 1.00 31.08 ? 272 HOH A O   1 
HETATM 1517 O O   . HOH G 7 .   ? -14.080 -10.144 0.702   1.00 39.36 ? 273 HOH A O   1 
HETATM 1518 O O   . HOH G 7 .   ? -15.164 -12.283 -0.100  1.00 40.22 ? 274 HOH A O   1 
HETATM 1519 O O   . HOH G 7 .   ? -13.031 -13.583 2.463   1.00 34.88 ? 275 HOH A O   1 
HETATM 1520 O O   . HOH G 7 .   ? -14.632 1.516   10.522  1.00 28.76 ? 276 HOH A O   1 
HETATM 1521 O O   . HOH G 7 .   ? -13.784 2.797   -5.201  1.00 19.27 ? 277 HOH A O   1 
HETATM 1522 O O   . HOH G 7 .   ? 1.190   11.956  -5.584  1.00 21.24 ? 278 HOH A O   1 
HETATM 1523 O O   . HOH G 7 .   ? -1.056  13.423  -5.182  1.00 26.44 ? 279 HOH A O   1 
HETATM 1524 O O   . HOH G 7 .   ? -6.949  15.139  -4.536  1.00 40.11 ? 280 HOH A O   1 
HETATM 1525 O O   . HOH G 7 .   ? -6.728  11.463  -9.455  1.00 37.38 ? 281 HOH A O   1 
HETATM 1526 O O   . HOH G 7 .   ? -3.508  15.145  -9.003  1.00 37.57 ? 282 HOH A O   1 
HETATM 1527 O O   . HOH G 7 .   ? 2.412   18.989  5.456   1.00 37.58 ? 283 HOH A O   1 
HETATM 1528 O O   . HOH G 7 .   ? -4.077  19.385  8.100   1.00 32.46 ? 284 HOH A O   1 
HETATM 1529 O O   . HOH G 7 .   ? -2.531  21.063  7.518   1.00 25.99 ? 285 HOH A O   1 
HETATM 1530 O O   . HOH G 7 .   ? -11.825 -14.823 -1.700  1.00 35.87 ? 286 HOH A O   1 
HETATM 1531 O O   . HOH G 7 .   ? 10.356  -20.150 2.001   1.00 24.10 ? 287 HOH A O   1 
HETATM 1532 O O   . HOH G 7 .   ? 18.668  10.786  1.334   1.00 33.17 ? 288 HOH A O   1 
HETATM 1533 O O   . HOH G 7 .   ? 17.240  11.852  -2.300  1.00 37.95 ? 289 HOH A O   1 
HETATM 1534 O O   . HOH G 7 .   ? -7.373  5.220   19.041  1.00 38.23 ? 290 HOH A O   1 
HETATM 1535 O O   . HOH G 7 .   ? -9.589  5.180   20.516  1.00 36.81 ? 291 HOH A O   1 
HETATM 1536 O O   . HOH G 7 .   ? 4.839   13.144  -5.105  1.00 35.54 ? 292 HOH A O   1 
HETATM 1537 O O   . HOH G 7 .   ? -13.834 -6.413  8.390   1.00 38.00 ? 293 HOH A O   1 
HETATM 1538 O O   . HOH G 7 .   ? -14.874 7.380   -7.486  1.00 36.83 ? 294 HOH A O   1 
HETATM 1539 O O   . HOH G 7 .   ? -3.171  6.652   -13.961 1.00 45.26 ? 295 HOH A O   1 
HETATM 1540 O O   . HOH G 7 .   ? -7.180  0.439   -12.454 1.00 32.80 ? 296 HOH A O   1 
HETATM 1541 O O   . HOH G 7 .   ? -3.364  -17.533 -10.550 1.00 38.57 ? 297 HOH A O   1 
HETATM 1542 O O   . HOH G 7 .   ? 12.294  -14.817 -11.881 1.00 35.58 ? 298 HOH A O   1 
HETATM 1543 O O   . HOH G 7 .   ? 8.212   15.212  5.691   1.00 41.39 ? 299 HOH A O   1 
HETATM 1544 O O   . HOH G 7 .   ? 16.812  14.144  -3.988  1.00 39.14 ? 300 HOH A O   1 
HETATM 1545 O O   . HOH G 7 .   ? 2.305   -1.748  0.864   1.00 25.19 ? 301 HOH A O   1 
HETATM 1546 O O   . HOH G 7 .   ? 8.384   -7.604  -23.149 1.00 36.77 ? 302 HOH A O   1 
HETATM 1547 O O   . HOH G 7 .   ? 1.517   19.672  7.785   1.00 43.34 ? 303 HOH A O   1 
HETATM 1548 O O   . HOH G 7 .   ? -20.071 7.718   -2.067  1.00 38.49 ? 304 HOH A O   1 
HETATM 1549 O O   . HOH G 7 .   ? 6.936   -24.229 -5.400  1.00 29.99 ? 305 HOH A O   1 
HETATM 1550 O O   . HOH G 7 .   ? 4.060   -1.068  2.788   1.00 43.07 ? 306 HOH A O   1 
HETATM 1551 O O   . HOH G 7 .   ? 5.556   -3.286  3.351   1.00 38.40 ? 307 HOH A O   1 
HETATM 1552 O O   . HOH G 7 .   ? 5.172   -2.610  1.092   1.00 21.54 ? 308 HOH A O   1 
# 
loop_
_pdbx_poly_seq_scheme.asym_id 
_pdbx_poly_seq_scheme.entity_id 
_pdbx_poly_seq_scheme.seq_id 
_pdbx_poly_seq_scheme.mon_id 
_pdbx_poly_seq_scheme.ndb_seq_num 
_pdbx_poly_seq_scheme.pdb_seq_num 
_pdbx_poly_seq_scheme.auth_seq_num 
_pdbx_poly_seq_scheme.pdb_mon_id 
_pdbx_poly_seq_scheme.auth_mon_id 
_pdbx_poly_seq_scheme.pdb_strand_id 
_pdbx_poly_seq_scheme.pdb_ins_code 
_pdbx_poly_seq_scheme.hetero 
A 1 1   MET 1   -20 ?   ?   ?   A . n 
A 1 2   ALA 2   -19 ?   ?   ?   A . n 
A 1 3   HIS 3   -18 ?   ?   ?   A . n 
A 1 4   HIS 4   -17 ?   ?   ?   A . n 
A 1 5   HIS 5   -16 ?   ?   ?   A . n 
A 1 6   HIS 6   -15 ?   ?   ?   A . n 
A 1 7   HIS 7   -14 ?   ?   ?   A . n 
A 1 8   HIS 8   -13 ?   ?   ?   A . n 
A 1 9   MET 9   -12 ?   ?   ?   A . n 
A 1 10  GLY 10  -11 ?   ?   ?   A . n 
A 1 11  THR 11  -10 ?   ?   ?   A . n 
A 1 12  LEU 12  -9  ?   ?   ?   A . n 
A 1 13  GLU 13  -8  ?   ?   ?   A . n 
A 1 14  ALA 14  -7  ?   ?   ?   A . n 
A 1 15  GLN 15  -6  ?   ?   ?   A . n 
A 1 16  THR 16  -5  ?   ?   ?   A . n 
A 1 17  GLN 17  -4  ?   ?   ?   A . n 
A 1 18  GLY 18  -3  ?   ?   ?   A . n 
A 1 19  PRO 19  -2  ?   ?   ?   A . n 
A 1 20  GLY 20  -1  -1  GLY GLY A . n 
A 1 21  SER 21  0   0   SER SER A . n 
A 1 22  MET 22  1   1   MET MET A . n 
A 1 23  VAL 23  2   2   VAL VAL A . n 
A 1 24  VAL 24  3   3   VAL VAL A . n 
A 1 25  ALA 25  4   4   ALA ALA A . n 
A 1 26  VAL 26  5   5   VAL VAL A . n 
A 1 27  TYR 27  6   6   TYR TYR A . n 
A 1 28  PRO 28  7   7   PRO PRO A . n 
A 1 29  GLY 29  8   8   GLY GLY A . n 
A 1 30  THR 30  9   9   THR THR A . n 
A 1 31  PHE 31  10  10  PHE PHE A . n 
A 1 32  ASP 32  11  11  ASP ASP A . n 
A 1 33  PRO 33  12  12  PRO PRO A . n 
A 1 34  LEU 34  13  13  LEU LEU A . n 
A 1 35  THR 35  14  14  THR THR A . n 
A 1 36  ARG 36  15  15  ARG ARG A . n 
A 1 37  GLY 37  16  16  GLY GLY A . n 
A 1 38  HIS 38  17  17  HIS HIS A . n 
A 1 39  GLU 39  18  18  GLU GLU A . n 
A 1 40  ASP 40  19  19  ASP ASP A . n 
A 1 41  LEU 41  20  20  LEU LEU A . n 
A 1 42  VAL 42  21  21  VAL VAL A . n 
A 1 43  ARG 43  22  22  ARG ARG A . n 
A 1 44  ARG 44  23  23  ARG ARG A . n 
A 1 45  ALA 45  24  24  ALA ALA A . n 
A 1 46  SER 46  25  25  SER SER A . n 
A 1 47  SER 47  26  26  SER SER A . n 
A 1 48  ILE 48  27  27  ILE ILE A . n 
A 1 49  PHE 49  28  28  PHE PHE A . n 
A 1 50  ASP 50  29  29  ASP ASP A . n 
A 1 51  THR 51  30  30  THR THR A . n 
A 1 52  LEU 52  31  31  LEU LEU A . n 
A 1 53  VAL 53  32  32  VAL VAL A . n 
A 1 54  VAL 54  33  33  VAL VAL A . n 
A 1 55  GLY 55  34  34  GLY GLY A . n 
A 1 56  VAL 56  35  35  VAL VAL A . n 
A 1 57  ALA 57  36  36  ALA ALA A . n 
A 1 58  ASP 58  37  37  ASP ASP A . n 
A 1 59  SER 59  38  38  SER SER A . n 
A 1 60  ARG 60  39  39  ARG ARG A . n 
A 1 61  ALA 61  40  40  ALA ALA A . n 
A 1 62  LYS 62  41  41  LYS LYS A . n 
A 1 63  LYS 63  42  42  LYS LYS A . n 
A 1 64  PRO 64  43  43  PRO PRO A . n 
A 1 65  PHE 65  44  44  PHE PHE A . n 
A 1 66  PHE 66  45  45  PHE PHE A . n 
A 1 67  SER 67  46  46  SER SER A . n 
A 1 68  LEU 68  47  47  LEU LEU A . n 
A 1 69  GLU 69  48  48  GLU GLU A . n 
A 1 70  GLU 70  49  49  GLU GLU A . n 
A 1 71  ARG 71  50  50  ARG ARG A . n 
A 1 72  LEU 72  51  51  LEU LEU A . n 
A 1 73  LYS 73  52  52  LYS LYS A . n 
A 1 74  ILE 74  53  53  ILE ILE A . n 
A 1 75  ALA 75  54  54  ALA ALA A . n 
A 1 76  ASN 76  55  55  ASN ASN A . n 
A 1 77  GLU 77  56  56  GLU GLU A . n 
A 1 78  VAL 78  57  57  VAL VAL A . n 
A 1 79  LEU 79  58  58  LEU LEU A . n 
A 1 80  GLY 80  59  59  GLY GLY A . n 
A 1 81  HIS 81  60  60  HIS HIS A . n 
A 1 82  TYR 82  61  61  TYR TYR A . n 
A 1 83  PRO 83  62  62  PRO PRO A . n 
A 1 84  ASN 84  63  63  ASN ASN A . n 
A 1 85  VAL 85  64  64  VAL VAL A . n 
A 1 86  LYS 86  65  65  LYS LYS A . n 
A 1 87  VAL 87  66  66  VAL VAL A . n 
A 1 88  MET 88  67  67  MET MET A . n 
A 1 89  GLY 89  68  68  GLY GLY A . n 
A 1 90  PHE 90  69  69  PHE PHE A . n 
A 1 91  THR 91  70  70  THR THR A . n 
A 1 92  GLY 92  71  71  GLY GLY A . n 
A 1 93  LEU 93  72  72  LEU LEU A . n 
A 1 94  LEU 94  73  73  LEU LEU A . n 
A 1 95  LYS 95  74  74  LYS LYS A . n 
A 1 96  ASP 96  75  75  ASP ASP A . n 
A 1 97  PHE 97  76  76  PHE PHE A . n 
A 1 98  VAL 98  77  77  VAL VAL A . n 
A 1 99  ARG 99  78  78  ARG ARG A . n 
A 1 100 ALA 100 79  79  ALA ALA A . n 
A 1 101 ASN 101 80  80  ASN ASN A . n 
A 1 102 ASP 102 81  81  ASP ASP A . n 
A 1 103 ALA 103 82  82  ALA ALA A . n 
A 1 104 ARG 104 83  83  ARG ARG A . n 
A 1 105 VAL 105 84  84  VAL VAL A . n 
A 1 106 ILE 106 85  85  ILE ILE A . n 
A 1 107 VAL 107 86  86  VAL VAL A . n 
A 1 108 ARG 108 87  87  ARG ARG A . n 
A 1 109 GLY 109 88  88  GLY GLY A . n 
A 1 110 LEU 110 89  89  LEU LEU A . n 
A 1 111 ARG 111 90  90  ARG ARG A . n 
A 1 112 ALA 112 91  91  ALA ALA A . n 
A 1 113 VAL 113 92  92  VAL VAL A . n 
A 1 114 SER 114 93  93  SER SER A . n 
A 1 115 ASP 115 94  94  ASP ASP A . n 
A 1 116 PHE 116 95  95  PHE PHE A . n 
A 1 117 GLU 117 96  96  GLU GLU A . n 
A 1 118 TYR 118 97  97  TYR TYR A . n 
A 1 119 GLU 119 98  98  GLU GLU A . n 
A 1 120 PHE 120 99  99  PHE PHE A . n 
A 1 121 GLN 121 100 100 GLN GLN A . n 
A 1 122 MET 122 101 101 MET MET A . n 
A 1 123 ALA 123 102 102 ALA ALA A . n 
A 1 124 GLY 124 103 103 GLY GLY A . n 
A 1 125 MET 125 104 104 MET MET A . n 
A 1 126 ASN 126 105 105 ASN ASN A . n 
A 1 127 ARG 127 106 106 ARG ARG A . n 
A 1 128 TYR 128 107 107 TYR TYR A . n 
A 1 129 LEU 129 108 108 LEU LEU A . n 
A 1 130 LEU 130 109 109 LEU LEU A . n 
A 1 131 PRO 131 110 110 PRO PRO A . n 
A 1 132 ASP 132 111 111 ASP ASP A . n 
A 1 133 VAL 133 112 112 VAL VAL A . n 
A 1 134 GLU 134 113 113 GLU GLU A . n 
A 1 135 THR 135 114 114 THR THR A . n 
A 1 136 MET 136 115 115 MET MET A . n 
A 1 137 PHE 137 116 116 PHE PHE A . n 
A 1 138 MET 138 117 117 MET MET A . n 
A 1 139 THR 139 118 118 THR THR A . n 
A 1 140 PRO 140 119 119 PRO PRO A . n 
A 1 141 SER 141 120 120 SER SER A . n 
A 1 142 ASP 142 121 121 ASP ASP A . n 
A 1 143 GLN 143 122 122 GLN GLN A . n 
A 1 144 TYR 144 123 123 TYR TYR A . n 
A 1 145 GLN 145 124 124 GLN GLN A . n 
A 1 146 PHE 146 125 125 PHE PHE A . n 
A 1 147 ILE 147 126 126 ILE ILE A . n 
A 1 148 SER 148 127 127 SER SER A . n 
A 1 149 GLY 149 128 128 GLY GLY A . n 
A 1 150 THR 150 129 129 THR THR A . n 
A 1 151 ILE 151 130 130 ILE ILE A . n 
A 1 152 VAL 152 131 131 VAL VAL A . n 
A 1 153 ARG 153 132 132 ARG ARG A . n 
A 1 154 GLU 154 133 133 GLU GLU A . n 
A 1 155 ILE 155 134 134 ILE ILE A . n 
A 1 156 ALA 156 135 135 ALA ALA A . n 
A 1 157 GLN 157 136 136 GLN GLN A . n 
A 1 158 LEU 158 137 137 LEU LEU A . n 
A 1 159 GLY 159 138 138 GLY GLY A . n 
A 1 160 GLY 160 139 139 GLY GLY A . n 
A 1 161 ASP 161 140 140 ASP ASP A . n 
A 1 162 VAL 162 141 141 VAL VAL A . n 
A 1 163 SER 163 142 142 SER SER A . n 
A 1 164 LYS 164 143 143 LYS LYS A . n 
A 1 165 PHE 165 144 144 PHE PHE A . n 
A 1 166 VAL 166 145 145 VAL VAL A . n 
A 1 167 PHE 167 146 146 PHE PHE A . n 
A 1 168 PRO 168 147 147 PRO PRO A . n 
A 1 169 SER 169 148 148 SER SER A . n 
A 1 170 VAL 170 149 149 VAL VAL A . n 
A 1 171 GLU 171 150 150 GLU GLU A . n 
A 1 172 LYS 172 151 151 LYS LYS A . n 
A 1 173 TRP 173 152 152 TRP TRP A . n 
A 1 174 LEU 174 153 153 LEU LEU A . n 
A 1 175 THR 175 154 154 THR THR A . n 
A 1 176 GLU 176 155 155 GLU GLU A . n 
A 1 177 LYS 177 156 156 LYS LYS A . n 
A 1 178 VAL 178 157 157 VAL VAL A . n 
A 1 179 ALA 179 158 158 ALA ALA A . n 
A 1 180 ALA 180 159 159 ALA ALA A . n 
A 1 181 MET 181 160 160 MET MET A . n 
A 1 182 ALA 182 161 161 ALA ALA A . n 
A 1 183 GLN 183 162 ?   ?   ?   A . n 
A 1 184 GLY 184 163 ?   ?   ?   A . n 
A 1 185 PRO 185 164 ?   ?   ?   A . n 
A 1 186 SER 186 165 ?   ?   ?   A . n 
A 1 187 ALA 187 166 ?   ?   ?   A . n 
# 
_pdbx_SG_project.id                    1 
_pdbx_SG_project.project_name          ? 
_pdbx_SG_project.full_name_of_center   'Seattle Structural Genomics Center for Infectious Disease' 
_pdbx_SG_project.initial_of_center     SSGCID 
# 
loop_
_pdbx_nonpoly_scheme.asym_id 
_pdbx_nonpoly_scheme.entity_id 
_pdbx_nonpoly_scheme.mon_id 
_pdbx_nonpoly_scheme.ndb_seq_num 
_pdbx_nonpoly_scheme.pdb_seq_num 
_pdbx_nonpoly_scheme.auth_seq_num 
_pdbx_nonpoly_scheme.pdb_mon_id 
_pdbx_nonpoly_scheme.auth_mon_id 
_pdbx_nonpoly_scheme.pdb_strand_id 
_pdbx_nonpoly_scheme.pdb_ins_code 
B 2 4PS 1   167 167 4PS 4PS A . 
C 3 ADE 1   168 168 ADE ADE A . 
D 4 PG4 1   169 169 PG4 PG4 A . 
E 5 ACT 1   170 170 ACT ACT A . 
F 6 SO4 1   171 171 SO4 SO4 A . 
G 7 HOH 1   172 172 HOH HOH A . 
G 7 HOH 2   173 173 HOH HOH A . 
G 7 HOH 3   174 174 HOH HOH A . 
G 7 HOH 4   175 175 HOH HOH A . 
G 7 HOH 5   176 176 HOH HOH A . 
G 7 HOH 6   177 177 HOH HOH A . 
G 7 HOH 7   178 178 HOH HOH A . 
G 7 HOH 8   179 179 HOH HOH A . 
G 7 HOH 9   180 180 HOH HOH A . 
G 7 HOH 10  181 181 HOH HOH A . 
G 7 HOH 11  182 182 HOH HOH A . 
G 7 HOH 12  183 183 HOH HOH A . 
G 7 HOH 13  184 184 HOH HOH A . 
G 7 HOH 14  185 185 HOH HOH A . 
G 7 HOH 15  186 186 HOH HOH A . 
G 7 HOH 16  187 187 HOH HOH A . 
G 7 HOH 17  188 188 HOH HOH A . 
G 7 HOH 18  189 189 HOH HOH A . 
G 7 HOH 19  190 190 HOH HOH A . 
G 7 HOH 20  191 191 HOH HOH A . 
G 7 HOH 21  192 192 HOH HOH A . 
G 7 HOH 22  193 193 HOH HOH A . 
G 7 HOH 23  194 194 HOH HOH A . 
G 7 HOH 24  195 195 HOH HOH A . 
G 7 HOH 25  196 196 HOH HOH A . 
G 7 HOH 26  197 197 HOH HOH A . 
G 7 HOH 27  198 198 HOH HOH A . 
G 7 HOH 28  199 199 HOH HOH A . 
G 7 HOH 29  200 200 HOH HOH A . 
G 7 HOH 30  201 201 HOH HOH A . 
G 7 HOH 31  202 202 HOH HOH A . 
G 7 HOH 32  203 203 HOH HOH A . 
G 7 HOH 33  204 204 HOH HOH A . 
G 7 HOH 34  205 205 HOH HOH A . 
G 7 HOH 35  206 206 HOH HOH A . 
G 7 HOH 36  207 207 HOH HOH A . 
G 7 HOH 37  208 208 HOH HOH A . 
G 7 HOH 38  209 209 HOH HOH A . 
G 7 HOH 39  210 210 HOH HOH A . 
G 7 HOH 40  211 211 HOH HOH A . 
G 7 HOH 41  212 212 HOH HOH A . 
G 7 HOH 42  213 213 HOH HOH A . 
G 7 HOH 43  214 214 HOH HOH A . 
G 7 HOH 44  215 215 HOH HOH A . 
G 7 HOH 45  216 216 HOH HOH A . 
G 7 HOH 46  217 217 HOH HOH A . 
G 7 HOH 47  218 218 HOH HOH A . 
G 7 HOH 48  219 219 HOH HOH A . 
G 7 HOH 49  220 220 HOH HOH A . 
G 7 HOH 50  221 221 HOH HOH A . 
G 7 HOH 51  222 222 HOH HOH A . 
G 7 HOH 52  223 223 HOH HOH A . 
G 7 HOH 53  224 224 HOH HOH A . 
G 7 HOH 54  225 225 HOH HOH A . 
G 7 HOH 55  226 226 HOH HOH A . 
G 7 HOH 56  227 227 HOH HOH A . 
G 7 HOH 57  228 228 HOH HOH A . 
G 7 HOH 58  229 229 HOH HOH A . 
G 7 HOH 59  230 230 HOH HOH A . 
G 7 HOH 60  231 231 HOH HOH A . 
G 7 HOH 61  232 232 HOH HOH A . 
G 7 HOH 62  233 233 HOH HOH A . 
G 7 HOH 63  234 234 HOH HOH A . 
G 7 HOH 64  235 235 HOH HOH A . 
G 7 HOH 65  236 236 HOH HOH A . 
G 7 HOH 66  237 237 HOH HOH A . 
G 7 HOH 67  238 238 HOH HOH A . 
G 7 HOH 68  239 239 HOH HOH A . 
G 7 HOH 69  240 240 HOH HOH A . 
G 7 HOH 70  241 241 HOH HOH A . 
G 7 HOH 71  242 242 HOH HOH A . 
G 7 HOH 72  243 243 HOH HOH A . 
G 7 HOH 73  244 244 HOH HOH A . 
G 7 HOH 74  245 245 HOH HOH A . 
G 7 HOH 75  246 246 HOH HOH A . 
G 7 HOH 76  247 247 HOH HOH A . 
G 7 HOH 77  248 248 HOH HOH A . 
G 7 HOH 78  249 249 HOH HOH A . 
G 7 HOH 79  250 250 HOH HOH A . 
G 7 HOH 80  251 251 HOH HOH A . 
G 7 HOH 81  252 252 HOH HOH A . 
G 7 HOH 82  253 253 HOH HOH A . 
G 7 HOH 83  254 254 HOH HOH A . 
G 7 HOH 84  255 255 HOH HOH A . 
G 7 HOH 85  256 256 HOH HOH A . 
G 7 HOH 86  257 257 HOH HOH A . 
G 7 HOH 87  258 258 HOH HOH A . 
G 7 HOH 88  259 259 HOH HOH A . 
G 7 HOH 89  260 260 HOH HOH A . 
G 7 HOH 90  261 261 HOH HOH A . 
G 7 HOH 91  262 262 HOH HOH A . 
G 7 HOH 92  263 263 HOH HOH A . 
G 7 HOH 93  264 264 HOH HOH A . 
G 7 HOH 94  265 265 HOH HOH A . 
G 7 HOH 95  266 266 HOH HOH A . 
G 7 HOH 96  267 267 HOH HOH A . 
G 7 HOH 97  268 268 HOH HOH A . 
G 7 HOH 98  269 269 HOH HOH A . 
G 7 HOH 99  270 270 HOH HOH A . 
G 7 HOH 100 271 271 HOH HOH A . 
G 7 HOH 101 272 272 HOH HOH A . 
G 7 HOH 102 273 273 HOH HOH A . 
G 7 HOH 103 274 274 HOH HOH A . 
G 7 HOH 104 275 275 HOH HOH A . 
G 7 HOH 105 276 276 HOH HOH A . 
G 7 HOH 106 277 277 HOH HOH A . 
G 7 HOH 107 278 278 HOH HOH A . 
G 7 HOH 108 279 279 HOH HOH A . 
G 7 HOH 109 280 280 HOH HOH A . 
G 7 HOH 110 281 281 HOH HOH A . 
G 7 HOH 111 282 282 HOH HOH A . 
G 7 HOH 112 283 283 HOH HOH A . 
G 7 HOH 113 284 284 HOH HOH A . 
G 7 HOH 114 285 285 HOH HOH A . 
G 7 HOH 115 286 286 HOH HOH A . 
G 7 HOH 116 287 287 HOH HOH A . 
G 7 HOH 117 288 288 HOH HOH A . 
G 7 HOH 118 289 289 HOH HOH A . 
G 7 HOH 119 290 290 HOH HOH A . 
G 7 HOH 120 291 291 HOH HOH A . 
G 7 HOH 121 292 292 HOH HOH A . 
G 7 HOH 122 293 293 HOH HOH A . 
G 7 HOH 123 294 294 HOH HOH A . 
G 7 HOH 124 295 295 HOH HOH A . 
G 7 HOH 125 296 296 HOH HOH A . 
G 7 HOH 126 297 297 HOH HOH A . 
G 7 HOH 127 298 298 HOH HOH A . 
G 7 HOH 128 299 299 HOH HOH A . 
G 7 HOH 129 300 300 HOH HOH A . 
G 7 HOH 130 301 301 HOH HOH A . 
G 7 HOH 131 302 302 HOH HOH A . 
G 7 HOH 132 303 303 HOH HOH A . 
G 7 HOH 133 304 304 HOH HOH A . 
G 7 HOH 134 305 305 HOH HOH A . 
G 7 HOH 135 306 306 HOH HOH A . 
G 7 HOH 136 307 307 HOH HOH A . 
G 7 HOH 137 308 308 HOH HOH A . 
# 
_pdbx_struct_assembly.id                   1 
_pdbx_struct_assembly.details              software_defined_assembly 
_pdbx_struct_assembly.method_details       PISA 
_pdbx_struct_assembly.oligomeric_details   hexameric 
_pdbx_struct_assembly.oligomeric_count     6 
# 
_pdbx_struct_assembly_gen.assembly_id       1 
_pdbx_struct_assembly_gen.oper_expression   1,2,3,4,5,6 
_pdbx_struct_assembly_gen.asym_id_list      A,B,C,D,E,F,G 
# 
loop_
_pdbx_struct_assembly_prop.biol_id 
_pdbx_struct_assembly_prop.type 
_pdbx_struct_assembly_prop.value 
_pdbx_struct_assembly_prop.details 
1 'ABSA (A^2)' 24420 ? 
1 MORE         -163  ? 
1 'SSA (A^2)'  34090 ? 
# 
loop_
_pdbx_struct_oper_list.id 
_pdbx_struct_oper_list.type 
_pdbx_struct_oper_list.name 
_pdbx_struct_oper_list.symmetry_operation 
_pdbx_struct_oper_list.matrix[1][1] 
_pdbx_struct_oper_list.matrix[1][2] 
_pdbx_struct_oper_list.matrix[1][3] 
_pdbx_struct_oper_list.vector[1] 
_pdbx_struct_oper_list.matrix[2][1] 
_pdbx_struct_oper_list.matrix[2][2] 
_pdbx_struct_oper_list.matrix[2][3] 
_pdbx_struct_oper_list.vector[2] 
_pdbx_struct_oper_list.matrix[3][1] 
_pdbx_struct_oper_list.matrix[3][2] 
_pdbx_struct_oper_list.matrix[3][3] 
_pdbx_struct_oper_list.vector[3] 
1 'identity operation'         1_555  x,y,z                1.0000000000  0.0000000000  0.0000000000  0.0000000000  0.0000000000  1.0000000000  0.0000000000  0.0000000000   0.0000000000  0.0000000000  1.0000000000  0.0000000000  
2 'crystal symmetry operation' 6_555  z,-x,-y              0.9664219982  0.1917497088  -0.1710572143 4.4832999657  -0.0547358194 -0.4967995560 -0.8661375129 2.6076036209   -0.2510627640 0.8464173027  -0.4696224422 31.9958732085 
3 'crystal symmetry operation' 12_555 -y,-z,x              0.9664219982  -0.0547358194 -0.2510627640 3.8429419731  0.1917497088  -0.4967995560 0.8464173027  -26.6460758408 -0.1710572143 -0.8661375129 -0.4696224422 18.0514242342 
4 'crystal symmetry operation' 37_454 y-1/2,x+1/2,-z-1/2   -0.9810602390 -0.1792541418 0.0734081751  31.2596052808 -0.1792541418 0.6965392166  -0.6947669195 10.9841355769  0.0734081751  -0.6947669195 -0.7154789776 18.7567984069 
5 'crystal symmetry operation' 42_454 -x-1/2,z+1/2,y-1/2   -0.9567366335 -0.0369306875 0.2886020416  28.7425528594 -0.0369306875 -0.9684750450 -0.2463578930 -10.2328905936 0.2886020416  -0.2463578930 0.9252116786  -5.6181421098 
6 'crystal symmetry operation' 48_454 -z-1/2,-y+1/2,-x-1/2 -0.9950471239 0.0791709399  0.0601097616  33.5909892787 0.0791709399  0.2655349405  0.9608450227  -20.8062968869 0.0601097616  0.9608450227  -0.2704878166 24.6362992377 
# 
loop_
_pdbx_audit_revision_history.ordinal 
_pdbx_audit_revision_history.data_content_type 
_pdbx_audit_revision_history.major_revision 
_pdbx_audit_revision_history.minor_revision 
_pdbx_audit_revision_history.revision_date 
1 'Structure model' 1 0 2009-11-03 
2 'Structure model' 1 1 2011-07-13 
3 'Structure model' 1 2 2011-09-21 
4 'Structure model' 1 3 2013-10-30 
5 'Structure model' 1 4 2017-11-01 
6 'Structure model' 1 5 2023-09-06 
# 
_pdbx_audit_revision_details.ordinal             1 
_pdbx_audit_revision_details.revision_ordinal    1 
_pdbx_audit_revision_details.data_content_type   'Structure model' 
_pdbx_audit_revision_details.provider            repository 
_pdbx_audit_revision_details.type                'Initial release' 
_pdbx_audit_revision_details.description         ? 
_pdbx_audit_revision_details.details             ? 
# 
loop_
_pdbx_audit_revision_group.ordinal 
_pdbx_audit_revision_group.revision_ordinal 
_pdbx_audit_revision_group.data_content_type 
_pdbx_audit_revision_group.group 
1  2 'Structure model' Advisory                    
2  2 'Structure model' 'Refinement description'    
3  2 'Structure model' 'Source and taxonomy'       
4  2 'Structure model' 'Version format compliance' 
5  3 'Structure model' 'Database references'       
6  4 'Structure model' 'Database references'       
7  5 'Structure model' 'Refinement description'    
8  6 'Structure model' 'Data collection'           
9  6 'Structure model' 'Database references'       
10 6 'Structure model' 'Derived calculations'      
11 6 'Structure model' 'Refinement description'    
# 
loop_
_pdbx_audit_revision_category.ordinal 
_pdbx_audit_revision_category.revision_ordinal 
_pdbx_audit_revision_category.data_content_type 
_pdbx_audit_revision_category.category 
1 5 'Structure model' software                      
2 6 'Structure model' chem_comp_atom                
3 6 'Structure model' chem_comp_bond                
4 6 'Structure model' database_2                    
5 6 'Structure model' pdbx_initial_refinement_model 
6 6 'Structure model' struct_ref_seq_dif            
7 6 'Structure model' struct_site                   
# 
loop_
_pdbx_audit_revision_item.ordinal 
_pdbx_audit_revision_item.revision_ordinal 
_pdbx_audit_revision_item.data_content_type 
_pdbx_audit_revision_item.item 
1 6 'Structure model' '_database_2.pdbx_DOI'                
2 6 'Structure model' '_database_2.pdbx_database_accession' 
3 6 'Structure model' '_struct_ref_seq_dif.details'         
4 6 'Structure model' '_struct_site.pdbx_auth_asym_id'      
5 6 'Structure model' '_struct_site.pdbx_auth_comp_id'      
6 6 'Structure model' '_struct_site.pdbx_auth_seq_id'       
# 
_pdbx_refine_tls.pdbx_refine_id   'X-RAY DIFFRACTION' 
_pdbx_refine_tls.id               1 
_pdbx_refine_tls.details          ? 
_pdbx_refine_tls.method           refined 
_pdbx_refine_tls.origin_x         -0.0294 
_pdbx_refine_tls.origin_y         -0.1065 
_pdbx_refine_tls.origin_z         -0.1935 
_pdbx_refine_tls.T[1][1]          0.0146 
_pdbx_refine_tls.T[2][2]          0.0253 
_pdbx_refine_tls.T[3][3]          0.0244 
_pdbx_refine_tls.T[1][2]          -0.0017 
_pdbx_refine_tls.T[1][3]          -0.0091 
_pdbx_refine_tls.T[2][3]          -0.0113 
_pdbx_refine_tls.L[1][1]          0.5040 
_pdbx_refine_tls.L[2][2]          0.7040 
_pdbx_refine_tls.L[3][3]          0.6728 
_pdbx_refine_tls.L[1][2]          -0.1005 
_pdbx_refine_tls.L[1][3]          -0.0927 
_pdbx_refine_tls.L[2][3]          0.2312 
_pdbx_refine_tls.S[1][1]          -0.0060 
_pdbx_refine_tls.S[2][2]          -0.0258 
_pdbx_refine_tls.S[3][3]          0.0318 
_pdbx_refine_tls.S[1][2]          0.0363 
_pdbx_refine_tls.S[1][3]          0.0499 
_pdbx_refine_tls.S[2][3]          0.0360 
_pdbx_refine_tls.S[2][1]          0.0092 
_pdbx_refine_tls.S[3][1]          0.0082 
_pdbx_refine_tls.S[3][2]          -0.0142 
# 
loop_
_pdbx_refine_tls_group.pdbx_refine_id 
_pdbx_refine_tls_group.id 
_pdbx_refine_tls_group.refine_tls_id 
_pdbx_refine_tls_group.beg_auth_asym_id 
_pdbx_refine_tls_group.beg_auth_seq_id 
_pdbx_refine_tls_group.end_auth_asym_id 
_pdbx_refine_tls_group.end_auth_seq_id 
_pdbx_refine_tls_group.selection_details 
_pdbx_refine_tls_group.beg_label_asym_id 
_pdbx_refine_tls_group.beg_label_seq_id 
_pdbx_refine_tls_group.end_label_asym_id 
_pdbx_refine_tls_group.end_label_seq_id 
_pdbx_refine_tls_group.selection 
'X-RAY DIFFRACTION' 1 1 A -1  A 161 ? . . . . ? 
'X-RAY DIFFRACTION' 2 1 A 167 A 171 ? . . . . ? 
'X-RAY DIFFRACTION' 3 1 A 172 A 308 ? . . . . ? 
# 
_phasing.method   MR 
# 
loop_
_software.pdbx_ordinal 
_software.name 
_software.version 
_software.date 
_software.type 
_software.contact_author 
_software.contact_author_email 
_software.classification 
_software.location 
_software.language 
_software.citation_id 
1 DENZO       .     ?               package 'Zbyszek Otwinowski' hkl@hkl-xray.com       'data reduction'  http://www.hkl-xray.com/ 
?          ? 
2 SCALEPACK   .     ?               package 'Zbyszek Otwinowski' hkl@hkl-xray.com       'data scaling'    http://www.hkl-xray.com/ 
?          ? 
3 MOLREP      .     ?               program 'Alexei Vaguine'     alexei@ysbl.york.ac.uk phasing           
http://www.ccp4.ac.uk/dist/html/molrep.html  Fortran_77 ? 
4 REFMAC      .     ?               program 'Garib N. Murshudov' garib@ysbl.york.ac.uk  refinement        
http://www.ccp4.ac.uk/dist/html/refmac5.html Fortran_77 ? 
5 PDB_EXTRACT 3.005 'June 11, 2008' package PDB                  help@deposit.rcsb.org  'data extraction' 
http://sw-tools.pdb.org/apps/PDB_EXTRACT/    C++        ? 
6 HKL-2000    .     ?               ?       ?                    ?                      'data reduction'  ? ?          ? 
7 HKL-2000    .     ?               ?       ?                    ?                      'data scaling'    ? ?          ? 
# 
_pdbx_entry_details.entry_id                 3K9W 
_pdbx_entry_details.nonpolymer_details       
;THE COD/COA IN THE STRUCTURE APPEARS TO BE HYDROLYZED ACCORDING TO THE ELECTRON DENSITY WITH DIFFRACTION LIMITS OF 1.6 ANGSTROM. ONE COMPONENT IS 4'-DIPHOSPHO PANTETHEINE DENOTED AS 4PS IN THE COORDINATES. THE OTHER COMPONENTS ARE DEFINED AS ADENINE (ADE), SULFATE (SO4) AND THREE WATERS, WHICH FITS WELL INTO THE ELECTRON DENSITY MAP. THIS MODEL BEST REPRESENTS WHAT IS OBSERVED IN THE CRYSTAL.
;
_pdbx_entry_details.sequence_details         ? 
_pdbx_entry_details.compound_details         ? 
_pdbx_entry_details.source_details           ? 
_pdbx_entry_details.has_ligand_of_interest   ? 
# 
_pdbx_validate_torsion.id              1 
_pdbx_validate_torsion.PDB_model_num   1 
_pdbx_validate_torsion.auth_comp_id    ASP 
_pdbx_validate_torsion.auth_asym_id    A 
_pdbx_validate_torsion.auth_seq_id     11 
_pdbx_validate_torsion.PDB_ins_code    ? 
_pdbx_validate_torsion.label_alt_id    ? 
_pdbx_validate_torsion.phi             -116.24 
_pdbx_validate_torsion.psi             69.75 
# 
loop_
_pdbx_unobs_or_zero_occ_atoms.id 
_pdbx_unobs_or_zero_occ_atoms.PDB_model_num 
_pdbx_unobs_or_zero_occ_atoms.polymer_flag 
_pdbx_unobs_or_zero_occ_atoms.occupancy_flag 
_pdbx_unobs_or_zero_occ_atoms.auth_asym_id 
_pdbx_unobs_or_zero_occ_atoms.auth_comp_id 
_pdbx_unobs_or_zero_occ_atoms.auth_seq_id 
_pdbx_unobs_or_zero_occ_atoms.PDB_ins_code 
_pdbx_unobs_or_zero_occ_atoms.auth_atom_id 
_pdbx_unobs_or_zero_occ_atoms.label_alt_id 
_pdbx_unobs_or_zero_occ_atoms.label_asym_id 
_pdbx_unobs_or_zero_occ_atoms.label_comp_id 
_pdbx_unobs_or_zero_occ_atoms.label_seq_id 
_pdbx_unobs_or_zero_occ_atoms.label_atom_id 
1 1 Y 1 A LYS 143 ? CG ? A LYS 164 CG 
2 1 Y 1 A LYS 143 ? CD ? A LYS 164 CD 
3 1 Y 1 A LYS 143 ? CE ? A LYS 164 CE 
4 1 Y 1 A LYS 143 ? NZ ? A LYS 164 NZ 
5 1 N 1 A PG4 169 ? O1 ? D PG4 1   O1 
6 1 N 1 A PG4 169 ? C1 ? D PG4 1   C1 
7 1 N 1 A PG4 169 ? C2 ? D PG4 1   C2 
# 
loop_
_pdbx_unobs_or_zero_occ_residues.id 
_pdbx_unobs_or_zero_occ_residues.PDB_model_num 
_pdbx_unobs_or_zero_occ_residues.polymer_flag 
_pdbx_unobs_or_zero_occ_residues.occupancy_flag 
_pdbx_unobs_or_zero_occ_residues.auth_asym_id 
_pdbx_unobs_or_zero_occ_residues.auth_comp_id 
_pdbx_unobs_or_zero_occ_residues.auth_seq_id 
_pdbx_unobs_or_zero_occ_residues.PDB_ins_code 
_pdbx_unobs_or_zero_occ_residues.label_asym_id 
_pdbx_unobs_or_zero_occ_residues.label_comp_id 
_pdbx_unobs_or_zero_occ_residues.label_seq_id 
1  1 Y 1 A MET -20 ? A MET 1   
2  1 Y 1 A ALA -19 ? A ALA 2   
3  1 Y 1 A HIS -18 ? A HIS 3   
4  1 Y 1 A HIS -17 ? A HIS 4   
5  1 Y 1 A HIS -16 ? A HIS 5   
6  1 Y 1 A HIS -15 ? A HIS 6   
7  1 Y 1 A HIS -14 ? A HIS 7   
8  1 Y 1 A HIS -13 ? A HIS 8   
9  1 Y 1 A MET -12 ? A MET 9   
10 1 Y 1 A GLY -11 ? A GLY 10  
11 1 Y 1 A THR -10 ? A THR 11  
12 1 Y 1 A LEU -9  ? A LEU 12  
13 1 Y 1 A GLU -8  ? A GLU 13  
14 1 Y 1 A ALA -7  ? A ALA 14  
15 1 Y 1 A GLN -6  ? A GLN 15  
16 1 Y 1 A THR -5  ? A THR 16  
17 1 Y 1 A GLN -4  ? A GLN 17  
18 1 Y 1 A GLY -3  ? A GLY 18  
19 1 Y 1 A PRO -2  ? A PRO 19  
20 1 Y 1 A GLN 162 ? A GLN 183 
21 1 Y 1 A GLY 163 ? A GLY 184 
22 1 Y 1 A PRO 164 ? A PRO 185 
23 1 Y 1 A SER 165 ? A SER 186 
24 1 Y 1 A ALA 166 ? A ALA 187 
# 
loop_
_chem_comp_atom.comp_id 
_chem_comp_atom.atom_id 
_chem_comp_atom.type_symbol 
_chem_comp_atom.pdbx_aromatic_flag 
_chem_comp_atom.pdbx_stereo_config 
_chem_comp_atom.pdbx_ordinal 
4PS O19  O N N 1   
4PS P20  P N N 2   
4PS O21  O N N 3   
4PS O22  O N N 4   
4PS O23  O N N 5   
4PS P24  P N N 6   
4PS O25  O N N 7   
4PS O26  O N N 8   
4PS O27  O N N 9   
4PS C28  C N N 10  
4PS C29  C N N 11  
4PS C30  C N N 12  
4PS C31  C N N 13  
4PS C32  C N R 14  
4PS O33  O N N 15  
4PS C34  C N N 16  
4PS O35  O N N 17  
4PS N36  N N N 18  
4PS C37  C N N 19  
4PS C38  C N N 20  
4PS C39  C N N 21  
4PS O40  O N N 22  
4PS N41  N N N 23  
4PS C42  C N N 24  
4PS C43  C N N 25  
4PS S44  S N N 26  
4PS HO19 H N N 27  
4PS HO22 H N N 28  
4PS HO26 H N N 29  
4PS H28  H N N 30  
4PS H28A H N N 31  
4PS H30  H N N 32  
4PS H30A H N N 33  
4PS H30B H N N 34  
4PS H31  H N N 35  
4PS H31A H N N 36  
4PS H31B H N N 37  
4PS H32  H N N 38  
4PS HO33 H N N 39  
4PS HN36 H N N 40  
4PS H37  H N N 41  
4PS H37A H N N 42  
4PS H38  H N N 43  
4PS H38A H N N 44  
4PS HN41 H N N 45  
4PS H42  H N N 46  
4PS H42A H N N 47  
4PS H43  H N N 48  
4PS H43A H N N 49  
4PS HS44 H N N 50  
ACT C    C N N 51  
ACT O    O N N 52  
ACT OXT  O N N 53  
ACT CH3  C N N 54  
ACT H1   H N N 55  
ACT H2   H N N 56  
ACT H3   H N N 57  
ADE N9   N Y N 58  
ADE C8   C Y N 59  
ADE N7   N Y N 60  
ADE C5   C Y N 61  
ADE C6   C Y N 62  
ADE N6   N N N 63  
ADE N1   N Y N 64  
ADE C2   C Y N 65  
ADE N3   N Y N 66  
ADE C4   C Y N 67  
ADE HN9  H N N 68  
ADE H8   H N N 69  
ADE HN61 H N N 70  
ADE HN62 H N N 71  
ADE H2   H N N 72  
ALA N    N N N 73  
ALA CA   C N S 74  
ALA C    C N N 75  
ALA O    O N N 76  
ALA CB   C N N 77  
ALA OXT  O N N 78  
ALA H    H N N 79  
ALA H2   H N N 80  
ALA HA   H N N 81  
ALA HB1  H N N 82  
ALA HB2  H N N 83  
ALA HB3  H N N 84  
ALA HXT  H N N 85  
ARG N    N N N 86  
ARG CA   C N S 87  
ARG C    C N N 88  
ARG O    O N N 89  
ARG CB   C N N 90  
ARG CG   C N N 91  
ARG CD   C N N 92  
ARG NE   N N N 93  
ARG CZ   C N N 94  
ARG NH1  N N N 95  
ARG NH2  N N N 96  
ARG OXT  O N N 97  
ARG H    H N N 98  
ARG H2   H N N 99  
ARG HA   H N N 100 
ARG HB2  H N N 101 
ARG HB3  H N N 102 
ARG HG2  H N N 103 
ARG HG3  H N N 104 
ARG HD2  H N N 105 
ARG HD3  H N N 106 
ARG HE   H N N 107 
ARG HH11 H N N 108 
ARG HH12 H N N 109 
ARG HH21 H N N 110 
ARG HH22 H N N 111 
ARG HXT  H N N 112 
ASN N    N N N 113 
ASN CA   C N S 114 
ASN C    C N N 115 
ASN O    O N N 116 
ASN CB   C N N 117 
ASN CG   C N N 118 
ASN OD1  O N N 119 
ASN ND2  N N N 120 
ASN OXT  O N N 121 
ASN H    H N N 122 
ASN H2   H N N 123 
ASN HA   H N N 124 
ASN HB2  H N N 125 
ASN HB3  H N N 126 
ASN HD21 H N N 127 
ASN HD22 H N N 128 
ASN HXT  H N N 129 
ASP N    N N N 130 
ASP CA   C N S 131 
ASP C    C N N 132 
ASP O    O N N 133 
ASP CB   C N N 134 
ASP CG   C N N 135 
ASP OD1  O N N 136 
ASP OD2  O N N 137 
ASP OXT  O N N 138 
ASP H    H N N 139 
ASP H2   H N N 140 
ASP HA   H N N 141 
ASP HB2  H N N 142 
ASP HB3  H N N 143 
ASP HD2  H N N 144 
ASP HXT  H N N 145 
GLN N    N N N 146 
GLN CA   C N S 147 
GLN C    C N N 148 
GLN O    O N N 149 
GLN CB   C N N 150 
GLN CG   C N N 151 
GLN CD   C N N 152 
GLN OE1  O N N 153 
GLN NE2  N N N 154 
GLN OXT  O N N 155 
GLN H    H N N 156 
GLN H2   H N N 157 
GLN HA   H N N 158 
GLN HB2  H N N 159 
GLN HB3  H N N 160 
GLN HG2  H N N 161 
GLN HG3  H N N 162 
GLN HE21 H N N 163 
GLN HE22 H N N 164 
GLN HXT  H N N 165 
GLU N    N N N 166 
GLU CA   C N S 167 
GLU C    C N N 168 
GLU O    O N N 169 
GLU CB   C N N 170 
GLU CG   C N N 171 
GLU CD   C N N 172 
GLU OE1  O N N 173 
GLU OE2  O N N 174 
GLU OXT  O N N 175 
GLU H    H N N 176 
GLU H2   H N N 177 
GLU HA   H N N 178 
GLU HB2  H N N 179 
GLU HB3  H N N 180 
GLU HG2  H N N 181 
GLU HG3  H N N 182 
GLU HE2  H N N 183 
GLU HXT  H N N 184 
GLY N    N N N 185 
GLY CA   C N N 186 
GLY C    C N N 187 
GLY O    O N N 188 
GLY OXT  O N N 189 
GLY H    H N N 190 
GLY H2   H N N 191 
GLY HA2  H N N 192 
GLY HA3  H N N 193 
GLY HXT  H N N 194 
HIS N    N N N 195 
HIS CA   C N S 196 
HIS C    C N N 197 
HIS O    O N N 198 
HIS CB   C N N 199 
HIS CG   C Y N 200 
HIS ND1  N Y N 201 
HIS CD2  C Y N 202 
HIS CE1  C Y N 203 
HIS NE2  N Y N 204 
HIS OXT  O N N 205 
HIS H    H N N 206 
HIS H2   H N N 207 
HIS HA   H N N 208 
HIS HB2  H N N 209 
HIS HB3  H N N 210 
HIS HD1  H N N 211 
HIS HD2  H N N 212 
HIS HE1  H N N 213 
HIS HE2  H N N 214 
HIS HXT  H N N 215 
HOH O    O N N 216 
HOH H1   H N N 217 
HOH H2   H N N 218 
ILE N    N N N 219 
ILE CA   C N S 220 
ILE C    C N N 221 
ILE O    O N N 222 
ILE CB   C N S 223 
ILE CG1  C N N 224 
ILE CG2  C N N 225 
ILE CD1  C N N 226 
ILE OXT  O N N 227 
ILE H    H N N 228 
ILE H2   H N N 229 
ILE HA   H N N 230 
ILE HB   H N N 231 
ILE HG12 H N N 232 
ILE HG13 H N N 233 
ILE HG21 H N N 234 
ILE HG22 H N N 235 
ILE HG23 H N N 236 
ILE HD11 H N N 237 
ILE HD12 H N N 238 
ILE HD13 H N N 239 
ILE HXT  H N N 240 
LEU N    N N N 241 
LEU CA   C N S 242 
LEU C    C N N 243 
LEU O    O N N 244 
LEU CB   C N N 245 
LEU CG   C N N 246 
LEU CD1  C N N 247 
LEU CD2  C N N 248 
LEU OXT  O N N 249 
LEU H    H N N 250 
LEU H2   H N N 251 
LEU HA   H N N 252 
LEU HB2  H N N 253 
LEU HB3  H N N 254 
LEU HG   H N N 255 
LEU HD11 H N N 256 
LEU HD12 H N N 257 
LEU HD13 H N N 258 
LEU HD21 H N N 259 
LEU HD22 H N N 260 
LEU HD23 H N N 261 
LEU HXT  H N N 262 
LYS N    N N N 263 
LYS CA   C N S 264 
LYS C    C N N 265 
LYS O    O N N 266 
LYS CB   C N N 267 
LYS CG   C N N 268 
LYS CD   C N N 269 
LYS CE   C N N 270 
LYS NZ   N N N 271 
LYS OXT  O N N 272 
LYS H    H N N 273 
LYS H2   H N N 274 
LYS HA   H N N 275 
LYS HB2  H N N 276 
LYS HB3  H N N 277 
LYS HG2  H N N 278 
LYS HG3  H N N 279 
LYS HD2  H N N 280 
LYS HD3  H N N 281 
LYS HE2  H N N 282 
LYS HE3  H N N 283 
LYS HZ1  H N N 284 
LYS HZ2  H N N 285 
LYS HZ3  H N N 286 
LYS HXT  H N N 287 
MET N    N N N 288 
MET CA   C N S 289 
MET C    C N N 290 
MET O    O N N 291 
MET CB   C N N 292 
MET CG   C N N 293 
MET SD   S N N 294 
MET CE   C N N 295 
MET OXT  O N N 296 
MET H    H N N 297 
MET H2   H N N 298 
MET HA   H N N 299 
MET HB2  H N N 300 
MET HB3  H N N 301 
MET HG2  H N N 302 
MET HG3  H N N 303 
MET HE1  H N N 304 
MET HE2  H N N 305 
MET HE3  H N N 306 
MET HXT  H N N 307 
PG4 O1   O N N 308 
PG4 C1   C N N 309 
PG4 C2   C N N 310 
PG4 O2   O N N 311 
PG4 C3   C N N 312 
PG4 C4   C N N 313 
PG4 O3   O N N 314 
PG4 C5   C N N 315 
PG4 C6   C N N 316 
PG4 O4   O N N 317 
PG4 C7   C N N 318 
PG4 C8   C N N 319 
PG4 O5   O N N 320 
PG4 HO1  H N N 321 
PG4 H11  H N N 322 
PG4 H12  H N N 323 
PG4 H21  H N N 324 
PG4 H22  H N N 325 
PG4 H31  H N N 326 
PG4 H32  H N N 327 
PG4 H41  H N N 328 
PG4 H42  H N N 329 
PG4 H51  H N N 330 
PG4 H52  H N N 331 
PG4 H61  H N N 332 
PG4 H62  H N N 333 
PG4 H71  H N N 334 
PG4 H72  H N N 335 
PG4 H81  H N N 336 
PG4 H82  H N N 337 
PG4 HO5  H N N 338 
PHE N    N N N 339 
PHE CA   C N S 340 
PHE C    C N N 341 
PHE O    O N N 342 
PHE CB   C N N 343 
PHE CG   C Y N 344 
PHE CD1  C Y N 345 
PHE CD2  C Y N 346 
PHE CE1  C Y N 347 
PHE CE2  C Y N 348 
PHE CZ   C Y N 349 
PHE OXT  O N N 350 
PHE H    H N N 351 
PHE H2   H N N 352 
PHE HA   H N N 353 
PHE HB2  H N N 354 
PHE HB3  H N N 355 
PHE HD1  H N N 356 
PHE HD2  H N N 357 
PHE HE1  H N N 358 
PHE HE2  H N N 359 
PHE HZ   H N N 360 
PHE HXT  H N N 361 
PRO N    N N N 362 
PRO CA   C N S 363 
PRO C    C N N 364 
PRO O    O N N 365 
PRO CB   C N N 366 
PRO CG   C N N 367 
PRO CD   C N N 368 
PRO OXT  O N N 369 
PRO H    H N N 370 
PRO HA   H N N 371 
PRO HB2  H N N 372 
PRO HB3  H N N 373 
PRO HG2  H N N 374 
PRO HG3  H N N 375 
PRO HD2  H N N 376 
PRO HD3  H N N 377 
PRO HXT  H N N 378 
SER N    N N N 379 
SER CA   C N S 380 
SER C    C N N 381 
SER O    O N N 382 
SER CB   C N N 383 
SER OG   O N N 384 
SER OXT  O N N 385 
SER H    H N N 386 
SER H2   H N N 387 
SER HA   H N N 388 
SER HB2  H N N 389 
SER HB3  H N N 390 
SER HG   H N N 391 
SER HXT  H N N 392 
SO4 S    S N N 393 
SO4 O1   O N N 394 
SO4 O2   O N N 395 
SO4 O3   O N N 396 
SO4 O4   O N N 397 
THR N    N N N 398 
THR CA   C N S 399 
THR C    C N N 400 
THR O    O N N 401 
THR CB   C N R 402 
THR OG1  O N N 403 
THR CG2  C N N 404 
THR OXT  O N N 405 
THR H    H N N 406 
THR H2   H N N 407 
THR HA   H N N 408 
THR HB   H N N 409 
THR HG1  H N N 410 
THR HG21 H N N 411 
THR HG22 H N N 412 
THR HG23 H N N 413 
THR HXT  H N N 414 
TRP N    N N N 415 
TRP CA   C N S 416 
TRP C    C N N 417 
TRP O    O N N 418 
TRP CB   C N N 419 
TRP CG   C Y N 420 
TRP CD1  C Y N 421 
TRP CD2  C Y N 422 
TRP NE1  N Y N 423 
TRP CE2  C Y N 424 
TRP CE3  C Y N 425 
TRP CZ2  C Y N 426 
TRP CZ3  C Y N 427 
TRP CH2  C Y N 428 
TRP OXT  O N N 429 
TRP H    H N N 430 
TRP H2   H N N 431 
TRP HA   H N N 432 
TRP HB2  H N N 433 
TRP HB3  H N N 434 
TRP HD1  H N N 435 
TRP HE1  H N N 436 
TRP HE3  H N N 437 
TRP HZ2  H N N 438 
TRP HZ3  H N N 439 
TRP HH2  H N N 440 
TRP HXT  H N N 441 
TYR N    N N N 442 
TYR CA   C N S 443 
TYR C    C N N 444 
TYR O    O N N 445 
TYR CB   C N N 446 
TYR CG   C Y N 447 
TYR CD1  C Y N 448 
TYR CD2  C Y N 449 
TYR CE1  C Y N 450 
TYR CE2  C Y N 451 
TYR CZ   C Y N 452 
TYR OH   O N N 453 
TYR OXT  O N N 454 
TYR H    H N N 455 
TYR H2   H N N 456 
TYR HA   H N N 457 
TYR HB2  H N N 458 
TYR HB3  H N N 459 
TYR HD1  H N N 460 
TYR HD2  H N N 461 
TYR HE1  H N N 462 
TYR HE2  H N N 463 
TYR HH   H N N 464 
TYR HXT  H N N 465 
VAL N    N N N 466 
VAL CA   C N S 467 
VAL C    C N N 468 
VAL O    O N N 469 
VAL CB   C N N 470 
VAL CG1  C N N 471 
VAL CG2  C N N 472 
VAL OXT  O N N 473 
VAL H    H N N 474 
VAL H2   H N N 475 
VAL HA   H N N 476 
VAL HB   H N N 477 
VAL HG11 H N N 478 
VAL HG12 H N N 479 
VAL HG13 H N N 480 
VAL HG21 H N N 481 
VAL HG22 H N N 482 
VAL HG23 H N N 483 
VAL HXT  H N N 484 
# 
loop_
_chem_comp_bond.comp_id 
_chem_comp_bond.atom_id_1 
_chem_comp_bond.atom_id_2 
_chem_comp_bond.value_order 
_chem_comp_bond.pdbx_aromatic_flag 
_chem_comp_bond.pdbx_stereo_config 
_chem_comp_bond.pdbx_ordinal 
4PS O19 P20  sing N N 1   
4PS O19 HO19 sing N N 2   
4PS O21 P20  doub N N 3   
4PS P20 O22  sing N N 4   
4PS P20 O23  sing N N 5   
4PS O22 HO22 sing N N 6   
4PS O23 P24  sing N N 7   
4PS O25 P24  doub N N 8   
4PS P24 O26  sing N N 9   
4PS P24 O27  sing N N 10  
4PS O26 HO26 sing N N 11  
4PS O27 C28  sing N N 12  
4PS C28 C29  sing N N 13  
4PS C28 H28  sing N N 14  
4PS C28 H28A sing N N 15  
4PS C29 C31  sing N N 16  
4PS C29 C32  sing N N 17  
4PS C29 C30  sing N N 18  
4PS C30 H30  sing N N 19  
4PS C30 H30A sing N N 20  
4PS C30 H30B sing N N 21  
4PS C31 H31  sing N N 22  
4PS C31 H31A sing N N 23  
4PS C31 H31B sing N N 24  
4PS O33 C32  sing N N 25  
4PS C32 C34  sing N N 26  
4PS C32 H32  sing N N 27  
4PS O33 HO33 sing N N 28  
4PS C34 O35  doub N N 29  
4PS C34 N36  sing N N 30  
4PS N36 C37  sing N N 31  
4PS N36 HN36 sing N N 32  
4PS C37 C38  sing N N 33  
4PS C37 H37  sing N N 34  
4PS C37 H37A sing N N 35  
4PS C39 C38  sing N N 36  
4PS C38 H38  sing N N 37  
4PS C38 H38A sing N N 38  
4PS N41 C39  sing N N 39  
4PS C39 O40  doub N N 40  
4PS C42 N41  sing N N 41  
4PS N41 HN41 sing N N 42  
4PS C43 C42  sing N N 43  
4PS C42 H42  sing N N 44  
4PS C42 H42A sing N N 45  
4PS S44 C43  sing N N 46  
4PS C43 H43  sing N N 47  
4PS C43 H43A sing N N 48  
4PS S44 HS44 sing N N 49  
ACT C   O    doub N N 50  
ACT C   OXT  sing N N 51  
ACT C   CH3  sing N N 52  
ACT CH3 H1   sing N N 53  
ACT CH3 H2   sing N N 54  
ACT CH3 H3   sing N N 55  
ADE N9  C8   sing Y N 56  
ADE N9  C4   sing Y N 57  
ADE N9  HN9  sing N N 58  
ADE C8  N7   doub Y N 59  
ADE C8  H8   sing N N 60  
ADE N7  C5   sing Y N 61  
ADE C5  C6   sing Y N 62  
ADE C5  C4   doub Y N 63  
ADE C6  N6   sing N N 64  
ADE C6  N1   doub Y N 65  
ADE N6  HN61 sing N N 66  
ADE N6  HN62 sing N N 67  
ADE N1  C2   sing Y N 68  
ADE C2  N3   doub Y N 69  
ADE C2  H2   sing N N 70  
ADE N3  C4   sing Y N 71  
ALA N   CA   sing N N 72  
ALA N   H    sing N N 73  
ALA N   H2   sing N N 74  
ALA CA  C    sing N N 75  
ALA CA  CB   sing N N 76  
ALA CA  HA   sing N N 77  
ALA C   O    doub N N 78  
ALA C   OXT  sing N N 79  
ALA CB  HB1  sing N N 80  
ALA CB  HB2  sing N N 81  
ALA CB  HB3  sing N N 82  
ALA OXT HXT  sing N N 83  
ARG N   CA   sing N N 84  
ARG N   H    sing N N 85  
ARG N   H2   sing N N 86  
ARG CA  C    sing N N 87  
ARG CA  CB   sing N N 88  
ARG CA  HA   sing N N 89  
ARG C   O    doub N N 90  
ARG C   OXT  sing N N 91  
ARG CB  CG   sing N N 92  
ARG CB  HB2  sing N N 93  
ARG CB  HB3  sing N N 94  
ARG CG  CD   sing N N 95  
ARG CG  HG2  sing N N 96  
ARG CG  HG3  sing N N 97  
ARG CD  NE   sing N N 98  
ARG CD  HD2  sing N N 99  
ARG CD  HD3  sing N N 100 
ARG NE  CZ   sing N N 101 
ARG NE  HE   sing N N 102 
ARG CZ  NH1  sing N N 103 
ARG CZ  NH2  doub N N 104 
ARG NH1 HH11 sing N N 105 
ARG NH1 HH12 sing N N 106 
ARG NH2 HH21 sing N N 107 
ARG NH2 HH22 sing N N 108 
ARG OXT HXT  sing N N 109 
ASN N   CA   sing N N 110 
ASN N   H    sing N N 111 
ASN N   H2   sing N N 112 
ASN CA  C    sing N N 113 
ASN CA  CB   sing N N 114 
ASN CA  HA   sing N N 115 
ASN C   O    doub N N 116 
ASN C   OXT  sing N N 117 
ASN CB  CG   sing N N 118 
ASN CB  HB2  sing N N 119 
ASN CB  HB3  sing N N 120 
ASN CG  OD1  doub N N 121 
ASN CG  ND2  sing N N 122 
ASN ND2 HD21 sing N N 123 
ASN ND2 HD22 sing N N 124 
ASN OXT HXT  sing N N 125 
ASP N   CA   sing N N 126 
ASP N   H    sing N N 127 
ASP N   H2   sing N N 128 
ASP CA  C    sing N N 129 
ASP CA  CB   sing N N 130 
ASP CA  HA   sing N N 131 
ASP C   O    doub N N 132 
ASP C   OXT  sing N N 133 
ASP CB  CG   sing N N 134 
ASP CB  HB2  sing N N 135 
ASP CB  HB3  sing N N 136 
ASP CG  OD1  doub N N 137 
ASP CG  OD2  sing N N 138 
ASP OD2 HD2  sing N N 139 
ASP OXT HXT  sing N N 140 
GLN N   CA   sing N N 141 
GLN N   H    sing N N 142 
GLN N   H2   sing N N 143 
GLN CA  C    sing N N 144 
GLN CA  CB   sing N N 145 
GLN CA  HA   sing N N 146 
GLN C   O    doub N N 147 
GLN C   OXT  sing N N 148 
GLN CB  CG   sing N N 149 
GLN CB  HB2  sing N N 150 
GLN CB  HB3  sing N N 151 
GLN CG  CD   sing N N 152 
GLN CG  HG2  sing N N 153 
GLN CG  HG3  sing N N 154 
GLN CD  OE1  doub N N 155 
GLN CD  NE2  sing N N 156 
GLN NE2 HE21 sing N N 157 
GLN NE2 HE22 sing N N 158 
GLN OXT HXT  sing N N 159 
GLU N   CA   sing N N 160 
GLU N   H    sing N N 161 
GLU N   H2   sing N N 162 
GLU CA  C    sing N N 163 
GLU CA  CB   sing N N 164 
GLU CA  HA   sing N N 165 
GLU C   O    doub N N 166 
GLU C   OXT  sing N N 167 
GLU CB  CG   sing N N 168 
GLU CB  HB2  sing N N 169 
GLU CB  HB3  sing N N 170 
GLU CG  CD   sing N N 171 
GLU CG  HG2  sing N N 172 
GLU CG  HG3  sing N N 173 
GLU CD  OE1  doub N N 174 
GLU CD  OE2  sing N N 175 
GLU OE2 HE2  sing N N 176 
GLU OXT HXT  sing N N 177 
GLY N   CA   sing N N 178 
GLY N   H    sing N N 179 
GLY N   H2   sing N N 180 
GLY CA  C    sing N N 181 
GLY CA  HA2  sing N N 182 
GLY CA  HA3  sing N N 183 
GLY C   O    doub N N 184 
GLY C   OXT  sing N N 185 
GLY OXT HXT  sing N N 186 
HIS N   CA   sing N N 187 
HIS N   H    sing N N 188 
HIS N   H2   sing N N 189 
HIS CA  C    sing N N 190 
HIS CA  CB   sing N N 191 
HIS CA  HA   sing N N 192 
HIS C   O    doub N N 193 
HIS C   OXT  sing N N 194 
HIS CB  CG   sing N N 195 
HIS CB  HB2  sing N N 196 
HIS CB  HB3  sing N N 197 
HIS CG  ND1  sing Y N 198 
HIS CG  CD2  doub Y N 199 
HIS ND1 CE1  doub Y N 200 
HIS ND1 HD1  sing N N 201 
HIS CD2 NE2  sing Y N 202 
HIS CD2 HD2  sing N N 203 
HIS CE1 NE2  sing Y N 204 
HIS CE1 HE1  sing N N 205 
HIS NE2 HE2  sing N N 206 
HIS OXT HXT  sing N N 207 
HOH O   H1   sing N N 208 
HOH O   H2   sing N N 209 
ILE N   CA   sing N N 210 
ILE N   H    sing N N 211 
ILE N   H2   sing N N 212 
ILE CA  C    sing N N 213 
ILE CA  CB   sing N N 214 
ILE CA  HA   sing N N 215 
ILE C   O    doub N N 216 
ILE C   OXT  sing N N 217 
ILE CB  CG1  sing N N 218 
ILE CB  CG2  sing N N 219 
ILE CB  HB   sing N N 220 
ILE CG1 CD1  sing N N 221 
ILE CG1 HG12 sing N N 222 
ILE CG1 HG13 sing N N 223 
ILE CG2 HG21 sing N N 224 
ILE CG2 HG22 sing N N 225 
ILE CG2 HG23 sing N N 226 
ILE CD1 HD11 sing N N 227 
ILE CD1 HD12 sing N N 228 
ILE CD1 HD13 sing N N 229 
ILE OXT HXT  sing N N 230 
LEU N   CA   sing N N 231 
LEU N   H    sing N N 232 
LEU N   H2   sing N N 233 
LEU CA  C    sing N N 234 
LEU CA  CB   sing N N 235 
LEU CA  HA   sing N N 236 
LEU C   O    doub N N 237 
LEU C   OXT  sing N N 238 
LEU CB  CG   sing N N 239 
LEU CB  HB2  sing N N 240 
LEU CB  HB3  sing N N 241 
LEU CG  CD1  sing N N 242 
LEU CG  CD2  sing N N 243 
LEU CG  HG   sing N N 244 
LEU CD1 HD11 sing N N 245 
LEU CD1 HD12 sing N N 246 
LEU CD1 HD13 sing N N 247 
LEU CD2 HD21 sing N N 248 
LEU CD2 HD22 sing N N 249 
LEU CD2 HD23 sing N N 250 
LEU OXT HXT  sing N N 251 
LYS N   CA   sing N N 252 
LYS N   H    sing N N 253 
LYS N   H2   sing N N 254 
LYS CA  C    sing N N 255 
LYS CA  CB   sing N N 256 
LYS CA  HA   sing N N 257 
LYS C   O    doub N N 258 
LYS C   OXT  sing N N 259 
LYS CB  CG   sing N N 260 
LYS CB  HB2  sing N N 261 
LYS CB  HB3  sing N N 262 
LYS CG  CD   sing N N 263 
LYS CG  HG2  sing N N 264 
LYS CG  HG3  sing N N 265 
LYS CD  CE   sing N N 266 
LYS CD  HD2  sing N N 267 
LYS CD  HD3  sing N N 268 
LYS CE  NZ   sing N N 269 
LYS CE  HE2  sing N N 270 
LYS CE  HE3  sing N N 271 
LYS NZ  HZ1  sing N N 272 
LYS NZ  HZ2  sing N N 273 
LYS NZ  HZ3  sing N N 274 
LYS OXT HXT  sing N N 275 
MET N   CA   sing N N 276 
MET N   H    sing N N 277 
MET N   H2   sing N N 278 
MET CA  C    sing N N 279 
MET CA  CB   sing N N 280 
MET CA  HA   sing N N 281 
MET C   O    doub N N 282 
MET C   OXT  sing N N 283 
MET CB  CG   sing N N 284 
MET CB  HB2  sing N N 285 
MET CB  HB3  sing N N 286 
MET CG  SD   sing N N 287 
MET CG  HG2  sing N N 288 
MET CG  HG3  sing N N 289 
MET SD  CE   sing N N 290 
MET CE  HE1  sing N N 291 
MET CE  HE2  sing N N 292 
MET CE  HE3  sing N N 293 
MET OXT HXT  sing N N 294 
PG4 O1  C1   sing N N 295 
PG4 O1  HO1  sing N N 296 
PG4 C1  C2   sing N N 297 
PG4 C1  H11  sing N N 298 
PG4 C1  H12  sing N N 299 
PG4 C2  O2   sing N N 300 
PG4 C2  H21  sing N N 301 
PG4 C2  H22  sing N N 302 
PG4 O2  C3   sing N N 303 
PG4 C3  C4   sing N N 304 
PG4 C3  H31  sing N N 305 
PG4 C3  H32  sing N N 306 
PG4 C4  O3   sing N N 307 
PG4 C4  H41  sing N N 308 
PG4 C4  H42  sing N N 309 
PG4 O3  C5   sing N N 310 
PG4 C5  C6   sing N N 311 
PG4 C5  H51  sing N N 312 
PG4 C5  H52  sing N N 313 
PG4 C6  O4   sing N N 314 
PG4 C6  H61  sing N N 315 
PG4 C6  H62  sing N N 316 
PG4 O4  C7   sing N N 317 
PG4 C7  C8   sing N N 318 
PG4 C7  H71  sing N N 319 
PG4 C7  H72  sing N N 320 
PG4 C8  O5   sing N N 321 
PG4 C8  H81  sing N N 322 
PG4 C8  H82  sing N N 323 
PG4 O5  HO5  sing N N 324 
PHE N   CA   sing N N 325 
PHE N   H    sing N N 326 
PHE N   H2   sing N N 327 
PHE CA  C    sing N N 328 
PHE CA  CB   sing N N 329 
PHE CA  HA   sing N N 330 
PHE C   O    doub N N 331 
PHE C   OXT  sing N N 332 
PHE CB  CG   sing N N 333 
PHE CB  HB2  sing N N 334 
PHE CB  HB3  sing N N 335 
PHE CG  CD1  doub Y N 336 
PHE CG  CD2  sing Y N 337 
PHE CD1 CE1  sing Y N 338 
PHE CD1 HD1  sing N N 339 
PHE CD2 CE2  doub Y N 340 
PHE CD2 HD2  sing N N 341 
PHE CE1 CZ   doub Y N 342 
PHE CE1 HE1  sing N N 343 
PHE CE2 CZ   sing Y N 344 
PHE CE2 HE2  sing N N 345 
PHE CZ  HZ   sing N N 346 
PHE OXT HXT  sing N N 347 
PRO N   CA   sing N N 348 
PRO N   CD   sing N N 349 
PRO N   H    sing N N 350 
PRO CA  C    sing N N 351 
PRO CA  CB   sing N N 352 
PRO CA  HA   sing N N 353 
PRO C   O    doub N N 354 
PRO C   OXT  sing N N 355 
PRO CB  CG   sing N N 356 
PRO CB  HB2  sing N N 357 
PRO CB  HB3  sing N N 358 
PRO CG  CD   sing N N 359 
PRO CG  HG2  sing N N 360 
PRO CG  HG3  sing N N 361 
PRO CD  HD2  sing N N 362 
PRO CD  HD3  sing N N 363 
PRO OXT HXT  sing N N 364 
SER N   CA   sing N N 365 
SER N   H    sing N N 366 
SER N   H2   sing N N 367 
SER CA  C    sing N N 368 
SER CA  CB   sing N N 369 
SER CA  HA   sing N N 370 
SER C   O    doub N N 371 
SER C   OXT  sing N N 372 
SER CB  OG   sing N N 373 
SER CB  HB2  sing N N 374 
SER CB  HB3  sing N N 375 
SER OG  HG   sing N N 376 
SER OXT HXT  sing N N 377 
SO4 S   O1   doub N N 378 
SO4 S   O2   doub N N 379 
SO4 S   O3   sing N N 380 
SO4 S   O4   sing N N 381 
THR N   CA   sing N N 382 
THR N   H    sing N N 383 
THR N   H2   sing N N 384 
THR CA  C    sing N N 385 
THR CA  CB   sing N N 386 
THR CA  HA   sing N N 387 
THR C   O    doub N N 388 
THR C   OXT  sing N N 389 
THR CB  OG1  sing N N 390 
THR CB  CG2  sing N N 391 
THR CB  HB   sing N N 392 
THR OG1 HG1  sing N N 393 
THR CG2 HG21 sing N N 394 
THR CG2 HG22 sing N N 395 
THR CG2 HG23 sing N N 396 
THR OXT HXT  sing N N 397 
TRP N   CA   sing N N 398 
TRP N   H    sing N N 399 
TRP N   H2   sing N N 400 
TRP CA  C    sing N N 401 
TRP CA  CB   sing N N 402 
TRP CA  HA   sing N N 403 
TRP C   O    doub N N 404 
TRP C   OXT  sing N N 405 
TRP CB  CG   sing N N 406 
TRP CB  HB2  sing N N 407 
TRP CB  HB3  sing N N 408 
TRP CG  CD1  doub Y N 409 
TRP CG  CD2  sing Y N 410 
TRP CD1 NE1  sing Y N 411 
TRP CD1 HD1  sing N N 412 
TRP CD2 CE2  doub Y N 413 
TRP CD2 CE3  sing Y N 414 
TRP NE1 CE2  sing Y N 415 
TRP NE1 HE1  sing N N 416 
TRP CE2 CZ2  sing Y N 417 
TRP CE3 CZ3  doub Y N 418 
TRP CE3 HE3  sing N N 419 
TRP CZ2 CH2  doub Y N 420 
TRP CZ2 HZ2  sing N N 421 
TRP CZ3 CH2  sing Y N 422 
TRP CZ3 HZ3  sing N N 423 
TRP CH2 HH2  sing N N 424 
TRP OXT HXT  sing N N 425 
TYR N   CA   sing N N 426 
TYR N   H    sing N N 427 
TYR N   H2   sing N N 428 
TYR CA  C    sing N N 429 
TYR CA  CB   sing N N 430 
TYR CA  HA   sing N N 431 
TYR C   O    doub N N 432 
TYR C   OXT  sing N N 433 
TYR CB  CG   sing N N 434 
TYR CB  HB2  sing N N 435 
TYR CB  HB3  sing N N 436 
TYR CG  CD1  doub Y N 437 
TYR CG  CD2  sing Y N 438 
TYR CD1 CE1  sing Y N 439 
TYR CD1 HD1  sing N N 440 
TYR CD2 CE2  doub Y N 441 
TYR CD2 HD2  sing N N 442 
TYR CE1 CZ   doub Y N 443 
TYR CE1 HE1  sing N N 444 
TYR CE2 CZ   sing Y N 445 
TYR CE2 HE2  sing N N 446 
TYR CZ  OH   sing N N 447 
TYR OH  HH   sing N N 448 
TYR OXT HXT  sing N N 449 
VAL N   CA   sing N N 450 
VAL N   H    sing N N 451 
VAL N   H2   sing N N 452 
VAL CA  C    sing N N 453 
VAL CA  CB   sing N N 454 
VAL CA  HA   sing N N 455 
VAL C   O    doub N N 456 
VAL C   OXT  sing N N 457 
VAL CB  CG1  sing N N 458 
VAL CB  CG2  sing N N 459 
VAL CB  HB   sing N N 460 
VAL CG1 HG11 sing N N 461 
VAL CG1 HG12 sing N N 462 
VAL CG1 HG13 sing N N 463 
VAL CG2 HG21 sing N N 464 
VAL CG2 HG22 sing N N 465 
VAL CG2 HG23 sing N N 466 
VAL OXT HXT  sing N N 467 
# 
loop_
_pdbx_entity_nonpoly.entity_id 
_pdbx_entity_nonpoly.name 
_pdbx_entity_nonpoly.comp_id 
2 
;4'-diphospho pantetheine
;
4PS 
3 ADENINE                    ADE 
4 'TETRAETHYLENE GLYCOL'     PG4 
5 'ACETATE ION'              ACT 
6 'SULFATE ION'              SO4 
7 water                      HOH 
# 
_pdbx_initial_refinement_model.id               1 
_pdbx_initial_refinement_model.entity_id_list   ? 
_pdbx_initial_refinement_model.type             'experimental model' 
_pdbx_initial_refinement_model.source_name      PDB 
_pdbx_initial_refinement_model.accession_code   3IKZ 
_pdbx_initial_refinement_model.details          ? 
# 
